data_1AVY
# 
_entry.id   1AVY 
# 
_audit_conform.dict_name       mmcif_pdbx.dic 
_audit_conform.dict_version    5.392 
_audit_conform.dict_location   http://mmcif.pdb.org/dictionaries/ascii/mmcif_pdbx.dic 
# 
loop_
_database_2.database_id 
_database_2.database_code 
_database_2.pdbx_database_accession 
_database_2.pdbx_DOI 
PDB   1AVY         pdb_00001avy 10.2210/pdb1avy/pdb 
WWPDB D_1000171323 ?            ?                   
# 
loop_
_pdbx_audit_revision_history.ordinal 
_pdbx_audit_revision_history.data_content_type 
_pdbx_audit_revision_history.major_revision 
_pdbx_audit_revision_history.minor_revision 
_pdbx_audit_revision_history.revision_date 
1 'Structure model' 1 0 1997-12-03 
2 'Structure model' 1 1 2008-03-24 
3 'Structure model' 1 2 2011-07-13 
4 'Structure model' 1 3 2011-11-16 
5 'Structure model' 1 4 2021-11-03 
6 'Structure model' 1 5 2023-08-02 
7 'Structure model' 1 6 2024-05-22 
# 
_pdbx_audit_revision_details.ordinal             1 
_pdbx_audit_revision_details.revision_ordinal    1 
_pdbx_audit_revision_details.data_content_type   'Structure model' 
_pdbx_audit_revision_details.provider            repository 
_pdbx_audit_revision_details.type                'Initial release' 
_pdbx_audit_revision_details.description         ? 
_pdbx_audit_revision_details.details             ? 
# 
loop_
_pdbx_audit_revision_group.ordinal 
_pdbx_audit_revision_group.revision_ordinal 
_pdbx_audit_revision_group.data_content_type 
_pdbx_audit_revision_group.group 
1 2 'Structure model' 'Version format compliance' 
2 3 'Structure model' 'Version format compliance' 
3 4 'Structure model' 'Atomic model'              
4 5 'Structure model' 'Database references'       
5 5 'Structure model' Other                       
6 6 'Structure model' 'Refinement description'    
7 7 'Structure model' 'Data collection'           
# 
loop_
_pdbx_audit_revision_category.ordinal 
_pdbx_audit_revision_category.revision_ordinal 
_pdbx_audit_revision_category.data_content_type 
_pdbx_audit_revision_category.category 
1 5 'Structure model' database_2                    
2 5 'Structure model' pdbx_database_status          
3 5 'Structure model' struct_ref_seq_dif            
4 6 'Structure model' pdbx_initial_refinement_model 
5 7 'Structure model' chem_comp_atom                
6 7 'Structure model' chem_comp_bond                
# 
loop_
_pdbx_audit_revision_item.ordinal 
_pdbx_audit_revision_item.revision_ordinal 
_pdbx_audit_revision_item.data_content_type 
_pdbx_audit_revision_item.item 
1 5 'Structure model' '_database_2.pdbx_DOI'                
2 5 'Structure model' '_database_2.pdbx_database_accession' 
3 5 'Structure model' '_pdbx_database_status.process_site'  
4 5 'Structure model' '_struct_ref_seq_dif.details'         
# 
_pdbx_database_status.status_code                     REL 
_pdbx_database_status.entry_id                        1AVY 
_pdbx_database_status.recvd_initial_deposition_date   1997-09-22 
_pdbx_database_status.deposit_site                    ? 
_pdbx_database_status.process_site                    BNL 
_pdbx_database_status.status_code_sf                  REL 
_pdbx_database_status.status_code_mr                  ? 
_pdbx_database_status.SG_entry                        ? 
_pdbx_database_status.pdb_format_compatible           Y 
_pdbx_database_status.status_code_cs                  ? 
_pdbx_database_status.status_code_nmr_data            ? 
_pdbx_database_status.methods_development_category    ? 
# 
loop_
_audit_author.name 
_audit_author.pdbx_ordinal 
'Strelkov, S.V.'     1 
'Tao, Y.'            2 
'Mesyanzhinov, V.V.' 3 
'Rossmann, M.G.'     4 
# 
loop_
_citation.id 
_citation.title 
_citation.journal_abbrev 
_citation.journal_volume 
_citation.page_first 
_citation.page_last 
_citation.year 
_citation.journal_id_ASTM 
_citation.country 
_citation.journal_id_ISSN 
_citation.journal_id_CSD 
_citation.book_publisher 
_citation.pdbx_database_id_PubMed 
_citation.pdbx_database_id_DOI 
primary 'Structure of bacteriophage T4 fibritin M: a troublesome packing arrangement.'                                     
'Acta Crystallogr.,Sect.D' 54  805 816 1998 ABCRE6 DK 0907-4449 0766 ? 9757094 10.1107/S0907444997018878 
1       'Structure of Bacteriophage T4 Fibritin: A Segmented Coiled Coil and the Role of the C-Terminal Domain'            
Structure                  5   789 ?   1997 STRUE6 UK 0969-2126 2005 ? ?       ?                         
2       'Preliminary Crystallographic Studies of Bacteriophage T4 Fibritin Confirm a Trimeric Coiled-Coil Structure'       
Virology                   219 190 ?   1996 VIRLAX US 0042-6822 0922 ? ?       ?                         
3       'Fibritin Encoded by Bacteriophage T4 Gene Wac Has a Parallel Triple-Stranded Alpha-Helical Coiled-Coil Structure' 
J.Mol.Biol.                242 470 ?   1994 JMOBAK UK 0022-2836 0070 ? ?       ?                         
# 
loop_
_citation_author.citation_id 
_citation_author.name 
_citation_author.ordinal 
_citation_author.identifier_ORCID 
primary 'Strelkov, S.V.'     1  ? 
primary 'Tao, Y.'            2  ? 
primary 'Shneider, M.M.'     3  ? 
primary 'Mesyanzhinov, V.V.' 4  ? 
primary 'Rossmann, M.G.'     5  ? 
1       'Tao, Y.'            6  ? 
1       'Strelkov, S.V.'     7  ? 
1       'Mesyanzhinov, V.V.' 8  ? 
1       'Rossmann, M.G.'     9  ? 
2       'Strelkov, S.V.'     10 ? 
2       'Tao, Y.'            11 ? 
2       'Rossmann, M.G.'     12 ? 
2       'Kurochkina, L.P.'   13 ? 
2       'Shneider, M.M.'     14 ? 
2       'Mesyanzhinov, V.V.' 15 ? 
3       'Efimov, V.P.'       16 ? 
3       'Nepluev, I.V.'      17 ? 
3       'Sobolev, B.N.'      18 ? 
3       'Zurabishvili, T.G.' 19 ? 
3       'Schulthess, T.'     20 ? 
3       'Lustig, A.'         21 ? 
3       'Engel, J.'          22 ? 
3       'Haener, M.'         23 ? 
3       'Aebi, U.'           24 ? 
3       'Venyaminov, S.Yu.'  25 ? 
3       'Potekhin, S.A.'     26 ? 
3       'Mesyanzhinov, V.V.' 27 ? 
# 
loop_
_entity.id 
_entity.type 
_entity.src_method 
_entity.pdbx_description 
_entity.formula_weight 
_entity.pdbx_number_of_molecules 
_entity.pdbx_ec 
_entity.pdbx_mutation 
_entity.pdbx_fragment 
_entity.details 
1 polymer man FIBRITIN 7981.825 3   ? 'R416S, S421K, N425I, N428D, T433R' 'DELETION MUTANT M, RESIDUES 413 - 486 OF THE WILD TYPE' 
? 
2 water   nat water    18.015   277 ? ?                                   ?                                                        
? 
# 
_entity_name_com.entity_id   1 
_entity_name_com.name        'GPWAC M' 
# 
_entity_poly.entity_id                      1 
_entity_poly.type                           'polypeptide(L)' 
_entity_poly.nstd_linkage                   no 
_entity_poly.nstd_monomer                   no 
_entity_poly.pdbx_seq_one_letter_code       VEESGLTNKIKAIETDIASVRQEVNTAKGNISSLQGDVQALQEAGYIPEAPRDGQAYVRKDGEWVLLSTFLSPA 
_entity_poly.pdbx_seq_one_letter_code_can   VEESGLTNKIKAIETDIASVRQEVNTAKGNISSLQGDVQALQEAGYIPEAPRDGQAYVRKDGEWVLLSTFLSPA 
_entity_poly.pdbx_strand_id                 A,B,C 
_entity_poly.pdbx_target_identifier         ? 
# 
_pdbx_entity_nonpoly.entity_id   2 
_pdbx_entity_nonpoly.name        water 
_pdbx_entity_nonpoly.comp_id     HOH 
# 
loop_
_entity_poly_seq.entity_id 
_entity_poly_seq.num 
_entity_poly_seq.mon_id 
_entity_poly_seq.hetero 
1 1  VAL n 
1 2  GLU n 
1 3  GLU n 
1 4  SER n 
1 5  GLY n 
1 6  LEU n 
1 7  THR n 
1 8  ASN n 
1 9  LYS n 
1 10 ILE n 
1 11 LYS n 
1 12 ALA n 
1 13 ILE n 
1 14 GLU n 
1 15 THR n 
1 16 ASP n 
1 17 ILE n 
1 18 ALA n 
1 19 SER n 
1 20 VAL n 
1 21 ARG n 
1 22 GLN n 
1 23 GLU n 
1 24 VAL n 
1 25 ASN n 
1 26 THR n 
1 27 ALA n 
1 28 LYS n 
1 29 GLY n 
1 30 ASN n 
1 31 ILE n 
1 32 SER n 
1 33 SER n 
1 34 LEU n 
1 35 GLN n 
1 36 GLY n 
1 37 ASP n 
1 38 VAL n 
1 39 GLN n 
1 40 ALA n 
1 41 LEU n 
1 42 GLN n 
1 43 GLU n 
1 44 ALA n 
1 45 GLY n 
1 46 TYR n 
1 47 ILE n 
1 48 PRO n 
1 49 GLU n 
1 50 ALA n 
1 51 PRO n 
1 52 ARG n 
1 53 ASP n 
1 54 GLY n 
1 55 GLN n 
1 56 ALA n 
1 57 TYR n 
1 58 VAL n 
1 59 ARG n 
1 60 LYS n 
1 61 ASP n 
1 62 GLY n 
1 63 GLU n 
1 64 TRP n 
1 65 VAL n 
1 66 LEU n 
1 67 LEU n 
1 68 SER n 
1 69 THR n 
1 70 PHE n 
1 71 LEU n 
1 72 SER n 
1 73 PRO n 
1 74 ALA n 
# 
_entity_src_gen.entity_id                          1 
_entity_src_gen.pdbx_src_id                        1 
_entity_src_gen.pdbx_alt_source_flag               sample 
_entity_src_gen.pdbx_seq_type                      ? 
_entity_src_gen.pdbx_beg_seq_num                   ? 
_entity_src_gen.pdbx_end_seq_num                   ? 
_entity_src_gen.gene_src_common_name               ? 
_entity_src_gen.gene_src_genus                     'T4-like viruses' 
_entity_src_gen.pdbx_gene_src_gene                 WAC 
_entity_src_gen.gene_src_species                   'Enterobacteria phage T4 sensu lato' 
_entity_src_gen.gene_src_strain                    ? 
_entity_src_gen.gene_src_tissue                    ? 
_entity_src_gen.gene_src_tissue_fraction           ? 
_entity_src_gen.gene_src_details                   ? 
_entity_src_gen.pdbx_gene_src_fragment             ? 
_entity_src_gen.pdbx_gene_src_scientific_name      'Enterobacteria phage T4' 
_entity_src_gen.pdbx_gene_src_ncbi_taxonomy_id     10665 
_entity_src_gen.pdbx_gene_src_variant              ? 
_entity_src_gen.pdbx_gene_src_cell_line            BL21 
_entity_src_gen.pdbx_gene_src_atcc                 ? 
_entity_src_gen.pdbx_gene_src_organ                ? 
_entity_src_gen.pdbx_gene_src_organelle            ? 
_entity_src_gen.pdbx_gene_src_cell                 ? 
_entity_src_gen.pdbx_gene_src_cellular_location    ? 
_entity_src_gen.host_org_common_name               ? 
_entity_src_gen.pdbx_host_org_scientific_name      'Escherichia coli BL21(DE3)' 
_entity_src_gen.pdbx_host_org_ncbi_taxonomy_id     469008 
_entity_src_gen.host_org_genus                     Escherichia 
_entity_src_gen.pdbx_host_org_gene                 ? 
_entity_src_gen.pdbx_host_org_organ                ? 
_entity_src_gen.host_org_species                   'Escherichia coli' 
_entity_src_gen.pdbx_host_org_tissue               ? 
_entity_src_gen.pdbx_host_org_tissue_fraction      ? 
_entity_src_gen.pdbx_host_org_strain               'BL21 (DE3)' 
_entity_src_gen.pdbx_host_org_variant              ? 
_entity_src_gen.pdbx_host_org_cell_line            ? 
_entity_src_gen.pdbx_host_org_atcc                 ? 
_entity_src_gen.pdbx_host_org_culture_collection   ? 
_entity_src_gen.pdbx_host_org_cell                 ? 
_entity_src_gen.pdbx_host_org_organelle            ? 
_entity_src_gen.pdbx_host_org_cellular_location    ? 
_entity_src_gen.pdbx_host_org_vector_type          PLASMID 
_entity_src_gen.pdbx_host_org_vector               PET19B 
_entity_src_gen.host_org_details                   ? 
_entity_src_gen.expression_system_id               ? 
_entity_src_gen.plasmid_name                       BL21 
_entity_src_gen.plasmid_details                    ? 
_entity_src_gen.pdbx_description                   ? 
# 
loop_
_chem_comp.id 
_chem_comp.type 
_chem_comp.mon_nstd_flag 
_chem_comp.name 
_chem_comp.pdbx_synonyms 
_chem_comp.formula 
_chem_comp.formula_weight 
ALA 'L-peptide linking' y ALANINE         ? 'C3 H7 N O2'     89.093  
ARG 'L-peptide linking' y ARGININE        ? 'C6 H15 N4 O2 1' 175.209 
ASN 'L-peptide linking' y ASPARAGINE      ? 'C4 H8 N2 O3'    132.118 
ASP 'L-peptide linking' y 'ASPARTIC ACID' ? 'C4 H7 N O4'     133.103 
GLN 'L-peptide linking' y GLUTAMINE       ? 'C5 H10 N2 O3'   146.144 
GLU 'L-peptide linking' y 'GLUTAMIC ACID' ? 'C5 H9 N O4'     147.129 
GLY 'peptide linking'   y GLYCINE         ? 'C2 H5 N O2'     75.067  
HOH non-polymer         . WATER           ? 'H2 O'           18.015  
ILE 'L-peptide linking' y ISOLEUCINE      ? 'C6 H13 N O2'    131.173 
LEU 'L-peptide linking' y LEUCINE         ? 'C6 H13 N O2'    131.173 
LYS 'L-peptide linking' y LYSINE          ? 'C6 H15 N2 O2 1' 147.195 
PHE 'L-peptide linking' y PHENYLALANINE   ? 'C9 H11 N O2'    165.189 
PRO 'L-peptide linking' y PROLINE         ? 'C5 H9 N O2'     115.130 
SER 'L-peptide linking' y SERINE          ? 'C3 H7 N O3'     105.093 
THR 'L-peptide linking' y THREONINE       ? 'C4 H9 N O3'     119.119 
TRP 'L-peptide linking' y TRYPTOPHAN      ? 'C11 H12 N2 O2'  204.225 
TYR 'L-peptide linking' y TYROSINE        ? 'C9 H11 N O3'    181.189 
VAL 'L-peptide linking' y VALINE          ? 'C5 H11 N O2'    117.146 
# 
loop_
_pdbx_poly_seq_scheme.asym_id 
_pdbx_poly_seq_scheme.entity_id 
_pdbx_poly_seq_scheme.seq_id 
_pdbx_poly_seq_scheme.mon_id 
_pdbx_poly_seq_scheme.ndb_seq_num 
_pdbx_poly_seq_scheme.pdb_seq_num 
_pdbx_poly_seq_scheme.auth_seq_num 
_pdbx_poly_seq_scheme.pdb_mon_id 
_pdbx_poly_seq_scheme.auth_mon_id 
_pdbx_poly_seq_scheme.pdb_strand_id 
_pdbx_poly_seq_scheme.pdb_ins_code 
_pdbx_poly_seq_scheme.hetero 
A 1 1  VAL 1  413 ?   ?   ?   A . n 
A 1 2  GLU 2  414 ?   ?   ?   A . n 
A 1 3  GLU 3  415 ?   ?   ?   A . n 
A 1 4  SER 4  416 ?   ?   ?   A . n 
A 1 5  GLY 5  417 ?   ?   ?   A . n 
A 1 6  LEU 6  418 ?   ?   ?   A . n 
A 1 7  THR 7  419 419 THR THR A . n 
A 1 8  ASN 8  420 420 ASN ASN A . n 
A 1 9  LYS 9  421 421 LYS LYS A . n 
A 1 10 ILE 10 422 422 ILE ILE A . n 
A 1 11 LYS 11 423 423 LYS LYS A . n 
A 1 12 ALA 12 424 424 ALA ALA A . n 
A 1 13 ILE 13 425 425 ILE ILE A . n 
A 1 14 GLU 14 426 426 GLU GLU A . n 
A 1 15 THR 15 427 427 THR THR A . n 
A 1 16 ASP 16 428 428 ASP ASP A . n 
A 1 17 ILE 17 429 429 ILE ILE A . n 
A 1 18 ALA 18 430 430 ALA ALA A . n 
A 1 19 SER 19 431 431 SER SER A . n 
A 1 20 VAL 20 432 432 VAL VAL A . n 
A 1 21 ARG 21 433 433 ARG ARG A . n 
A 1 22 GLN 22 434 434 GLN GLN A . n 
A 1 23 GLU 23 435 435 GLU GLU A . n 
A 1 24 VAL 24 436 436 VAL VAL A . n 
A 1 25 ASN 25 437 437 ASN ASN A . n 
A 1 26 THR 26 438 438 THR THR A . n 
A 1 27 ALA 27 439 439 ALA ALA A . n 
A 1 28 LYS 28 440 440 LYS LYS A . n 
A 1 29 GLY 29 441 441 GLY GLY A . n 
A 1 30 ASN 30 442 442 ASN ASN A . n 
A 1 31 ILE 31 443 443 ILE ILE A . n 
A 1 32 SER 32 444 444 SER SER A . n 
A 1 33 SER 33 445 445 SER SER A . n 
A 1 34 LEU 34 446 446 LEU LEU A . n 
A 1 35 GLN 35 447 447 GLN GLN A . n 
A 1 36 GLY 36 448 448 GLY GLY A . n 
A 1 37 ASP 37 449 449 ASP ASP A . n 
A 1 38 VAL 38 450 450 VAL VAL A . n 
A 1 39 GLN 39 451 451 GLN GLN A . n 
A 1 40 ALA 40 452 452 ALA ALA A . n 
A 1 41 LEU 41 453 453 LEU LEU A . n 
A 1 42 GLN 42 454 454 GLN GLN A . n 
A 1 43 GLU 43 455 455 GLU GLU A . n 
A 1 44 ALA 44 456 456 ALA ALA A . n 
A 1 45 GLY 45 457 457 GLY GLY A . n 
A 1 46 TYR 46 458 458 TYR TYR A . n 
A 1 47 ILE 47 459 459 ILE ILE A . n 
A 1 48 PRO 48 460 460 PRO PRO A . n 
A 1 49 GLU 49 461 461 GLU GLU A . n 
A 1 50 ALA 50 462 462 ALA ALA A . n 
A 1 51 PRO 51 463 463 PRO PRO A . n 
A 1 52 ARG 52 464 464 ARG ARG A . n 
A 1 53 ASP 53 465 465 ASP ASP A . n 
A 1 54 GLY 54 466 466 GLY GLY A . n 
A 1 55 GLN 55 467 467 GLN GLN A . n 
A 1 56 ALA 56 468 468 ALA ALA A . n 
A 1 57 TYR 57 469 469 TYR TYR A . n 
A 1 58 VAL 58 470 470 VAL VAL A . n 
A 1 59 ARG 59 471 471 ARG ARG A . n 
A 1 60 LYS 60 472 472 LYS LYS A . n 
A 1 61 ASP 61 473 473 ASP ASP A . n 
A 1 62 GLY 62 474 474 GLY GLY A . n 
A 1 63 GLU 63 475 475 GLU GLU A . n 
A 1 64 TRP 64 476 476 TRP TRP A . n 
A 1 65 VAL 65 477 477 VAL VAL A . n 
A 1 66 LEU 66 478 478 LEU LEU A . n 
A 1 67 LEU 67 479 479 LEU LEU A . n 
A 1 68 SER 68 480 480 SER SER A . n 
A 1 69 THR 69 481 481 THR THR A . n 
A 1 70 PHE 70 482 482 PHE PHE A . n 
A 1 71 LEU 71 483 483 LEU LEU A . n 
A 1 72 SER 72 484 484 SER SER A . n 
A 1 73 PRO 73 485 485 PRO PRO A . n 
A 1 74 ALA 74 486 486 ALA ALA A . n 
B 1 1  VAL 1  413 ?   ?   ?   B . n 
B 1 2  GLU 2  414 ?   ?   ?   B . n 
B 1 3  GLU 3  415 ?   ?   ?   B . n 
B 1 4  SER 4  416 ?   ?   ?   B . n 
B 1 5  GLY 5  417 ?   ?   ?   B . n 
B 1 6  LEU 6  418 ?   ?   ?   B . n 
B 1 7  THR 7  419 ?   ?   ?   B . n 
B 1 8  ASN 8  420 ?   ?   ?   B . n 
B 1 9  LYS 9  421 ?   ?   ?   B . n 
B 1 10 ILE 10 422 ?   ?   ?   B . n 
B 1 11 LYS 11 423 ?   ?   ?   B . n 
B 1 12 ALA 12 424 ?   ?   ?   B . n 
B 1 13 ILE 13 425 ?   ?   ?   B . n 
B 1 14 GLU 14 426 ?   ?   ?   B . n 
B 1 15 THR 15 427 ?   ?   ?   B . n 
B 1 16 ASP 16 428 ?   ?   ?   B . n 
B 1 17 ILE 17 429 ?   ?   ?   B . n 
B 1 18 ALA 18 430 ?   ?   ?   B . n 
B 1 19 SER 19 431 ?   ?   ?   B . n 
B 1 20 VAL 20 432 432 VAL VAL B . n 
B 1 21 ARG 21 433 433 ARG ARG B . n 
B 1 22 GLN 22 434 434 GLN GLN B . n 
B 1 23 GLU 23 435 435 GLU GLU B . n 
B 1 24 VAL 24 436 436 VAL VAL B . n 
B 1 25 ASN 25 437 437 ASN ASN B . n 
B 1 26 THR 26 438 438 THR THR B . n 
B 1 27 ALA 27 439 439 ALA ALA B . n 
B 1 28 LYS 28 440 440 LYS LYS B . n 
B 1 29 GLY 29 441 441 GLY GLY B . n 
B 1 30 ASN 30 442 442 ASN ASN B . n 
B 1 31 ILE 31 443 443 ILE ILE B . n 
B 1 32 SER 32 444 444 SER SER B . n 
B 1 33 SER 33 445 445 SER SER B . n 
B 1 34 LEU 34 446 446 LEU LEU B . n 
B 1 35 GLN 35 447 447 GLN GLN B . n 
B 1 36 GLY 36 448 448 GLY GLY B . n 
B 1 37 ASP 37 449 449 ASP ASP B . n 
B 1 38 VAL 38 450 450 VAL VAL B . n 
B 1 39 GLN 39 451 451 GLN GLN B . n 
B 1 40 ALA 40 452 452 ALA ALA B . n 
B 1 41 LEU 41 453 453 LEU LEU B . n 
B 1 42 GLN 42 454 454 GLN GLN B . n 
B 1 43 GLU 43 455 455 GLU GLU B . n 
B 1 44 ALA 44 456 456 ALA ALA B . n 
B 1 45 GLY 45 457 457 GLY GLY B . n 
B 1 46 TYR 46 458 458 TYR TYR B . n 
B 1 47 ILE 47 459 459 ILE ILE B . n 
B 1 48 PRO 48 460 460 PRO PRO B . n 
B 1 49 GLU 49 461 461 GLU GLU B . n 
B 1 50 ALA 50 462 462 ALA ALA B . n 
B 1 51 PRO 51 463 463 PRO PRO B . n 
B 1 52 ARG 52 464 464 ARG ARG B . n 
B 1 53 ASP 53 465 465 ASP ASP B . n 
B 1 54 GLY 54 466 466 GLY GLY B . n 
B 1 55 GLN 55 467 467 GLN GLN B . n 
B 1 56 ALA 56 468 468 ALA ALA B . n 
B 1 57 TYR 57 469 469 TYR TYR B . n 
B 1 58 VAL 58 470 470 VAL VAL B . n 
B 1 59 ARG 59 471 471 ARG ARG B . n 
B 1 60 LYS 60 472 472 LYS LYS B . n 
B 1 61 ASP 61 473 473 ASP ASP B . n 
B 1 62 GLY 62 474 474 GLY GLY B . n 
B 1 63 GLU 63 475 475 GLU GLU B . n 
B 1 64 TRP 64 476 476 TRP TRP B . n 
B 1 65 VAL 65 477 477 VAL VAL B . n 
B 1 66 LEU 66 478 478 LEU LEU B . n 
B 1 67 LEU 67 479 479 LEU LEU B . n 
B 1 68 SER 68 480 480 SER SER B . n 
B 1 69 THR 69 481 481 THR THR B . n 
B 1 70 PHE 70 482 482 PHE PHE B . n 
B 1 71 LEU 71 483 483 LEU LEU B . n 
B 1 72 SER 72 484 484 SER SER B . n 
B 1 73 PRO 73 485 485 PRO PRO B . n 
B 1 74 ALA 74 486 ?   ?   ?   B . n 
C 1 1  VAL 1  413 ?   ?   ?   C . n 
C 1 2  GLU 2  414 ?   ?   ?   C . n 
C 1 3  GLU 3  415 ?   ?   ?   C . n 
C 1 4  SER 4  416 ?   ?   ?   C . n 
C 1 5  GLY 5  417 ?   ?   ?   C . n 
C 1 6  LEU 6  418 418 LEU LEU C . n 
C 1 7  THR 7  419 419 THR THR C . n 
C 1 8  ASN 8  420 420 ASN ASN C . n 
C 1 9  LYS 9  421 421 LYS LYS C . n 
C 1 10 ILE 10 422 422 ILE ILE C . n 
C 1 11 LYS 11 423 423 LYS LYS C . n 
C 1 12 ALA 12 424 424 ALA ALA C . n 
C 1 13 ILE 13 425 425 ILE ILE C . n 
C 1 14 GLU 14 426 426 GLU GLU C . n 
C 1 15 THR 15 427 427 THR THR C . n 
C 1 16 ASP 16 428 428 ASP ASP C . n 
C 1 17 ILE 17 429 429 ILE ILE C . n 
C 1 18 ALA 18 430 430 ALA ALA C . n 
C 1 19 SER 19 431 431 SER SER C . n 
C 1 20 VAL 20 432 432 VAL VAL C . n 
C 1 21 ARG 21 433 433 ARG ARG C . n 
C 1 22 GLN 22 434 434 GLN GLN C . n 
C 1 23 GLU 23 435 435 GLU GLU C . n 
C 1 24 VAL 24 436 436 VAL VAL C . n 
C 1 25 ASN 25 437 437 ASN ASN C . n 
C 1 26 THR 26 438 438 THR THR C . n 
C 1 27 ALA 27 439 439 ALA ALA C . n 
C 1 28 LYS 28 440 440 LYS LYS C . n 
C 1 29 GLY 29 441 441 GLY GLY C . n 
C 1 30 ASN 30 442 442 ASN ASN C . n 
C 1 31 ILE 31 443 443 ILE ILE C . n 
C 1 32 SER 32 444 444 SER SER C . n 
C 1 33 SER 33 445 445 SER SER C . n 
C 1 34 LEU 34 446 446 LEU LEU C . n 
C 1 35 GLN 35 447 447 GLN GLN C . n 
C 1 36 GLY 36 448 448 GLY GLY C . n 
C 1 37 ASP 37 449 449 ASP ASP C . n 
C 1 38 VAL 38 450 450 VAL VAL C . n 
C 1 39 GLN 39 451 451 GLN GLN C . n 
C 1 40 ALA 40 452 452 ALA ALA C . n 
C 1 41 LEU 41 453 453 LEU LEU C . n 
C 1 42 GLN 42 454 454 GLN GLN C . n 
C 1 43 GLU 43 455 455 GLU GLU C . n 
C 1 44 ALA 44 456 456 ALA ALA C . n 
C 1 45 GLY 45 457 457 GLY GLY C . n 
C 1 46 TYR 46 458 458 TYR TYR C . n 
C 1 47 ILE 47 459 459 ILE ILE C . n 
C 1 48 PRO 48 460 460 PRO PRO C . n 
C 1 49 GLU 49 461 461 GLU GLU C . n 
C 1 50 ALA 50 462 462 ALA ALA C . n 
C 1 51 PRO 51 463 463 PRO PRO C . n 
C 1 52 ARG 52 464 464 ARG ARG C . n 
C 1 53 ASP 53 465 465 ASP ASP C . n 
C 1 54 GLY 54 466 466 GLY GLY C . n 
C 1 55 GLN 55 467 467 GLN GLN C . n 
C 1 56 ALA 56 468 468 ALA ALA C . n 
C 1 57 TYR 57 469 469 TYR TYR C . n 
C 1 58 VAL 58 470 470 VAL VAL C . n 
C 1 59 ARG 59 471 471 ARG ARG C . n 
C 1 60 LYS 60 472 472 LYS LYS C . n 
C 1 61 ASP 61 473 473 ASP ASP C . n 
C 1 62 GLY 62 474 474 GLY GLY C . n 
C 1 63 GLU 63 475 475 GLU GLU C . n 
C 1 64 TRP 64 476 476 TRP TRP C . n 
C 1 65 VAL 65 477 477 VAL VAL C . n 
C 1 66 LEU 66 478 478 LEU LEU C . n 
C 1 67 LEU 67 479 479 LEU LEU C . n 
C 1 68 SER 68 480 480 SER SER C . n 
C 1 69 THR 69 481 481 THR THR C . n 
C 1 70 PHE 70 482 482 PHE PHE C . n 
C 1 71 LEU 71 483 483 LEU LEU C . n 
C 1 72 SER 72 484 484 SER SER C . n 
C 1 73 PRO 73 485 485 PRO PRO C . n 
C 1 74 ALA 74 486 ?   ?   ?   C . n 
# 
loop_
_pdbx_nonpoly_scheme.asym_id 
_pdbx_nonpoly_scheme.entity_id 
_pdbx_nonpoly_scheme.mon_id 
_pdbx_nonpoly_scheme.ndb_seq_num 
_pdbx_nonpoly_scheme.pdb_seq_num 
_pdbx_nonpoly_scheme.auth_seq_num 
_pdbx_nonpoly_scheme.pdb_mon_id 
_pdbx_nonpoly_scheme.auth_mon_id 
_pdbx_nonpoly_scheme.pdb_strand_id 
_pdbx_nonpoly_scheme.pdb_ins_code 
D 2 HOH 1   1   1   HOH HOH A . 
D 2 HOH 2   3   3   HOH HOH A . 
D 2 HOH 3   5   5   HOH HOH A . 
D 2 HOH 4   6   6   HOH HOH A . 
D 2 HOH 5   7   7   HOH HOH A . 
D 2 HOH 6   9   9   HOH HOH A . 
D 2 HOH 7   11  11  HOH HOH A . 
D 2 HOH 8   13  13  HOH HOH A . 
D 2 HOH 9   15  15  HOH HOH A . 
D 2 HOH 10  16  16  HOH HOH A . 
D 2 HOH 11  18  18  HOH HOH A . 
D 2 HOH 12  20  20  HOH HOH A . 
D 2 HOH 13  21  21  HOH HOH A . 
D 2 HOH 14  28  28  HOH HOH A . 
D 2 HOH 15  29  29  HOH HOH A . 
D 2 HOH 16  34  34  HOH HOH A . 
D 2 HOH 17  37  37  HOH HOH A . 
D 2 HOH 18  38  38  HOH HOH A . 
D 2 HOH 19  41  41  HOH HOH A . 
D 2 HOH 20  42  42  HOH HOH A . 
D 2 HOH 21  43  43  HOH HOH A . 
D 2 HOH 22  44  44  HOH HOH A . 
D 2 HOH 23  47  47  HOH HOH A . 
D 2 HOH 24  50  50  HOH HOH A . 
D 2 HOH 25  52  52  HOH HOH A . 
D 2 HOH 26  57  57  HOH HOH A . 
D 2 HOH 27  59  59  HOH HOH A . 
D 2 HOH 28  63  63  HOH HOH A . 
D 2 HOH 29  66  66  HOH HOH A . 
D 2 HOH 30  68  68  HOH HOH A . 
D 2 HOH 31  69  69  HOH HOH A . 
D 2 HOH 32  72  72  HOH HOH A . 
D 2 HOH 33  73  73  HOH HOH A . 
D 2 HOH 34  75  75  HOH HOH A . 
D 2 HOH 35  77  77  HOH HOH A . 
D 2 HOH 36  84  84  HOH HOH A . 
D 2 HOH 37  85  85  HOH HOH A . 
D 2 HOH 38  86  86  HOH HOH A . 
D 2 HOH 39  87  87  HOH HOH A . 
D 2 HOH 40  89  89  HOH HOH A . 
D 2 HOH 41  90  90  HOH HOH A . 
D 2 HOH 42  91  91  HOH HOH A . 
D 2 HOH 43  93  93  HOH HOH A . 
D 2 HOH 44  98  98  HOH HOH A . 
D 2 HOH 45  100 100 HOH HOH A . 
D 2 HOH 46  101 101 HOH HOH A . 
D 2 HOH 47  102 102 HOH HOH A . 
D 2 HOH 48  104 104 HOH HOH A . 
D 2 HOH 49  110 110 HOH HOH A . 
D 2 HOH 50  111 111 HOH HOH A . 
D 2 HOH 51  114 114 HOH HOH A . 
D 2 HOH 52  116 116 HOH HOH A . 
D 2 HOH 53  117 117 HOH HOH A . 
D 2 HOH 54  118 118 HOH HOH A . 
D 2 HOH 55  120 120 HOH HOH A . 
D 2 HOH 56  123 123 HOH HOH A . 
D 2 HOH 57  125 125 HOH HOH A . 
D 2 HOH 58  127 127 HOH HOH A . 
D 2 HOH 59  130 130 HOH HOH A . 
D 2 HOH 60  133 133 HOH HOH A . 
D 2 HOH 61  134 134 HOH HOH A . 
D 2 HOH 62  137 137 HOH HOH A . 
D 2 HOH 63  138 138 HOH HOH A . 
D 2 HOH 64  141 141 HOH HOH A . 
D 2 HOH 65  142 142 HOH HOH A . 
D 2 HOH 66  146 146 HOH HOH A . 
D 2 HOH 67  147 147 HOH HOH A . 
D 2 HOH 68  148 148 HOH HOH A . 
D 2 HOH 69  149 149 HOH HOH A . 
D 2 HOH 70  151 151 HOH HOH A . 
D 2 HOH 71  153 153 HOH HOH A . 
D 2 HOH 72  154 154 HOH HOH A . 
D 2 HOH 73  156 156 HOH HOH A . 
D 2 HOH 74  157 157 HOH HOH A . 
D 2 HOH 75  158 158 HOH HOH A . 
D 2 HOH 76  161 161 HOH HOH A . 
D 2 HOH 77  165 165 HOH HOH A . 
D 2 HOH 78  168 168 HOH HOH A . 
D 2 HOH 79  170 170 HOH HOH A . 
D 2 HOH 80  172 172 HOH HOH A . 
D 2 HOH 81  175 175 HOH HOH A . 
D 2 HOH 82  178 178 HOH HOH A . 
D 2 HOH 83  179 179 HOH HOH A . 
D 2 HOH 84  180 180 HOH HOH A . 
D 2 HOH 85  181 181 HOH HOH A . 
D 2 HOH 86  182 182 HOH HOH A . 
D 2 HOH 87  188 188 HOH HOH A . 
D 2 HOH 88  189 189 HOH HOH A . 
D 2 HOH 89  190 190 HOH HOH A . 
D 2 HOH 90  193 193 HOH HOH A . 
D 2 HOH 91  194 194 HOH HOH A . 
D 2 HOH 92  195 195 HOH HOH A . 
D 2 HOH 93  199 199 HOH HOH A . 
D 2 HOH 94  205 205 HOH HOH A . 
D 2 HOH 95  206 206 HOH HOH A . 
D 2 HOH 96  207 207 HOH HOH A . 
D 2 HOH 97  208 208 HOH HOH A . 
D 2 HOH 98  211 211 HOH HOH A . 
D 2 HOH 99  214 214 HOH HOH A . 
D 2 HOH 100 215 215 HOH HOH A . 
D 2 HOH 101 227 227 HOH HOH A . 
D 2 HOH 102 228 228 HOH HOH A . 
D 2 HOH 103 230 230 HOH HOH A . 
D 2 HOH 104 232 232 HOH HOH A . 
D 2 HOH 105 235 235 HOH HOH A . 
D 2 HOH 106 238 238 HOH HOH A . 
D 2 HOH 107 243 243 HOH HOH A . 
D 2 HOH 108 246 246 HOH HOH A . 
D 2 HOH 109 253 253 HOH HOH A . 
D 2 HOH 110 255 255 HOH HOH A . 
D 2 HOH 111 257 257 HOH HOH A . 
D 2 HOH 112 258 258 HOH HOH A . 
D 2 HOH 113 260 260 HOH HOH A . 
D 2 HOH 114 263 263 HOH HOH A . 
D 2 HOH 115 266 266 HOH HOH A . 
D 2 HOH 116 267 267 HOH HOH A . 
D 2 HOH 117 273 273 HOH HOH A . 
D 2 HOH 118 276 276 HOH HOH A . 
E 2 HOH 1   2   2   HOH HOH B . 
E 2 HOH 2   4   4   HOH HOH B . 
E 2 HOH 3   8   8   HOH HOH B . 
E 2 HOH 4   10  10  HOH HOH B . 
E 2 HOH 5   12  12  HOH HOH B . 
E 2 HOH 6   14  14  HOH HOH B . 
E 2 HOH 7   17  17  HOH HOH B . 
E 2 HOH 8   19  19  HOH HOH B . 
E 2 HOH 9   23  23  HOH HOH B . 
E 2 HOH 10  24  24  HOH HOH B . 
E 2 HOH 11  25  25  HOH HOH B . 
E 2 HOH 12  27  27  HOH HOH B . 
E 2 HOH 13  31  31  HOH HOH B . 
E 2 HOH 14  33  33  HOH HOH B . 
E 2 HOH 15  49  49  HOH HOH B . 
E 2 HOH 16  58  58  HOH HOH B . 
E 2 HOH 17  62  62  HOH HOH B . 
E 2 HOH 18  65  65  HOH HOH B . 
E 2 HOH 19  71  71  HOH HOH B . 
E 2 HOH 20  74  74  HOH HOH B . 
E 2 HOH 21  79  79  HOH HOH B . 
E 2 HOH 22  80  80  HOH HOH B . 
E 2 HOH 23  82  82  HOH HOH B . 
E 2 HOH 24  83  83  HOH HOH B . 
E 2 HOH 25  92  92  HOH HOH B . 
E 2 HOH 26  94  94  HOH HOH B . 
E 2 HOH 27  96  96  HOH HOH B . 
E 2 HOH 28  108 108 HOH HOH B . 
E 2 HOH 29  109 109 HOH HOH B . 
E 2 HOH 30  112 112 HOH HOH B . 
E 2 HOH 31  119 119 HOH HOH B . 
E 2 HOH 32  121 121 HOH HOH B . 
E 2 HOH 33  126 126 HOH HOH B . 
E 2 HOH 34  128 128 HOH HOH B . 
E 2 HOH 35  131 131 HOH HOH B . 
E 2 HOH 36  135 135 HOH HOH B . 
E 2 HOH 37  140 140 HOH HOH B . 
E 2 HOH 38  143 143 HOH HOH B . 
E 2 HOH 39  144 144 HOH HOH B . 
E 2 HOH 40  159 159 HOH HOH B . 
E 2 HOH 41  160 160 HOH HOH B . 
E 2 HOH 42  163 163 HOH HOH B . 
E 2 HOH 43  166 166 HOH HOH B . 
E 2 HOH 44  167 167 HOH HOH B . 
E 2 HOH 45  169 169 HOH HOH B . 
E 2 HOH 46  176 176 HOH HOH B . 
E 2 HOH 47  183 183 HOH HOH B . 
E 2 HOH 48  196 196 HOH HOH B . 
E 2 HOH 49  201 201 HOH HOH B . 
E 2 HOH 50  212 212 HOH HOH B . 
E 2 HOH 51  216 216 HOH HOH B . 
E 2 HOH 52  218 218 HOH HOH B . 
E 2 HOH 53  221 221 HOH HOH B . 
E 2 HOH 54  222 222 HOH HOH B . 
E 2 HOH 55  223 223 HOH HOH B . 
E 2 HOH 56  236 236 HOH HOH B . 
E 2 HOH 57  239 239 HOH HOH B . 
E 2 HOH 58  240 240 HOH HOH B . 
E 2 HOH 59  241 241 HOH HOH B . 
E 2 HOH 60  247 247 HOH HOH B . 
E 2 HOH 61  249 249 HOH HOH B . 
E 2 HOH 62  252 252 HOH HOH B . 
E 2 HOH 63  254 254 HOH HOH B . 
E 2 HOH 64  256 256 HOH HOH B . 
E 2 HOH 65  259 259 HOH HOH B . 
E 2 HOH 66  264 264 HOH HOH B . 
E 2 HOH 67  265 265 HOH HOH B . 
E 2 HOH 68  272 272 HOH HOH B . 
E 2 HOH 69  274 274 HOH HOH B . 
E 2 HOH 70  275 275 HOH HOH B . 
F 2 HOH 1   22  22  HOH HOH C . 
F 2 HOH 2   26  26  HOH HOH C . 
F 2 HOH 3   30  30  HOH HOH C . 
F 2 HOH 4   32  32  HOH HOH C . 
F 2 HOH 5   35  35  HOH HOH C . 
F 2 HOH 6   36  36  HOH HOH C . 
F 2 HOH 7   39  39  HOH HOH C . 
F 2 HOH 8   40  40  HOH HOH C . 
F 2 HOH 9   45  45  HOH HOH C . 
F 2 HOH 10  46  46  HOH HOH C . 
F 2 HOH 11  48  48  HOH HOH C . 
F 2 HOH 12  51  51  HOH HOH C . 
F 2 HOH 13  53  53  HOH HOH C . 
F 2 HOH 14  54  54  HOH HOH C . 
F 2 HOH 15  55  55  HOH HOH C . 
F 2 HOH 16  56  56  HOH HOH C . 
F 2 HOH 17  60  60  HOH HOH C . 
F 2 HOH 18  61  61  HOH HOH C . 
F 2 HOH 19  64  64  HOH HOH C . 
F 2 HOH 20  67  67  HOH HOH C . 
F 2 HOH 21  70  70  HOH HOH C . 
F 2 HOH 22  76  76  HOH HOH C . 
F 2 HOH 23  78  78  HOH HOH C . 
F 2 HOH 24  81  81  HOH HOH C . 
F 2 HOH 25  88  88  HOH HOH C . 
F 2 HOH 26  95  95  HOH HOH C . 
F 2 HOH 27  97  97  HOH HOH C . 
F 2 HOH 28  99  99  HOH HOH C . 
F 2 HOH 29  103 103 HOH HOH C . 
F 2 HOH 30  105 105 HOH HOH C . 
F 2 HOH 31  106 106 HOH HOH C . 
F 2 HOH 32  107 107 HOH HOH C . 
F 2 HOH 33  113 113 HOH HOH C . 
F 2 HOH 34  115 115 HOH HOH C . 
F 2 HOH 35  122 122 HOH HOH C . 
F 2 HOH 36  124 124 HOH HOH C . 
F 2 HOH 37  129 129 HOH HOH C . 
F 2 HOH 38  132 132 HOH HOH C . 
F 2 HOH 39  136 136 HOH HOH C . 
F 2 HOH 40  139 139 HOH HOH C . 
F 2 HOH 41  145 145 HOH HOH C . 
F 2 HOH 42  150 150 HOH HOH C . 
F 2 HOH 43  152 152 HOH HOH C . 
F 2 HOH 44  155 155 HOH HOH C . 
F 2 HOH 45  162 162 HOH HOH C . 
F 2 HOH 46  164 164 HOH HOH C . 
F 2 HOH 47  171 171 HOH HOH C . 
F 2 HOH 48  173 173 HOH HOH C . 
F 2 HOH 49  174 174 HOH HOH C . 
F 2 HOH 50  177 177 HOH HOH C . 
F 2 HOH 51  184 184 HOH HOH C . 
F 2 HOH 52  185 185 HOH HOH C . 
F 2 HOH 53  186 186 HOH HOH C . 
F 2 HOH 54  187 187 HOH HOH C . 
F 2 HOH 55  191 191 HOH HOH C . 
F 2 HOH 56  192 192 HOH HOH C . 
F 2 HOH 57  197 197 HOH HOH C . 
F 2 HOH 58  198 198 HOH HOH C . 
F 2 HOH 59  200 200 HOH HOH C . 
F 2 HOH 60  202 202 HOH HOH C . 
F 2 HOH 61  203 203 HOH HOH C . 
F 2 HOH 62  204 204 HOH HOH C . 
F 2 HOH 63  209 209 HOH HOH C . 
F 2 HOH 64  210 210 HOH HOH C . 
F 2 HOH 65  213 213 HOH HOH C . 
F 2 HOH 66  217 217 HOH HOH C . 
F 2 HOH 67  219 219 HOH HOH C . 
F 2 HOH 68  220 220 HOH HOH C . 
F 2 HOH 69  224 224 HOH HOH C . 
F 2 HOH 70  225 225 HOH HOH C . 
F 2 HOH 71  226 226 HOH HOH C . 
F 2 HOH 72  229 229 HOH HOH C . 
F 2 HOH 73  231 231 HOH HOH C . 
F 2 HOH 74  233 233 HOH HOH C . 
F 2 HOH 75  234 234 HOH HOH C . 
F 2 HOH 76  237 237 HOH HOH C . 
F 2 HOH 77  242 242 HOH HOH C . 
F 2 HOH 78  244 244 HOH HOH C . 
F 2 HOH 79  245 245 HOH HOH C . 
F 2 HOH 80  248 248 HOH HOH C . 
F 2 HOH 81  250 250 HOH HOH C . 
F 2 HOH 82  251 251 HOH HOH C . 
F 2 HOH 83  261 261 HOH HOH C . 
F 2 HOH 84  262 262 HOH HOH C . 
F 2 HOH 85  268 268 HOH HOH C . 
F 2 HOH 86  269 269 HOH HOH C . 
F 2 HOH 87  270 270 HOH HOH C . 
F 2 HOH 88  271 271 HOH HOH C . 
F 2 HOH 89  277 277 HOH HOH C . 
# 
loop_
_pdbx_unobs_or_zero_occ_atoms.id 
_pdbx_unobs_or_zero_occ_atoms.PDB_model_num 
_pdbx_unobs_or_zero_occ_atoms.polymer_flag 
_pdbx_unobs_or_zero_occ_atoms.occupancy_flag 
_pdbx_unobs_or_zero_occ_atoms.auth_asym_id 
_pdbx_unobs_or_zero_occ_atoms.auth_comp_id 
_pdbx_unobs_or_zero_occ_atoms.auth_seq_id 
_pdbx_unobs_or_zero_occ_atoms.PDB_ins_code 
_pdbx_unobs_or_zero_occ_atoms.auth_atom_id 
_pdbx_unobs_or_zero_occ_atoms.label_alt_id 
_pdbx_unobs_or_zero_occ_atoms.label_asym_id 
_pdbx_unobs_or_zero_occ_atoms.label_comp_id 
_pdbx_unobs_or_zero_occ_atoms.label_seq_id 
_pdbx_unobs_or_zero_occ_atoms.label_atom_id 
1  1 Y 1 A LYS 423 ? CG  ? A LYS 11 CG  
2  1 Y 1 A LYS 423 ? CD  ? A LYS 11 CD  
3  1 Y 1 A LYS 423 ? CE  ? A LYS 11 CE  
4  1 Y 1 A LYS 423 ? NZ  ? A LYS 11 NZ  
5  1 Y 1 B ARG 433 ? CG  ? B ARG 21 CG  
6  1 Y 1 B ARG 433 ? CD  ? B ARG 21 CD  
7  1 Y 1 B ARG 433 ? NE  ? B ARG 21 NE  
8  1 Y 1 B ARG 433 ? CZ  ? B ARG 21 CZ  
9  1 Y 1 B ARG 433 ? NH1 ? B ARG 21 NH1 
10 1 Y 1 B ARG 433 ? NH2 ? B ARG 21 NH2 
11 1 Y 1 C ASN 420 ? CG  ? C ASN 8  CG  
12 1 Y 1 C ASN 420 ? OD1 ? C ASN 8  OD1 
13 1 Y 1 C ASN 420 ? ND2 ? C ASN 8  ND2 
14 1 Y 1 C LYS 421 ? CG  ? C LYS 9  CG  
15 1 Y 1 C LYS 421 ? CD  ? C LYS 9  CD  
16 1 Y 1 C LYS 421 ? CE  ? C LYS 9  CE  
17 1 Y 1 C LYS 421 ? NZ  ? C LYS 9  NZ  
# 
loop_
_software.name 
_software.classification 
_software.version 
_software.citation_id 
_software.pdbx_ordinal 
X-PLOR    'model building' 3.8 ? 1 
X-PLOR    refinement       3.8 ? 2 
DENZO     'data reduction' .   ? 3 
SCALEPACK 'data scaling'   .   ? 4 
X-PLOR    phasing          3.8 ? 5 
# 
_cell.entry_id           1AVY 
_cell.length_a           43.680 
_cell.length_b           43.680 
_cell.length_c           90.610 
_cell.angle_alpha        90.00 
_cell.angle_beta         90.00 
_cell.angle_gamma        120.00 
_cell.Z_PDB              9 
_cell.pdbx_unique_axis   ? 
# 
_symmetry.entry_id                         1AVY 
_symmetry.space_group_name_H-M             'P 3' 
_symmetry.pdbx_full_space_group_name_H-M   ? 
_symmetry.cell_setting                     ? 
_symmetry.Int_Tables_number                143 
# 
_exptl.entry_id          1AVY 
_exptl.method            'X-RAY DIFFRACTION' 
_exptl.crystals_number   1 
# 
_exptl_crystal.id                    1 
_exptl_crystal.density_meas          ? 
_exptl_crystal.density_Matthews      2.18 
_exptl_crystal.density_percent_sol   45. 
_exptl_crystal.description           ? 
# 
_exptl_crystal_grow.crystal_id      1 
_exptl_crystal_grow.method          'VAPOR DIFFUSION, HANGING DROP' 
_exptl_crystal_grow.temp            ? 
_exptl_crystal_grow.temp_details    ? 
_exptl_crystal_grow.pH              7.5 
_exptl_crystal_grow.pdbx_pH_range   ? 
_exptl_crystal_grow.pdbx_details    
'HANGING DROPS WITH 20MG/ML PROTEIN AND 1.75M LI2SO4, 0.1M TRIS-HCL, PH7.5, AS PRECIPITANT, vapor diffusion - hanging drop' 
# 
_diffrn.id                     1 
_diffrn.ambient_temp           100 
_diffrn.ambient_temp_details   ? 
_diffrn.crystal_id             1 
# 
_diffrn_detector.diffrn_id              1 
_diffrn_detector.detector               'IMAGE PLATE' 
_diffrn_detector.type                   'RIGAKU RAXIS IIC' 
_diffrn_detector.pdbx_collection_date   1995-09-01 
_diffrn_detector.details                MIRRORS 
# 
_diffrn_radiation.diffrn_id                        1 
_diffrn_radiation.wavelength_id                    1 
_diffrn_radiation.pdbx_monochromatic_or_laue_m_l   M 
_diffrn_radiation.monochromator                    'NI FILTER' 
_diffrn_radiation.pdbx_diffrn_protocol             ? 
_diffrn_radiation.pdbx_scattering_type             x-ray 
# 
_diffrn_radiation_wavelength.id           1 
_diffrn_radiation_wavelength.wavelength   1.5418 
_diffrn_radiation_wavelength.wt           1.0 
# 
_diffrn_source.diffrn_id                   1 
_diffrn_source.source                      'ROTATING ANODE' 
_diffrn_source.type                        RIGAKU 
_diffrn_source.pdbx_synchrotron_site       ? 
_diffrn_source.pdbx_synchrotron_beamline   ? 
_diffrn_source.pdbx_wavelength             1.5418 
_diffrn_source.pdbx_wavelength_list        ? 
# 
_reflns.entry_id                     1AVY 
_reflns.observed_criterion_sigma_I   0. 
_reflns.observed_criterion_sigma_F   ? 
_reflns.d_resolution_low             23.0 
_reflns.d_resolution_high            1.85 
_reflns.number_obs                   14861 
_reflns.number_all                   ? 
_reflns.percent_possible_obs         89.8 
_reflns.pdbx_Rmerge_I_obs            ? 
_reflns.pdbx_Rsym_value              0.0360000 
_reflns.pdbx_netI_over_sigmaI        ? 
_reflns.B_iso_Wilson_estimate        20.9 
_reflns.pdbx_redundancy              2.7 
_reflns.pdbx_diffrn_id               1 
_reflns.pdbx_ordinal                 1 
# 
_reflns_shell.d_res_high             1.85 
_reflns_shell.d_res_low              1.91 
_reflns_shell.percent_possible_all   53.6 
_reflns_shell.Rmerge_I_obs           ? 
_reflns_shell.pdbx_Rsym_value        0.1820000 
_reflns_shell.meanI_over_sigI_obs    ? 
_reflns_shell.pdbx_redundancy        ? 
_reflns_shell.pdbx_diffrn_id         ? 
_reflns_shell.pdbx_ordinal           1 
# 
_refine.entry_id                                 1AVY 
_refine.ls_number_reflns_obs                     14861 
_refine.ls_number_reflns_all                     ? 
_refine.pdbx_ls_sigma_I                          ? 
_refine.pdbx_ls_sigma_F                          0. 
_refine.pdbx_data_cutoff_high_absF               ? 
_refine.pdbx_data_cutoff_low_absF                ? 
_refine.pdbx_data_cutoff_high_rms_absF           ? 
_refine.ls_d_res_low                             23. 
_refine.ls_d_res_high                            1.85 
_refine.ls_percent_reflns_obs                    89.8 
_refine.ls_R_factor_obs                          0.2200000 
_refine.ls_R_factor_all                          ? 
_refine.ls_R_factor_R_work                       0.2200000 
_refine.ls_R_factor_R_free                       0.2530000 
_refine.ls_R_factor_R_free_error                 ? 
_refine.ls_R_factor_R_free_error_details         ? 
_refine.ls_percent_reflns_R_free                 5. 
_refine.ls_number_reflns_R_free                  740 
_refine.ls_number_parameters                     ? 
_refine.ls_number_restraints                     ? 
_refine.occupancy_min                            ? 
_refine.occupancy_max                            ? 
_refine.B_iso_mean                               32.81 
_refine.aniso_B[1][1]                            ? 
_refine.aniso_B[2][2]                            ? 
_refine.aniso_B[3][3]                            ? 
_refine.aniso_B[1][2]                            ? 
_refine.aniso_B[1][3]                            ? 
_refine.aniso_B[2][3]                            ? 
_refine.solvent_model_details                    ? 
_refine.solvent_model_param_ksol                 ? 
_refine.solvent_model_param_bsol                 ? 
_refine.pdbx_ls_cross_valid_method               THROUGHOUT 
_refine.details                                  
'BULK SOLVENT WAS MODELED USING A STANDARD X-PLOR PROCEDURE, WITH BULK SOLVENT DENSITY 0.432 E/A3.' 
_refine.pdbx_starting_model                      'PDB ENTRY 1AA0' 
_refine.pdbx_method_to_determine_struct          'MOLECULAR REPLACEMENT' 
_refine.pdbx_isotropic_thermal_model             RESTRAINED 
_refine.pdbx_stereochemistry_target_values       ? 
_refine.pdbx_stereochem_target_val_spec_case     ? 
_refine.pdbx_R_Free_selection_details            RANDOM 
_refine.pdbx_overall_ESU_R                       ? 
_refine.pdbx_overall_ESU_R_Free                  ? 
_refine.overall_SU_ML                            ? 
_refine.overall_SU_B                             ? 
_refine.pdbx_refine_id                           'X-RAY DIFFRACTION' 
_refine.pdbx_diffrn_id                           1 
_refine.pdbx_TLS_residual_ADP_flag               ? 
_refine.correlation_coeff_Fo_to_Fc               ? 
_refine.correlation_coeff_Fo_to_Fc_free          ? 
_refine.pdbx_solvent_vdw_probe_radii             ? 
_refine.pdbx_solvent_ion_probe_radii             ? 
_refine.pdbx_solvent_shrinkage_radii             ? 
_refine.pdbx_overall_phase_error                 ? 
_refine.overall_SU_R_Cruickshank_DPI             ? 
_refine.pdbx_overall_SU_R_free_Cruickshank_DPI   ? 
_refine.pdbx_overall_SU_R_Blow_DPI               ? 
_refine.pdbx_overall_SU_R_free_Blow_DPI          ? 
# 
_refine_hist.pdbx_refine_id                   'X-RAY DIFFRACTION' 
_refine_hist.cycle_id                         LAST 
_refine_hist.pdbx_number_atoms_protein        1441 
_refine_hist.pdbx_number_atoms_nucleic_acid   0 
_refine_hist.pdbx_number_atoms_ligand         0 
_refine_hist.number_atoms_solvent             277 
_refine_hist.number_atoms_total               1718 
_refine_hist.d_res_high                       1.85 
_refine_hist.d_res_low                        23. 
# 
loop_
_refine_ls_restr.type 
_refine_ls_restr.dev_ideal 
_refine_ls_restr.dev_ideal_target 
_refine_ls_restr.weight 
_refine_ls_restr.number 
_refine_ls_restr.pdbx_refine_id 
_refine_ls_restr.pdbx_restraint_function 
x_bond_d                0.006 ? ? ? 'X-RAY DIFFRACTION' ? 
x_bond_d_na             ?     ? ? ? 'X-RAY DIFFRACTION' ? 
x_bond_d_prot           ?     ? ? ? 'X-RAY DIFFRACTION' ? 
x_angle_d               ?     ? ? ? 'X-RAY DIFFRACTION' ? 
x_angle_d_na            ?     ? ? ? 'X-RAY DIFFRACTION' ? 
x_angle_d_prot          ?     ? ? ? 'X-RAY DIFFRACTION' ? 
x_angle_deg             1.3   ? ? ? 'X-RAY DIFFRACTION' ? 
x_angle_deg_na          ?     ? ? ? 'X-RAY DIFFRACTION' ? 
x_angle_deg_prot        ?     ? ? ? 'X-RAY DIFFRACTION' ? 
x_dihedral_angle_d      24.9  ? ? ? 'X-RAY DIFFRACTION' ? 
x_dihedral_angle_d_na   ?     ? ? ? 'X-RAY DIFFRACTION' ? 
x_dihedral_angle_d_prot ?     ? ? ? 'X-RAY DIFFRACTION' ? 
x_improper_angle_d      ?     ? ? ? 'X-RAY DIFFRACTION' ? 
x_improper_angle_d_na   ?     ? ? ? 'X-RAY DIFFRACTION' ? 
x_improper_angle_d_prot ?     ? ? ? 'X-RAY DIFFRACTION' ? 
x_mcbond_it             1.5   ? ? ? 'X-RAY DIFFRACTION' ? 
x_mcangle_it            2.0   ? ? ? 'X-RAY DIFFRACTION' ? 
x_scbond_it             2.0   ? ? ? 'X-RAY DIFFRACTION' ? 
x_scangle_it            2.5   ? ? ? 'X-RAY DIFFRACTION' ? 
# 
_refine_ls_shell.pdbx_total_number_of_bins_used   10 
_refine_ls_shell.d_res_high                       1.85 
_refine_ls_shell.d_res_low                        1.93 
_refine_ls_shell.number_reflns_R_work             ? 
_refine_ls_shell.R_factor_R_work                  0.3170000 
_refine_ls_shell.percent_reflns_obs               ? 
_refine_ls_shell.R_factor_R_free                  0.4160000 
_refine_ls_shell.R_factor_R_free_error            ? 
_refine_ls_shell.percent_reflns_R_free            ? 
_refine_ls_shell.number_reflns_R_free             ? 
_refine_ls_shell.pdbx_refine_id                   'X-RAY DIFFRACTION' 
_refine_ls_shell.number_reflns_all                ? 
_refine_ls_shell.R_factor_all                     ? 
# 
loop_
_pdbx_xplor_file.serial_no 
_pdbx_xplor_file.param_file 
_pdbx_xplor_file.topol_file 
_pdbx_xplor_file.pdbx_refine_id 
1 PARHCSDX.PRO TOPHCSDX.PRO 'X-RAY DIFFRACTION' 
2 PARAM19.SOL  TOPH19.SOL   'X-RAY DIFFRACTION' 
# 
_struct.entry_id                  1AVY 
_struct.title                     'FIBRITIN DELETION MUTANT M (BACTERIOPHAGE T4)' 
_struct.pdbx_model_details        ? 
_struct.pdbx_CASP_flag            ? 
_struct.pdbx_model_type_details   ? 
# 
_struct_keywords.entry_id        1AVY 
_struct_keywords.pdbx_keywords   'COILED COIL' 
_struct_keywords.text            
'COILED COIL, BACTERIOPHAGE T4, STRUCTURAL PROTEIN, CHAPERONE, BACTERIOPHAGE ASSEMBLY, PROTEIN FOLDING' 
# 
loop_
_struct_asym.id 
_struct_asym.pdbx_blank_PDB_chainid_flag 
_struct_asym.pdbx_modified 
_struct_asym.entity_id 
_struct_asym.details 
A N N 1 ? 
B N N 1 ? 
C N N 1 ? 
D N N 2 ? 
E N N 2 ? 
F N N 2 ? 
# 
_struct_ref.id                         1 
_struct_ref.db_name                    UNP 
_struct_ref.db_code                    WAC_BPT4 
_struct_ref.pdbx_db_accession          P10104 
_struct_ref.entity_id                  1 
_struct_ref.pdbx_align_begin           413 
_struct_ref.pdbx_db_isoform            ? 
_struct_ref.pdbx_seq_one_letter_code   ? 
# 
loop_
_struct_ref_seq.align_id 
_struct_ref_seq.ref_id 
_struct_ref_seq.pdbx_PDB_id_code 
_struct_ref_seq.pdbx_strand_id 
_struct_ref_seq.seq_align_beg 
_struct_ref_seq.pdbx_seq_align_beg_ins_code 
_struct_ref_seq.seq_align_end 
_struct_ref_seq.pdbx_seq_align_end_ins_code 
_struct_ref_seq.pdbx_db_accession 
_struct_ref_seq.db_align_beg 
_struct_ref_seq.pdbx_db_align_beg_ins_code 
_struct_ref_seq.db_align_end 
_struct_ref_seq.pdbx_db_align_end_ins_code 
_struct_ref_seq.pdbx_auth_seq_align_beg 
_struct_ref_seq.pdbx_auth_seq_align_end 
1 1 1AVY A 1 ? 74 ? P10104 413 ? 486 ? 413 486 
2 1 1AVY B 1 ? 74 ? P10104 413 ? 486 ? 413 486 
3 1 1AVY C 1 ? 74 ? P10104 413 ? 486 ? 413 486 
# 
loop_
_struct_ref_seq_dif.align_id 
_struct_ref_seq_dif.pdbx_pdb_id_code 
_struct_ref_seq_dif.mon_id 
_struct_ref_seq_dif.pdbx_pdb_strand_id 
_struct_ref_seq_dif.seq_num 
_struct_ref_seq_dif.pdbx_pdb_ins_code 
_struct_ref_seq_dif.pdbx_seq_db_name 
_struct_ref_seq_dif.pdbx_seq_db_accession_code 
_struct_ref_seq_dif.db_mon_id 
_struct_ref_seq_dif.pdbx_seq_db_seq_num 
_struct_ref_seq_dif.details 
_struct_ref_seq_dif.pdbx_auth_seq_num 
_struct_ref_seq_dif.pdbx_ordinal 
1 1AVY SER A 4  ? UNP P10104 ARG 416 conflict              416 1  
1 1AVY LYS A 9  ? UNP P10104 SER 421 'engineered mutation' 421 2  
1 1AVY ILE A 13 ? UNP P10104 ASN 425 'engineered mutation' 425 3  
1 1AVY ASP A 16 ? UNP P10104 ASN 428 'engineered mutation' 428 4  
1 1AVY ARG A 21 ? UNP P10104 THR 433 'engineered mutation' 433 5  
2 1AVY SER B 4  ? UNP P10104 ARG 416 conflict              416 6  
2 1AVY LYS B 9  ? UNP P10104 SER 421 conflict              421 7  
2 1AVY ILE B 13 ? UNP P10104 ASN 425 conflict              425 8  
2 1AVY ASP B 16 ? UNP P10104 ASN 428 conflict              428 9  
2 1AVY ARG B 21 ? UNP P10104 THR 433 'engineered mutation' 433 10 
3 1AVY SER C 4  ? UNP P10104 ARG 416 conflict              416 11 
3 1AVY LYS C 9  ? UNP P10104 SER 421 'engineered mutation' 421 12 
3 1AVY ILE C 13 ? UNP P10104 ASN 425 'engineered mutation' 425 13 
3 1AVY ASP C 16 ? UNP P10104 ASN 428 'engineered mutation' 428 14 
3 1AVY ARG C 21 ? UNP P10104 THR 433 'engineered mutation' 433 15 
# 
loop_
_pdbx_struct_assembly.id 
_pdbx_struct_assembly.details 
_pdbx_struct_assembly.method_details 
_pdbx_struct_assembly.oligomeric_details 
_pdbx_struct_assembly.oligomeric_count 
1 author_defined_assembly ? trimeric 3 
2 author_defined_assembly ? trimeric 3 
3 author_defined_assembly ? trimeric 3 
# 
loop_
_pdbx_struct_assembly_gen.assembly_id 
_pdbx_struct_assembly_gen.oper_expression 
_pdbx_struct_assembly_gen.asym_id_list 
1 1,2,3 A,D 
2 1,4,5 B,E 
3 1,6,7 C,F 
# 
loop_
_pdbx_struct_oper_list.id 
_pdbx_struct_oper_list.type 
_pdbx_struct_oper_list.name 
_pdbx_struct_oper_list.symmetry_operation 
_pdbx_struct_oper_list.matrix[1][1] 
_pdbx_struct_oper_list.matrix[1][2] 
_pdbx_struct_oper_list.matrix[1][3] 
_pdbx_struct_oper_list.vector[1] 
_pdbx_struct_oper_list.matrix[2][1] 
_pdbx_struct_oper_list.matrix[2][2] 
_pdbx_struct_oper_list.matrix[2][3] 
_pdbx_struct_oper_list.vector[2] 
_pdbx_struct_oper_list.matrix[3][1] 
_pdbx_struct_oper_list.matrix[3][2] 
_pdbx_struct_oper_list.matrix[3][3] 
_pdbx_struct_oper_list.vector[3] 
1 'identity operation'         1_555 x,y,z         1.0000000000 0.0000000000  0.0000000000 0.0000000000   0.0000000000  1.0000000000  0.0000000000  0.0000000000   0.0000000000 0.0000000000  1.0000000000 0.0000000000   
2 'crystal symmetry operation' 2_555 -y,x-y,z      0.3953791793 0.3071954335  0.8656247861 -13.4107020486 -0.7431052950 -0.4469449894 0.4980308193  -2.7345263291  0.5398794543 -0.8401613786 0.0515658102 16.2385278811  
3 'crystal symmetry operation' 3_555 -x+y,-x,z     0.3953791793 -0.7431052950 0.5398794543 -5.4965761959  0.3071954335  -0.4469449894 -0.8401613786 16.5405075593  0.8656247861 0.4980308193  0.0515658102 12.1331616337  
4 'crystal symmetry operation' 2_665 -y+1,x-y+1,z  0.3953791793 0.3071954335  0.8656247861 8.7349737017   -0.7431052950 -0.4469449894 0.4980308193  -19.8627596959 0.5398794543 -0.8401613786 0.0515658102 -17.2895956467 
5 'crystal symmetry operation' 3_565 -x+y,-x+1,z   0.3953791793 -0.7431052950 0.5398794543 -8.8794511735  0.3071954335  -0.4469449894 -0.8401613786 -26.0869554686 0.8656247861 0.4980308193  0.0515658102 3.2226087501   
6 'crystal symmetry operation' 2_655 -y+1,x-y,z    0.3953791793 0.3071954335  0.8656247861 12.1178486793  -0.7431052950 -0.4469449894 0.4980308193  22.7647033320  0.5398794543 -0.8401613786 0.0515658102 -8.3790427631  
7 'crystal symmetry operation' 3_665 -x+y+1,-x+1,z 0.3953791793 -0.7431052950 0.5398794543 16.6490995544  0.3071954335  -0.4469449894 -0.8401613786 -0.5877258075  0.8656247861 0.4980308193  0.0515658102 -21.3949618941 
# 
loop_
_struct_biol.id 
1 
2 
3 
# 
loop_
_struct_conf.conf_type_id 
_struct_conf.id 
_struct_conf.pdbx_PDB_helix_id 
_struct_conf.beg_label_comp_id 
_struct_conf.beg_label_asym_id 
_struct_conf.beg_label_seq_id 
_struct_conf.pdbx_beg_PDB_ins_code 
_struct_conf.end_label_comp_id 
_struct_conf.end_label_asym_id 
_struct_conf.end_label_seq_id 
_struct_conf.pdbx_end_PDB_ins_code 
_struct_conf.beg_auth_comp_id 
_struct_conf.beg_auth_asym_id 
_struct_conf.beg_auth_seq_id 
_struct_conf.end_auth_comp_id 
_struct_conf.end_auth_asym_id 
_struct_conf.end_auth_seq_id 
_struct_conf.pdbx_PDB_helix_class 
_struct_conf.details 
_struct_conf.pdbx_PDB_helix_length 
HELX_P HELX_P1 1 LYS A 9  ? ALA A 44 ? LYS A 421 ALA A 456 1 ? 36 
HELX_P HELX_P2 3 VAL B 20 ? ALA B 44 ? VAL B 432 ALA B 456 1 ? 25 
HELX_P HELX_P3 5 LYS C 9  ? ALA C 44 ? LYS C 421 ALA C 456 1 ? 36 
# 
_struct_conf_type.id          HELX_P 
_struct_conf_type.criteria    ? 
_struct_conf_type.reference   ? 
# 
loop_
_struct_sheet.id 
_struct_sheet.type 
_struct_sheet.number_strands 
_struct_sheet.details 
A ? 2 ? 
B ? 2 ? 
C ? 2 ? 
# 
loop_
_struct_sheet_order.sheet_id 
_struct_sheet_order.range_id_1 
_struct_sheet_order.range_id_2 
_struct_sheet_order.offset 
_struct_sheet_order.sense 
A 1 2 ? anti-parallel 
B 1 2 ? anti-parallel 
C 1 2 ? anti-parallel 
# 
loop_
_struct_sheet_range.sheet_id 
_struct_sheet_range.id 
_struct_sheet_range.beg_label_comp_id 
_struct_sheet_range.beg_label_asym_id 
_struct_sheet_range.beg_label_seq_id 
_struct_sheet_range.pdbx_beg_PDB_ins_code 
_struct_sheet_range.end_label_comp_id 
_struct_sheet_range.end_label_asym_id 
_struct_sheet_range.end_label_seq_id 
_struct_sheet_range.pdbx_end_PDB_ins_code 
_struct_sheet_range.beg_auth_comp_id 
_struct_sheet_range.beg_auth_asym_id 
_struct_sheet_range.beg_auth_seq_id 
_struct_sheet_range.end_auth_comp_id 
_struct_sheet_range.end_auth_asym_id 
_struct_sheet_range.end_auth_seq_id 
A 1 ALA A 56 ? LYS A 60 ? ALA A 468 LYS A 472 
A 2 GLU A 63 ? LEU A 67 ? GLU A 475 LEU A 479 
B 1 ALA B 56 ? LYS B 60 ? ALA B 468 LYS B 472 
B 2 GLU B 63 ? LEU B 67 ? GLU B 475 LEU B 479 
C 1 ALA C 56 ? LYS C 60 ? ALA C 468 LYS C 472 
C 2 GLU C 63 ? LEU C 67 ? GLU C 475 LEU C 479 
# 
loop_
_pdbx_struct_sheet_hbond.sheet_id 
_pdbx_struct_sheet_hbond.range_id_1 
_pdbx_struct_sheet_hbond.range_id_2 
_pdbx_struct_sheet_hbond.range_1_label_atom_id 
_pdbx_struct_sheet_hbond.range_1_label_comp_id 
_pdbx_struct_sheet_hbond.range_1_label_asym_id 
_pdbx_struct_sheet_hbond.range_1_label_seq_id 
_pdbx_struct_sheet_hbond.range_1_PDB_ins_code 
_pdbx_struct_sheet_hbond.range_1_auth_atom_id 
_pdbx_struct_sheet_hbond.range_1_auth_comp_id 
_pdbx_struct_sheet_hbond.range_1_auth_asym_id 
_pdbx_struct_sheet_hbond.range_1_auth_seq_id 
_pdbx_struct_sheet_hbond.range_2_label_atom_id 
_pdbx_struct_sheet_hbond.range_2_label_comp_id 
_pdbx_struct_sheet_hbond.range_2_label_asym_id 
_pdbx_struct_sheet_hbond.range_2_label_seq_id 
_pdbx_struct_sheet_hbond.range_2_PDB_ins_code 
_pdbx_struct_sheet_hbond.range_2_auth_atom_id 
_pdbx_struct_sheet_hbond.range_2_auth_comp_id 
_pdbx_struct_sheet_hbond.range_2_auth_asym_id 
_pdbx_struct_sheet_hbond.range_2_auth_seq_id 
A 1 2 O VAL A 58 ? O VAL A 470 N VAL A 65 ? N VAL A 477 
B 1 2 O VAL B 58 ? O VAL B 470 N VAL B 65 ? N VAL B 477 
C 1 2 O VAL C 58 ? O VAL C 470 N VAL C 65 ? N VAL C 477 
# 
_pdbx_validate_symm_contact.id                1 
_pdbx_validate_symm_contact.PDB_model_num     1 
_pdbx_validate_symm_contact.auth_atom_id_1    O 
_pdbx_validate_symm_contact.auth_asym_id_1    C 
_pdbx_validate_symm_contact.auth_comp_id_1    PRO 
_pdbx_validate_symm_contact.auth_seq_id_1     485 
_pdbx_validate_symm_contact.PDB_ins_code_1    ? 
_pdbx_validate_symm_contact.label_alt_id_1    ? 
_pdbx_validate_symm_contact.site_symmetry_1   1_555 
_pdbx_validate_symm_contact.auth_atom_id_2    O 
_pdbx_validate_symm_contact.auth_asym_id_2    B 
_pdbx_validate_symm_contact.auth_comp_id_2    HOH 
_pdbx_validate_symm_contact.auth_seq_id_2     265 
_pdbx_validate_symm_contact.PDB_ins_code_2    ? 
_pdbx_validate_symm_contact.label_alt_id_2    ? 
_pdbx_validate_symm_contact.site_symmetry_2   1_544 
_pdbx_validate_symm_contact.dist              1.93 
# 
_pdbx_validate_rmsd_angle.id                         1 
_pdbx_validate_rmsd_angle.PDB_model_num              1 
_pdbx_validate_rmsd_angle.auth_atom_id_1             CD 
_pdbx_validate_rmsd_angle.auth_asym_id_1             C 
_pdbx_validate_rmsd_angle.auth_comp_id_1             ARG 
_pdbx_validate_rmsd_angle.auth_seq_id_1              433 
_pdbx_validate_rmsd_angle.PDB_ins_code_1             ? 
_pdbx_validate_rmsd_angle.label_alt_id_1             ? 
_pdbx_validate_rmsd_angle.auth_atom_id_2             NE 
_pdbx_validate_rmsd_angle.auth_asym_id_2             C 
_pdbx_validate_rmsd_angle.auth_comp_id_2             ARG 
_pdbx_validate_rmsd_angle.auth_seq_id_2              433 
_pdbx_validate_rmsd_angle.PDB_ins_code_2             ? 
_pdbx_validate_rmsd_angle.label_alt_id_2             ? 
_pdbx_validate_rmsd_angle.auth_atom_id_3             CZ 
_pdbx_validate_rmsd_angle.auth_asym_id_3             C 
_pdbx_validate_rmsd_angle.auth_comp_id_3             ARG 
_pdbx_validate_rmsd_angle.auth_seq_id_3              433 
_pdbx_validate_rmsd_angle.PDB_ins_code_3             ? 
_pdbx_validate_rmsd_angle.label_alt_id_3             ? 
_pdbx_validate_rmsd_angle.angle_value                132.42 
_pdbx_validate_rmsd_angle.angle_target_value         123.60 
_pdbx_validate_rmsd_angle.angle_deviation            8.82 
_pdbx_validate_rmsd_angle.angle_standard_deviation   1.40 
_pdbx_validate_rmsd_angle.linker_flag                N 
# 
loop_
_pdbx_validate_torsion.id 
_pdbx_validate_torsion.PDB_model_num 
_pdbx_validate_torsion.auth_comp_id 
_pdbx_validate_torsion.auth_asym_id 
_pdbx_validate_torsion.auth_seq_id 
_pdbx_validate_torsion.PDB_ins_code 
_pdbx_validate_torsion.label_alt_id 
_pdbx_validate_torsion.phi 
_pdbx_validate_torsion.psi 
1 1 LYS A 421 ? ? -48.15  -1.34 
2 1 ARG A 464 ? ? -106.03 77.59 
3 1 LEU A 483 ? ? -104.30 41.97 
4 1 ASP B 465 ? ? -141.97 19.30 
# 
loop_
_pdbx_validate_planes.id 
_pdbx_validate_planes.PDB_model_num 
_pdbx_validate_planes.auth_comp_id 
_pdbx_validate_planes.auth_asym_id 
_pdbx_validate_planes.auth_seq_id 
_pdbx_validate_planes.PDB_ins_code 
_pdbx_validate_planes.label_alt_id 
_pdbx_validate_planes.rmsd 
_pdbx_validate_planes.type 
1 1 ARG A 433 ? ? 0.287 'SIDE CHAIN' 
2 1 ARG C 433 ? ? 0.244 'SIDE CHAIN' 
# 
loop_
_pdbx_struct_special_symmetry.id 
_pdbx_struct_special_symmetry.PDB_model_num 
_pdbx_struct_special_symmetry.auth_asym_id 
_pdbx_struct_special_symmetry.auth_comp_id 
_pdbx_struct_special_symmetry.auth_seq_id 
_pdbx_struct_special_symmetry.PDB_ins_code 
_pdbx_struct_special_symmetry.label_asym_id 
_pdbx_struct_special_symmetry.label_comp_id 
_pdbx_struct_special_symmetry.label_seq_id 
1 1 A HOH 276 ? D HOH . 
2 1 B HOH 275 ? E HOH . 
3 1 C HOH 277 ? F HOH . 
# 
loop_
_pdbx_unobs_or_zero_occ_residues.id 
_pdbx_unobs_or_zero_occ_residues.PDB_model_num 
_pdbx_unobs_or_zero_occ_residues.polymer_flag 
_pdbx_unobs_or_zero_occ_residues.occupancy_flag 
_pdbx_unobs_or_zero_occ_residues.auth_asym_id 
_pdbx_unobs_or_zero_occ_residues.auth_comp_id 
_pdbx_unobs_or_zero_occ_residues.auth_seq_id 
_pdbx_unobs_or_zero_occ_residues.PDB_ins_code 
_pdbx_unobs_or_zero_occ_residues.label_asym_id 
_pdbx_unobs_or_zero_occ_residues.label_comp_id 
_pdbx_unobs_or_zero_occ_residues.label_seq_id 
1  1 Y 1 A VAL 413 ? A VAL 1  
2  1 Y 1 A GLU 414 ? A GLU 2  
3  1 Y 1 A GLU 415 ? A GLU 3  
4  1 Y 1 A SER 416 ? A SER 4  
5  1 Y 1 A GLY 417 ? A GLY 5  
6  1 Y 1 A LEU 418 ? A LEU 6  
7  1 Y 1 B VAL 413 ? B VAL 1  
8  1 Y 1 B GLU 414 ? B GLU 2  
9  1 Y 1 B GLU 415 ? B GLU 3  
10 1 Y 1 B SER 416 ? B SER 4  
11 1 Y 1 B GLY 417 ? B GLY 5  
12 1 Y 1 B LEU 418 ? B LEU 6  
13 1 Y 1 B THR 419 ? B THR 7  
14 1 Y 1 B ASN 420 ? B ASN 8  
15 1 Y 1 B LYS 421 ? B LYS 9  
16 1 Y 1 B ILE 422 ? B ILE 10 
17 1 Y 1 B LYS 423 ? B LYS 11 
18 1 Y 1 B ALA 424 ? B ALA 12 
19 1 Y 1 B ILE 425 ? B ILE 13 
20 1 Y 1 B GLU 426 ? B GLU 14 
21 1 Y 1 B THR 427 ? B THR 15 
22 1 Y 1 B ASP 428 ? B ASP 16 
23 1 Y 1 B ILE 429 ? B ILE 17 
24 1 Y 1 B ALA 430 ? B ALA 18 
25 1 Y 1 B SER 431 ? B SER 19 
26 1 Y 1 B ALA 486 ? B ALA 74 
27 1 Y 1 C VAL 413 ? C VAL 1  
28 1 Y 1 C GLU 414 ? C GLU 2  
29 1 Y 1 C GLU 415 ? C GLU 3  
30 1 Y 1 C SER 416 ? C SER 4  
31 1 Y 1 C GLY 417 ? C GLY 5  
32 1 Y 1 C ALA 486 ? C ALA 74 
# 
loop_
_chem_comp_atom.comp_id 
_chem_comp_atom.atom_id 
_chem_comp_atom.type_symbol 
_chem_comp_atom.pdbx_aromatic_flag 
_chem_comp_atom.pdbx_stereo_config 
_chem_comp_atom.pdbx_ordinal 
ALA N    N N N 1   
ALA CA   C N S 2   
ALA C    C N N 3   
ALA O    O N N 4   
ALA CB   C N N 5   
ALA OXT  O N N 6   
ALA H    H N N 7   
ALA H2   H N N 8   
ALA HA   H N N 9   
ALA HB1  H N N 10  
ALA HB2  H N N 11  
ALA HB3  H N N 12  
ALA HXT  H N N 13  
ARG N    N N N 14  
ARG CA   C N S 15  
ARG C    C N N 16  
ARG O    O N N 17  
ARG CB   C N N 18  
ARG CG   C N N 19  
ARG CD   C N N 20  
ARG NE   N N N 21  
ARG CZ   C N N 22  
ARG NH1  N N N 23  
ARG NH2  N N N 24  
ARG OXT  O N N 25  
ARG H    H N N 26  
ARG H2   H N N 27  
ARG HA   H N N 28  
ARG HB2  H N N 29  
ARG HB3  H N N 30  
ARG HG2  H N N 31  
ARG HG3  H N N 32  
ARG HD2  H N N 33  
ARG HD3  H N N 34  
ARG HE   H N N 35  
ARG HH11 H N N 36  
ARG HH12 H N N 37  
ARG HH21 H N N 38  
ARG HH22 H N N 39  
ARG HXT  H N N 40  
ASN N    N N N 41  
ASN CA   C N S 42  
ASN C    C N N 43  
ASN O    O N N 44  
ASN CB   C N N 45  
ASN CG   C N N 46  
ASN OD1  O N N 47  
ASN ND2  N N N 48  
ASN OXT  O N N 49  
ASN H    H N N 50  
ASN H2   H N N 51  
ASN HA   H N N 52  
ASN HB2  H N N 53  
ASN HB3  H N N 54  
ASN HD21 H N N 55  
ASN HD22 H N N 56  
ASN HXT  H N N 57  
ASP N    N N N 58  
ASP CA   C N S 59  
ASP C    C N N 60  
ASP O    O N N 61  
ASP CB   C N N 62  
ASP CG   C N N 63  
ASP OD1  O N N 64  
ASP OD2  O N N 65  
ASP OXT  O N N 66  
ASP H    H N N 67  
ASP H2   H N N 68  
ASP HA   H N N 69  
ASP HB2  H N N 70  
ASP HB3  H N N 71  
ASP HD2  H N N 72  
ASP HXT  H N N 73  
GLN N    N N N 74  
GLN CA   C N S 75  
GLN C    C N N 76  
GLN O    O N N 77  
GLN CB   C N N 78  
GLN CG   C N N 79  
GLN CD   C N N 80  
GLN OE1  O N N 81  
GLN NE2  N N N 82  
GLN OXT  O N N 83  
GLN H    H N N 84  
GLN H2   H N N 85  
GLN HA   H N N 86  
GLN HB2  H N N 87  
GLN HB3  H N N 88  
GLN HG2  H N N 89  
GLN HG3  H N N 90  
GLN HE21 H N N 91  
GLN HE22 H N N 92  
GLN HXT  H N N 93  
GLU N    N N N 94  
GLU CA   C N S 95  
GLU C    C N N 96  
GLU O    O N N 97  
GLU CB   C N N 98  
GLU CG   C N N 99  
GLU CD   C N N 100 
GLU OE1  O N N 101 
GLU OE2  O N N 102 
GLU OXT  O N N 103 
GLU H    H N N 104 
GLU H2   H N N 105 
GLU HA   H N N 106 
GLU HB2  H N N 107 
GLU HB3  H N N 108 
GLU HG2  H N N 109 
GLU HG3  H N N 110 
GLU HE2  H N N 111 
GLU HXT  H N N 112 
GLY N    N N N 113 
GLY CA   C N N 114 
GLY C    C N N 115 
GLY O    O N N 116 
GLY OXT  O N N 117 
GLY H    H N N 118 
GLY H2   H N N 119 
GLY HA2  H N N 120 
GLY HA3  H N N 121 
GLY HXT  H N N 122 
HOH O    O N N 123 
HOH H1   H N N 124 
HOH H2   H N N 125 
ILE N    N N N 126 
ILE CA   C N S 127 
ILE C    C N N 128 
ILE O    O N N 129 
ILE CB   C N S 130 
ILE CG1  C N N 131 
ILE CG2  C N N 132 
ILE CD1  C N N 133 
ILE OXT  O N N 134 
ILE H    H N N 135 
ILE H2   H N N 136 
ILE HA   H N N 137 
ILE HB   H N N 138 
ILE HG12 H N N 139 
ILE HG13 H N N 140 
ILE HG21 H N N 141 
ILE HG22 H N N 142 
ILE HG23 H N N 143 
ILE HD11 H N N 144 
ILE HD12 H N N 145 
ILE HD13 H N N 146 
ILE HXT  H N N 147 
LEU N    N N N 148 
LEU CA   C N S 149 
LEU C    C N N 150 
LEU O    O N N 151 
LEU CB   C N N 152 
LEU CG   C N N 153 
LEU CD1  C N N 154 
LEU CD2  C N N 155 
LEU OXT  O N N 156 
LEU H    H N N 157 
LEU H2   H N N 158 
LEU HA   H N N 159 
LEU HB2  H N N 160 
LEU HB3  H N N 161 
LEU HG   H N N 162 
LEU HD11 H N N 163 
LEU HD12 H N N 164 
LEU HD13 H N N 165 
LEU HD21 H N N 166 
LEU HD22 H N N 167 
LEU HD23 H N N 168 
LEU HXT  H N N 169 
LYS N    N N N 170 
LYS CA   C N S 171 
LYS C    C N N 172 
LYS O    O N N 173 
LYS CB   C N N 174 
LYS CG   C N N 175 
LYS CD   C N N 176 
LYS CE   C N N 177 
LYS NZ   N N N 178 
LYS OXT  O N N 179 
LYS H    H N N 180 
LYS H2   H N N 181 
LYS HA   H N N 182 
LYS HB2  H N N 183 
LYS HB3  H N N 184 
LYS HG2  H N N 185 
LYS HG3  H N N 186 
LYS HD2  H N N 187 
LYS HD3  H N N 188 
LYS HE2  H N N 189 
LYS HE3  H N N 190 
LYS HZ1  H N N 191 
LYS HZ2  H N N 192 
LYS HZ3  H N N 193 
LYS HXT  H N N 194 
PHE N    N N N 195 
PHE CA   C N S 196 
PHE C    C N N 197 
PHE O    O N N 198 
PHE CB   C N N 199 
PHE CG   C Y N 200 
PHE CD1  C Y N 201 
PHE CD2  C Y N 202 
PHE CE1  C Y N 203 
PHE CE2  C Y N 204 
PHE CZ   C Y N 205 
PHE OXT  O N N 206 
PHE H    H N N 207 
PHE H2   H N N 208 
PHE HA   H N N 209 
PHE HB2  H N N 210 
PHE HB3  H N N 211 
PHE HD1  H N N 212 
PHE HD2  H N N 213 
PHE HE1  H N N 214 
PHE HE2  H N N 215 
PHE HZ   H N N 216 
PHE HXT  H N N 217 
PRO N    N N N 218 
PRO CA   C N S 219 
PRO C    C N N 220 
PRO O    O N N 221 
PRO CB   C N N 222 
PRO CG   C N N 223 
PRO CD   C N N 224 
PRO OXT  O N N 225 
PRO H    H N N 226 
PRO HA   H N N 227 
PRO HB2  H N N 228 
PRO HB3  H N N 229 
PRO HG2  H N N 230 
PRO HG3  H N N 231 
PRO HD2  H N N 232 
PRO HD3  H N N 233 
PRO HXT  H N N 234 
SER N    N N N 235 
SER CA   C N S 236 
SER C    C N N 237 
SER O    O N N 238 
SER CB   C N N 239 
SER OG   O N N 240 
SER OXT  O N N 241 
SER H    H N N 242 
SER H2   H N N 243 
SER HA   H N N 244 
SER HB2  H N N 245 
SER HB3  H N N 246 
SER HG   H N N 247 
SER HXT  H N N 248 
THR N    N N N 249 
THR CA   C N S 250 
THR C    C N N 251 
THR O    O N N 252 
THR CB   C N R 253 
THR OG1  O N N 254 
THR CG2  C N N 255 
THR OXT  O N N 256 
THR H    H N N 257 
THR H2   H N N 258 
THR HA   H N N 259 
THR HB   H N N 260 
THR HG1  H N N 261 
THR HG21 H N N 262 
THR HG22 H N N 263 
THR HG23 H N N 264 
THR HXT  H N N 265 
TRP N    N N N 266 
TRP CA   C N S 267 
TRP C    C N N 268 
TRP O    O N N 269 
TRP CB   C N N 270 
TRP CG   C Y N 271 
TRP CD1  C Y N 272 
TRP CD2  C Y N 273 
TRP NE1  N Y N 274 
TRP CE2  C Y N 275 
TRP CE3  C Y N 276 
TRP CZ2  C Y N 277 
TRP CZ3  C Y N 278 
TRP CH2  C Y N 279 
TRP OXT  O N N 280 
TRP H    H N N 281 
TRP H2   H N N 282 
TRP HA   H N N 283 
TRP HB2  H N N 284 
TRP HB3  H N N 285 
TRP HD1  H N N 286 
TRP HE1  H N N 287 
TRP HE3  H N N 288 
TRP HZ2  H N N 289 
TRP HZ3  H N N 290 
TRP HH2  H N N 291 
TRP HXT  H N N 292 
TYR N    N N N 293 
TYR CA   C N S 294 
TYR C    C N N 295 
TYR O    O N N 296 
TYR CB   C N N 297 
TYR CG   C Y N 298 
TYR CD1  C Y N 299 
TYR CD2  C Y N 300 
TYR CE1  C Y N 301 
TYR CE2  C Y N 302 
TYR CZ   C Y N 303 
TYR OH   O N N 304 
TYR OXT  O N N 305 
TYR H    H N N 306 
TYR H2   H N N 307 
TYR HA   H N N 308 
TYR HB2  H N N 309 
TYR HB3  H N N 310 
TYR HD1  H N N 311 
TYR HD2  H N N 312 
TYR HE1  H N N 313 
TYR HE2  H N N 314 
TYR HH   H N N 315 
TYR HXT  H N N 316 
VAL N    N N N 317 
VAL CA   C N S 318 
VAL C    C N N 319 
VAL O    O N N 320 
VAL CB   C N N 321 
VAL CG1  C N N 322 
VAL CG2  C N N 323 
VAL OXT  O N N 324 
VAL H    H N N 325 
VAL H2   H N N 326 
VAL HA   H N N 327 
VAL HB   H N N 328 
VAL HG11 H N N 329 
VAL HG12 H N N 330 
VAL HG13 H N N 331 
VAL HG21 H N N 332 
VAL HG22 H N N 333 
VAL HG23 H N N 334 
VAL HXT  H N N 335 
# 
loop_
_chem_comp_bond.comp_id 
_chem_comp_bond.atom_id_1 
_chem_comp_bond.atom_id_2 
_chem_comp_bond.value_order 
_chem_comp_bond.pdbx_aromatic_flag 
_chem_comp_bond.pdbx_stereo_config 
_chem_comp_bond.pdbx_ordinal 
ALA N   CA   sing N N 1   
ALA N   H    sing N N 2   
ALA N   H2   sing N N 3   
ALA CA  C    sing N N 4   
ALA CA  CB   sing N N 5   
ALA CA  HA   sing N N 6   
ALA C   O    doub N N 7   
ALA C   OXT  sing N N 8   
ALA CB  HB1  sing N N 9   
ALA CB  HB2  sing N N 10  
ALA CB  HB3  sing N N 11  
ALA OXT HXT  sing N N 12  
ARG N   CA   sing N N 13  
ARG N   H    sing N N 14  
ARG N   H2   sing N N 15  
ARG CA  C    sing N N 16  
ARG CA  CB   sing N N 17  
ARG CA  HA   sing N N 18  
ARG C   O    doub N N 19  
ARG C   OXT  sing N N 20  
ARG CB  CG   sing N N 21  
ARG CB  HB2  sing N N 22  
ARG CB  HB3  sing N N 23  
ARG CG  CD   sing N N 24  
ARG CG  HG2  sing N N 25  
ARG CG  HG3  sing N N 26  
ARG CD  NE   sing N N 27  
ARG CD  HD2  sing N N 28  
ARG CD  HD3  sing N N 29  
ARG NE  CZ   sing N N 30  
ARG NE  HE   sing N N 31  
ARG CZ  NH1  sing N N 32  
ARG CZ  NH2  doub N N 33  
ARG NH1 HH11 sing N N 34  
ARG NH1 HH12 sing N N 35  
ARG NH2 HH21 sing N N 36  
ARG NH2 HH22 sing N N 37  
ARG OXT HXT  sing N N 38  
ASN N   CA   sing N N 39  
ASN N   H    sing N N 40  
ASN N   H2   sing N N 41  
ASN CA  C    sing N N 42  
ASN CA  CB   sing N N 43  
ASN CA  HA   sing N N 44  
ASN C   O    doub N N 45  
ASN C   OXT  sing N N 46  
ASN CB  CG   sing N N 47  
ASN CB  HB2  sing N N 48  
ASN CB  HB3  sing N N 49  
ASN CG  OD1  doub N N 50  
ASN CG  ND2  sing N N 51  
ASN ND2 HD21 sing N N 52  
ASN ND2 HD22 sing N N 53  
ASN OXT HXT  sing N N 54  
ASP N   CA   sing N N 55  
ASP N   H    sing N N 56  
ASP N   H2   sing N N 57  
ASP CA  C    sing N N 58  
ASP CA  CB   sing N N 59  
ASP CA  HA   sing N N 60  
ASP C   O    doub N N 61  
ASP C   OXT  sing N N 62  
ASP CB  CG   sing N N 63  
ASP CB  HB2  sing N N 64  
ASP CB  HB3  sing N N 65  
ASP CG  OD1  doub N N 66  
ASP CG  OD2  sing N N 67  
ASP OD2 HD2  sing N N 68  
ASP OXT HXT  sing N N 69  
GLN N   CA   sing N N 70  
GLN N   H    sing N N 71  
GLN N   H2   sing N N 72  
GLN CA  C    sing N N 73  
GLN CA  CB   sing N N 74  
GLN CA  HA   sing N N 75  
GLN C   O    doub N N 76  
GLN C   OXT  sing N N 77  
GLN CB  CG   sing N N 78  
GLN CB  HB2  sing N N 79  
GLN CB  HB3  sing N N 80  
GLN CG  CD   sing N N 81  
GLN CG  HG2  sing N N 82  
GLN CG  HG3  sing N N 83  
GLN CD  OE1  doub N N 84  
GLN CD  NE2  sing N N 85  
GLN NE2 HE21 sing N N 86  
GLN NE2 HE22 sing N N 87  
GLN OXT HXT  sing N N 88  
GLU N   CA   sing N N 89  
GLU N   H    sing N N 90  
GLU N   H2   sing N N 91  
GLU CA  C    sing N N 92  
GLU CA  CB   sing N N 93  
GLU CA  HA   sing N N 94  
GLU C   O    doub N N 95  
GLU C   OXT  sing N N 96  
GLU CB  CG   sing N N 97  
GLU CB  HB2  sing N N 98  
GLU CB  HB3  sing N N 99  
GLU CG  CD   sing N N 100 
GLU CG  HG2  sing N N 101 
GLU CG  HG3  sing N N 102 
GLU CD  OE1  doub N N 103 
GLU CD  OE2  sing N N 104 
GLU OE2 HE2  sing N N 105 
GLU OXT HXT  sing N N 106 
GLY N   CA   sing N N 107 
GLY N   H    sing N N 108 
GLY N   H2   sing N N 109 
GLY CA  C    sing N N 110 
GLY CA  HA2  sing N N 111 
GLY CA  HA3  sing N N 112 
GLY C   O    doub N N 113 
GLY C   OXT  sing N N 114 
GLY OXT HXT  sing N N 115 
HOH O   H1   sing N N 116 
HOH O   H2   sing N N 117 
ILE N   CA   sing N N 118 
ILE N   H    sing N N 119 
ILE N   H2   sing N N 120 
ILE CA  C    sing N N 121 
ILE CA  CB   sing N N 122 
ILE CA  HA   sing N N 123 
ILE C   O    doub N N 124 
ILE C   OXT  sing N N 125 
ILE CB  CG1  sing N N 126 
ILE CB  CG2  sing N N 127 
ILE CB  HB   sing N N 128 
ILE CG1 CD1  sing N N 129 
ILE CG1 HG12 sing N N 130 
ILE CG1 HG13 sing N N 131 
ILE CG2 HG21 sing N N 132 
ILE CG2 HG22 sing N N 133 
ILE CG2 HG23 sing N N 134 
ILE CD1 HD11 sing N N 135 
ILE CD1 HD12 sing N N 136 
ILE CD1 HD13 sing N N 137 
ILE OXT HXT  sing N N 138 
LEU N   CA   sing N N 139 
LEU N   H    sing N N 140 
LEU N   H2   sing N N 141 
LEU CA  C    sing N N 142 
LEU CA  CB   sing N N 143 
LEU CA  HA   sing N N 144 
LEU C   O    doub N N 145 
LEU C   OXT  sing N N 146 
LEU CB  CG   sing N N 147 
LEU CB  HB2  sing N N 148 
LEU CB  HB3  sing N N 149 
LEU CG  CD1  sing N N 150 
LEU CG  CD2  sing N N 151 
LEU CG  HG   sing N N 152 
LEU CD1 HD11 sing N N 153 
LEU CD1 HD12 sing N N 154 
LEU CD1 HD13 sing N N 155 
LEU CD2 HD21 sing N N 156 
LEU CD2 HD22 sing N N 157 
LEU CD2 HD23 sing N N 158 
LEU OXT HXT  sing N N 159 
LYS N   CA   sing N N 160 
LYS N   H    sing N N 161 
LYS N   H2   sing N N 162 
LYS CA  C    sing N N 163 
LYS CA  CB   sing N N 164 
LYS CA  HA   sing N N 165 
LYS C   O    doub N N 166 
LYS C   OXT  sing N N 167 
LYS CB  CG   sing N N 168 
LYS CB  HB2  sing N N 169 
LYS CB  HB3  sing N N 170 
LYS CG  CD   sing N N 171 
LYS CG  HG2  sing N N 172 
LYS CG  HG3  sing N N 173 
LYS CD  CE   sing N N 174 
LYS CD  HD2  sing N N 175 
LYS CD  HD3  sing N N 176 
LYS CE  NZ   sing N N 177 
LYS CE  HE2  sing N N 178 
LYS CE  HE3  sing N N 179 
LYS NZ  HZ1  sing N N 180 
LYS NZ  HZ2  sing N N 181 
LYS NZ  HZ3  sing N N 182 
LYS OXT HXT  sing N N 183 
PHE N   CA   sing N N 184 
PHE N   H    sing N N 185 
PHE N   H2   sing N N 186 
PHE CA  C    sing N N 187 
PHE CA  CB   sing N N 188 
PHE CA  HA   sing N N 189 
PHE C   O    doub N N 190 
PHE C   OXT  sing N N 191 
PHE CB  CG   sing N N 192 
PHE CB  HB2  sing N N 193 
PHE CB  HB3  sing N N 194 
PHE CG  CD1  doub Y N 195 
PHE CG  CD2  sing Y N 196 
PHE CD1 CE1  sing Y N 197 
PHE CD1 HD1  sing N N 198 
PHE CD2 CE2  doub Y N 199 
PHE CD2 HD2  sing N N 200 
PHE CE1 CZ   doub Y N 201 
PHE CE1 HE1  sing N N 202 
PHE CE2 CZ   sing Y N 203 
PHE CE2 HE2  sing N N 204 
PHE CZ  HZ   sing N N 205 
PHE OXT HXT  sing N N 206 
PRO N   CA   sing N N 207 
PRO N   CD   sing N N 208 
PRO N   H    sing N N 209 
PRO CA  C    sing N N 210 
PRO CA  CB   sing N N 211 
PRO CA  HA   sing N N 212 
PRO C   O    doub N N 213 
PRO C   OXT  sing N N 214 
PRO CB  CG   sing N N 215 
PRO CB  HB2  sing N N 216 
PRO CB  HB3  sing N N 217 
PRO CG  CD   sing N N 218 
PRO CG  HG2  sing N N 219 
PRO CG  HG3  sing N N 220 
PRO CD  HD2  sing N N 221 
PRO CD  HD3  sing N N 222 
PRO OXT HXT  sing N N 223 
SER N   CA   sing N N 224 
SER N   H    sing N N 225 
SER N   H2   sing N N 226 
SER CA  C    sing N N 227 
SER CA  CB   sing N N 228 
SER CA  HA   sing N N 229 
SER C   O    doub N N 230 
SER C   OXT  sing N N 231 
SER CB  OG   sing N N 232 
SER CB  HB2  sing N N 233 
SER CB  HB3  sing N N 234 
SER OG  HG   sing N N 235 
SER OXT HXT  sing N N 236 
THR N   CA   sing N N 237 
THR N   H    sing N N 238 
THR N   H2   sing N N 239 
THR CA  C    sing N N 240 
THR CA  CB   sing N N 241 
THR CA  HA   sing N N 242 
THR C   O    doub N N 243 
THR C   OXT  sing N N 244 
THR CB  OG1  sing N N 245 
THR CB  CG2  sing N N 246 
THR CB  HB   sing N N 247 
THR OG1 HG1  sing N N 248 
THR CG2 HG21 sing N N 249 
THR CG2 HG22 sing N N 250 
THR CG2 HG23 sing N N 251 
THR OXT HXT  sing N N 252 
TRP N   CA   sing N N 253 
TRP N   H    sing N N 254 
TRP N   H2   sing N N 255 
TRP CA  C    sing N N 256 
TRP CA  CB   sing N N 257 
TRP CA  HA   sing N N 258 
TRP C   O    doub N N 259 
TRP C   OXT  sing N N 260 
TRP CB  CG   sing N N 261 
TRP CB  HB2  sing N N 262 
TRP CB  HB3  sing N N 263 
TRP CG  CD1  doub Y N 264 
TRP CG  CD2  sing Y N 265 
TRP CD1 NE1  sing Y N 266 
TRP CD1 HD1  sing N N 267 
TRP CD2 CE2  doub Y N 268 
TRP CD2 CE3  sing Y N 269 
TRP NE1 CE2  sing Y N 270 
TRP NE1 HE1  sing N N 271 
TRP CE2 CZ2  sing Y N 272 
TRP CE3 CZ3  doub Y N 273 
TRP CE3 HE3  sing N N 274 
TRP CZ2 CH2  doub Y N 275 
TRP CZ2 HZ2  sing N N 276 
TRP CZ3 CH2  sing Y N 277 
TRP CZ3 HZ3  sing N N 278 
TRP CH2 HH2  sing N N 279 
TRP OXT HXT  sing N N 280 
TYR N   CA   sing N N 281 
TYR N   H    sing N N 282 
TYR N   H2   sing N N 283 
TYR CA  C    sing N N 284 
TYR CA  CB   sing N N 285 
TYR CA  HA   sing N N 286 
TYR C   O    doub N N 287 
TYR C   OXT  sing N N 288 
TYR CB  CG   sing N N 289 
TYR CB  HB2  sing N N 290 
TYR CB  HB3  sing N N 291 
TYR CG  CD1  doub Y N 292 
TYR CG  CD2  sing Y N 293 
TYR CD1 CE1  sing Y N 294 
TYR CD1 HD1  sing N N 295 
TYR CD2 CE2  doub Y N 296 
TYR CD2 HD2  sing N N 297 
TYR CE1 CZ   doub Y N 298 
TYR CE1 HE1  sing N N 299 
TYR CE2 CZ   sing Y N 300 
TYR CE2 HE2  sing N N 301 
TYR CZ  OH   sing N N 302 
TYR OH  HH   sing N N 303 
TYR OXT HXT  sing N N 304 
VAL N   CA   sing N N 305 
VAL N   H    sing N N 306 
VAL N   H2   sing N N 307 
VAL CA  C    sing N N 308 
VAL CA  CB   sing N N 309 
VAL CA  HA   sing N N 310 
VAL C   O    doub N N 311 
VAL C   OXT  sing N N 312 
VAL CB  CG1  sing N N 313 
VAL CB  CG2  sing N N 314 
VAL CB  HB   sing N N 315 
VAL CG1 HG11 sing N N 316 
VAL CG1 HG12 sing N N 317 
VAL CG1 HG13 sing N N 318 
VAL CG2 HG21 sing N N 319 
VAL CG2 HG22 sing N N 320 
VAL CG2 HG23 sing N N 321 
VAL OXT HXT  sing N N 322 
# 
_pdbx_initial_refinement_model.id               1 
_pdbx_initial_refinement_model.entity_id_list   ? 
_pdbx_initial_refinement_model.type             'experimental model' 
_pdbx_initial_refinement_model.source_name      PDB 
_pdbx_initial_refinement_model.accession_code   1AA0 
_pdbx_initial_refinement_model.details          'PDB ENTRY 1AA0' 
# 
_atom_sites.entry_id                    1AVY 
_atom_sites.fract_transf_matrix[1][1]   0.01665836 
_atom_sites.fract_transf_matrix[1][2]   0.00292488 
_atom_sites.fract_transf_matrix[1][3]   -0.02031735 
_atom_sites.fract_transf_matrix[2][1]   0.00655592 
_atom_sites.fract_transf_matrix[2][2]   -0.02087927 
_atom_sites.fract_transf_matrix[2][3]   -0.01482852 
_atom_sites.fract_transf_matrix[3][1]   -0.00852648 
_atom_sites.fract_transf_matrix[3][2]   0.00207553 
_atom_sites.fract_transf_matrix[3][3]   -0.00669214 
_atom_sites.fract_transf_vector[1]      0.283674 
_atom_sites.fract_transf_vector[2]      0.277641 
_atom_sites.fract_transf_vector[3]      0.155626 
# 
loop_
_atom_type.symbol 
C 
N 
O 
# 
loop_
_atom_site.group_PDB 
_atom_site.id 
_atom_site.type_symbol 
_atom_site.label_atom_id 
_atom_site.label_alt_id 
_atom_site.label_comp_id 
_atom_site.label_asym_id 
_atom_site.label_entity_id 
_atom_site.label_seq_id 
_atom_site.pdbx_PDB_ins_code 
_atom_site.Cartn_x 
_atom_site.Cartn_y 
_atom_site.Cartn_z 
_atom_site.occupancy 
_atom_site.B_iso_or_equiv 
_atom_site.pdbx_formal_charge 
_atom_site.auth_seq_id 
_atom_site.auth_comp_id 
_atom_site.auth_asym_id 
_atom_site.auth_atom_id 
_atom_site.pdbx_PDB_model_num 
ATOM   1    N N   . THR A 1 7  ? 45.894  -2.530  43.949  1.00 71.54 ? 419 THR A N   1 
ATOM   2    C CA  . THR A 1 7  ? 44.708  -2.811  43.092  1.00 68.38 ? 419 THR A CA  1 
ATOM   3    C C   . THR A 1 7  ? 43.522  -1.922  43.442  1.00 68.20 ? 419 THR A C   1 
ATOM   4    O O   . THR A 1 7  ? 42.996  -1.984  44.546  1.00 68.00 ? 419 THR A O   1 
ATOM   5    C CB  . THR A 1 7  ? 44.252  -4.292  43.196  1.00 67.70 ? 419 THR A CB  1 
ATOM   6    O OG1 . THR A 1 7  ? 44.279  -4.889  41.893  1.00 65.38 ? 419 THR A OG1 1 
ATOM   7    C CG2 . THR A 1 7  ? 42.839  -4.394  43.762  1.00 66.66 ? 419 THR A CG2 1 
ATOM   8    N N   . ASN A 1 8  ? 43.123  -1.096  42.482  1.00 67.96 ? 420 ASN A N   1 
ATOM   9    C CA  . ASN A 1 8  ? 41.993  -0.193  42.641  1.00 67.88 ? 420 ASN A CA  1 
ATOM   10   C C   . ASN A 1 8  ? 41.025  -0.440  41.490  1.00 68.29 ? 420 ASN A C   1 
ATOM   11   O O   . ASN A 1 8  ? 40.070  0.315   41.309  1.00 71.35 ? 420 ASN A O   1 
ATOM   12   C CB  . ASN A 1 8  ? 42.468  1.264   42.612  1.00 67.57 ? 420 ASN A CB  1 
ATOM   13   C CG  . ASN A 1 8  ? 42.285  1.909   41.249  1.00 69.33 ? 420 ASN A CG  1 
ATOM   14   O OD1 . ASN A 1 8  ? 41.392  2.754   41.062  1.00 68.83 ? 420 ASN A OD1 1 
ATOM   15   N ND2 . ASN A 1 8  ? 43.121  1.520   40.292  1.00 69.04 ? 420 ASN A ND2 1 
ATOM   16   N N   . LYS A 1 9  ? 41.279  -1.489  40.707  1.00 65.51 ? 421 LYS A N   1 
ATOM   17   C CA  . LYS A 1 9  ? 40.421  -1.836  39.572  1.00 60.06 ? 421 LYS A CA  1 
ATOM   18   C C   . LYS A 1 9  ? 38.951  -1.835  40.002  1.00 56.53 ? 421 LYS A C   1 
ATOM   19   O O   . LYS A 1 9  ? 38.065  -2.078  39.197  1.00 55.55 ? 421 LYS A O   1 
ATOM   20   C CB  . LYS A 1 9  ? 40.799  -3.220  39.020  1.00 60.00 ? 421 LYS A CB  1 
ATOM   21   C CG  . LYS A 1 9  ? 41.155  -3.217  37.541  1.00 59.63 ? 421 LYS A CG  1 
ATOM   22   C CD  . LYS A 1 9  ? 40.822  -4.543  36.861  1.00 61.32 ? 421 LYS A CD  1 
ATOM   23   C CE  . LYS A 1 9  ? 41.633  -5.697  37.436  1.00 65.42 ? 421 LYS A CE  1 
ATOM   24   N NZ  . LYS A 1 9  ? 40.828  -6.955  37.527  1.00 68.00 ? 421 LYS A NZ  1 
ATOM   25   N N   . ILE A 1 10 ? 38.735  -1.556  41.289  1.00 51.99 ? 422 ILE A N   1 
ATOM   26   C CA  . ILE A 1 10 ? 37.419  -1.480  41.915  1.00 49.11 ? 422 ILE A CA  1 
ATOM   27   C C   . ILE A 1 10 ? 36.801  -0.118  41.621  1.00 48.56 ? 422 ILE A C   1 
ATOM   28   O O   . ILE A 1 10 ? 35.590  0.065   41.722  1.00 49.25 ? 422 ILE A O   1 
ATOM   29   C CB  . ILE A 1 10 ? 37.534  -1.679  43.444  1.00 48.31 ? 422 ILE A CB  1 
ATOM   30   C CG1 . ILE A 1 10 ? 38.048  -3.086  43.753  1.00 47.96 ? 422 ILE A CG1 1 
ATOM   31   C CG2 . ILE A 1 10 ? 36.184  -1.503  44.109  1.00 46.34 ? 422 ILE A CG2 1 
ATOM   32   C CD1 . ILE A 1 10 ? 36.997  -4.169  43.584  1.00 46.71 ? 422 ILE A CD1 1 
ATOM   33   N N   . LYS A 1 11 ? 37.662  0.832   41.276  1.00 46.88 ? 423 LYS A N   1 
ATOM   34   C CA  . LYS A 1 11 ? 37.251  2.194   40.963  1.00 48.19 ? 423 LYS A CA  1 
ATOM   35   C C   . LYS A 1 11 ? 36.884  2.274   39.490  1.00 47.41 ? 423 LYS A C   1 
ATOM   36   O O   . LYS A 1 11 ? 35.977  3.012   39.107  1.00 47.84 ? 423 LYS A O   1 
ATOM   37   C CB  . LYS A 1 11 ? 38.392  3.155   41.269  1.00 48.84 ? 423 LYS A CB  1 
ATOM   38   N N   . ALA A 1 12 ? 37.597  1.513   38.667  1.00 44.81 ? 424 ALA A N   1 
ATOM   39   C CA  . ALA A 1 12 ? 37.330  1.480   37.235  1.00 44.82 ? 424 ALA A CA  1 
ATOM   40   C C   . ALA A 1 12 ? 36.055  0.679   36.996  1.00 44.51 ? 424 ALA A C   1 
ATOM   41   O O   . ALA A 1 12 ? 35.275  0.981   36.093  1.00 43.21 ? 424 ALA A O   1 
ATOM   42   C CB  . ALA A 1 12 ? 38.490  0.834   36.500  1.00 44.43 ? 424 ALA A CB  1 
ATOM   43   N N   . ILE A 1 13 ? 35.855  -0.348  37.816  1.00 44.96 ? 425 ILE A N   1 
ATOM   44   C CA  . ILE A 1 13 ? 34.676  -1.194  37.708  1.00 42.64 ? 425 ILE A CA  1 
ATOM   45   C C   . ILE A 1 13 ? 33.470  -0.408  38.186  1.00 42.24 ? 425 ILE A C   1 
ATOM   46   O O   . ILE A 1 13 ? 32.362  -0.578  37.681  1.00 42.19 ? 425 ILE A O   1 
ATOM   47   C CB  . ILE A 1 13 ? 34.835  -2.486  38.547  1.00 40.85 ? 425 ILE A CB  1 
ATOM   48   C CG1 . ILE A 1 13 ? 35.481  -3.574  37.683  1.00 41.84 ? 425 ILE A CG1 1 
ATOM   49   C CG2 . ILE A 1 13 ? 33.482  -2.967  39.064  1.00 39.37 ? 425 ILE A CG2 1 
ATOM   50   C CD1 . ILE A 1 13 ? 36.080  -4.720  38.467  1.00 41.28 ? 425 ILE A CD1 1 
ATOM   51   N N   . GLU A 1 14 ? 33.696  0.466   39.157  1.00 42.34 ? 426 GLU A N   1 
ATOM   52   C CA  . GLU A 1 14 ? 32.616  1.282   39.689  1.00 44.38 ? 426 GLU A CA  1 
ATOM   53   C C   . GLU A 1 14 ? 32.116  2.290   38.653  1.00 44.98 ? 426 GLU A C   1 
ATOM   54   O O   . GLU A 1 14 ? 30.908  2.412   38.440  1.00 47.38 ? 426 GLU A O   1 
ATOM   55   C CB  . GLU A 1 14 ? 33.075  2.012   40.952  1.00 44.45 ? 426 GLU A CB  1 
ATOM   56   C CG  . GLU A 1 14 ? 32.546  1.399   42.240  1.00 43.71 ? 426 GLU A CG  1 
ATOM   57   C CD  . GLU A 1 14 ? 33.381  1.776   43.451  1.00 44.41 ? 426 GLU A CD  1 
ATOM   58   O OE1 . GLU A 1 14 ? 34.375  2.518   43.281  1.00 39.34 ? 426 GLU A OE1 1 
ATOM   59   O OE2 . GLU A 1 14 ? 33.043  1.334   44.571  1.00 43.98 ? 426 GLU A OE2 1 
ATOM   60   N N   . THR A 1 15 ? 33.037  3.006   38.008  1.00 42.57 ? 427 THR A N   1 
ATOM   61   C CA  . THR A 1 15 ? 32.648  3.989   37.002  1.00 39.34 ? 427 THR A CA  1 
ATOM   62   C C   . THR A 1 15 ? 32.028  3.299   35.793  1.00 37.21 ? 427 THR A C   1 
ATOM   63   O O   . THR A 1 15 ? 31.188  3.877   35.111  1.00 37.16 ? 427 THR A O   1 
ATOM   64   C CB  . THR A 1 15 ? 33.849  4.852   36.529  1.00 38.42 ? 427 THR A CB  1 
ATOM   65   O OG1 . THR A 1 15 ? 34.888  4.009   36.025  1.00 37.89 ? 427 THR A OG1 1 
ATOM   66   C CG2 . THR A 1 15 ? 34.389  5.688   37.678  1.00 39.60 ? 427 THR A CG2 1 
ATOM   67   N N   . ASP A 1 16 ? 32.442  2.061   35.536  1.00 35.95 ? 428 ASP A N   1 
ATOM   68   C CA  . ASP A 1 16 ? 31.909  1.301   34.413  1.00 34.85 ? 428 ASP A CA  1 
ATOM   69   C C   . ASP A 1 16 ? 30.471  0.881   34.696  1.00 31.70 ? 428 ASP A C   1 
ATOM   70   O O   . ASP A 1 16 ? 29.633  0.854   33.800  1.00 32.15 ? 428 ASP A O   1 
ATOM   71   C CB  . ASP A 1 16 ? 32.772  0.071   34.145  1.00 38.30 ? 428 ASP A CB  1 
ATOM   72   C CG  . ASP A 1 16 ? 33.921  0.366   33.202  1.00 45.52 ? 428 ASP A CG  1 
ATOM   73   O OD1 . ASP A 1 16 ? 34.544  1.438   33.346  1.00 48.82 ? 428 ASP A OD1 1 
ATOM   74   O OD2 . ASP A 1 16 ? 34.197  -0.468  32.314  1.00 50.51 ? 428 ASP A OD2 1 
ATOM   75   N N   . ILE A 1 17 ? 30.184  0.549   35.948  1.00 28.14 ? 429 ILE A N   1 
ATOM   76   C CA  . ILE A 1 17 ? 28.835  0.164   36.307  1.00 27.64 ? 429 ILE A CA  1 
ATOM   77   C C   . ILE A 1 17 ? 27.995  1.431   36.293  1.00 28.04 ? 429 ILE A C   1 
ATOM   78   O O   . ILE A 1 17 ? 26.843  1.425   35.859  1.00 27.80 ? 429 ILE A O   1 
ATOM   79   C CB  . ILE A 1 17 ? 28.781  -0.471  37.708  1.00 31.13 ? 429 ILE A CB  1 
ATOM   80   C CG1 . ILE A 1 17 ? 29.609  -1.760  37.720  1.00 27.75 ? 429 ILE A CG1 1 
ATOM   81   C CG2 . ILE A 1 17 ? 27.326  -0.759  38.098  1.00 29.82 ? 429 ILE A CG2 1 
ATOM   82   C CD1 . ILE A 1 17 ? 29.628  -2.467  39.056  1.00 25.66 ? 429 ILE A CD1 1 
ATOM   83   N N   . ALA A 1 18 ? 28.582  2.526   36.757  1.00 26.34 ? 430 ALA A N   1 
ATOM   84   C CA  . ALA A 1 18 ? 27.872  3.796   36.779  1.00 28.25 ? 430 ALA A CA  1 
ATOM   85   C C   . ALA A 1 18 ? 27.478  4.195   35.357  1.00 30.41 ? 430 ALA A C   1 
ATOM   86   O O   . ALA A 1 18 ? 26.369  4.676   35.120  1.00 31.97 ? 430 ALA A O   1 
ATOM   87   C CB  . ALA A 1 18 ? 28.749  4.877   37.402  1.00 24.98 ? 430 ALA A CB  1 
ATOM   88   N N   . SER A 1 19 ? 28.398  3.989   34.419  1.00 30.96 ? 431 SER A N   1 
ATOM   89   C CA  . SER A 1 19 ? 28.179  4.318   33.016  1.00 30.18 ? 431 SER A CA  1 
ATOM   90   C C   . SER A 1 19 ? 27.020  3.499   32.442  1.00 30.85 ? 431 SER A C   1 
ATOM   91   O O   . SER A 1 19 ? 26.101  4.045   31.828  1.00 28.12 ? 431 SER A O   1 
ATOM   92   C CB  . SER A 1 19 ? 29.462  4.056   32.217  1.00 30.41 ? 431 SER A CB  1 
ATOM   93   O OG  . SER A 1 19 ? 29.320  4.410   30.850  1.00 30.33 ? 431 SER A OG  1 
ATOM   94   N N   . VAL A 1 20 ? 27.068  2.187   32.643  1.00 30.72 ? 432 VAL A N   1 
ATOM   95   C CA  . VAL A 1 20 ? 26.017  1.302   32.150  1.00 29.22 ? 432 VAL A CA  1 
ATOM   96   C C   . VAL A 1 20 ? 24.675  1.704   32.753  1.00 28.89 ? 432 VAL A C   1 
ATOM   97   O O   . VAL A 1 20 ? 23.657  1.733   32.057  1.00 25.38 ? 432 VAL A O   1 
ATOM   98   C CB  . VAL A 1 20 ? 26.312  -0.169  32.520  1.00 29.40 ? 432 VAL A CB  1 
ATOM   99   C CG1 . VAL A 1 20 ? 25.069  -1.028  32.334  1.00 29.31 ? 432 VAL A CG1 1 
ATOM   100  C CG2 . VAL A 1 20 ? 27.440  -0.690  31.665  1.00 28.34 ? 432 VAL A CG2 1 
ATOM   101  N N   . ARG A 1 21 ? 24.690  2.012   34.049  1.00 28.14 ? 433 ARG A N   1 
ATOM   102  C CA  . ARG A 1 21 ? 23.487  2.411   34.772  1.00 28.55 ? 433 ARG A CA  1 
ATOM   103  C C   . ARG A 1 21 ? 22.853  3.662   34.181  1.00 27.42 ? 433 ARG A C   1 
ATOM   104  O O   . ARG A 1 21 ? 21.636  3.782   34.136  1.00 29.53 ? 433 ARG A O   1 
ATOM   105  C CB  . ARG A 1 21 ? 23.808  2.651   36.247  1.00 28.40 ? 433 ARG A CB  1 
ATOM   106  C CG  . ARG A 1 21 ? 22.836  1.964   37.186  1.00 33.67 ? 433 ARG A CG  1 
ATOM   107  C CD  . ARG A 1 21 ? 23.440  1.695   38.551  1.00 39.17 ? 433 ARG A CD  1 
ATOM   108  N NE  . ARG A 1 21 ? 22.429  1.794   39.598  1.00 44.54 ? 433 ARG A NE  1 
ATOM   109  C CZ  . ARG A 1 21 ? 21.453  0.919   39.814  1.00 47.99 ? 433 ARG A CZ  1 
ATOM   110  N NH1 . ARG A 1 21 ? 20.321  0.997   39.130  1.00 50.70 ? 433 ARG A NH1 1 
ATOM   111  N NH2 . ARG A 1 21 ? 21.606  -0.033  40.727  1.00 50.71 ? 433 ARG A NH2 1 
ATOM   112  N N   . GLN A 1 22 ? 23.681  4.593   33.727  1.00 31.35 ? 434 GLN A N   1 
ATOM   113  C CA  . GLN A 1 22 ? 23.174  5.819   33.127  1.00 33.15 ? 434 GLN A CA  1 
ATOM   114  C C   . GLN A 1 22 ? 22.492  5.514   31.796  1.00 32.40 ? 434 GLN A C   1 
ATOM   115  O O   . GLN A 1 22 ? 21.441  6.069   31.475  1.00 29.28 ? 434 GLN A O   1 
ATOM   116  C CB  . GLN A 1 22 ? 24.310  6.811   32.882  1.00 39.40 ? 434 GLN A CB  1 
ATOM   117  C CG  . GLN A 1 22 ? 23.818  8.176   32.423  1.00 48.61 ? 434 GLN A CG  1 
ATOM   118  C CD  . GLN A 1 22 ? 23.973  8.401   30.928  1.00 52.27 ? 434 GLN A CD  1 
ATOM   119  O OE1 . GLN A 1 22 ? 24.763  7.731   30.263  1.00 57.47 ? 434 GLN A OE1 1 
ATOM   120  N NE2 . GLN A 1 22 ? 23.217  9.351   30.396  1.00 56.45 ? 434 GLN A NE2 1 
ATOM   121  N N   . GLU A 1 23 ? 23.112  4.636   31.017  1.00 29.63 ? 435 GLU A N   1 
ATOM   122  C CA  . GLU A 1 23 ? 22.558  4.262   29.732  1.00 28.59 ? 435 GLU A CA  1 
ATOM   123  C C   . GLU A 1 23 ? 21.239  3.536   29.934  1.00 28.18 ? 435 GLU A C   1 
ATOM   124  O O   . GLU A 1 23 ? 20.295  3.711   29.160  1.00 28.80 ? 435 GLU A O   1 
ATOM   125  C CB  . GLU A 1 23 ? 23.537  3.374   28.983  1.00 27.65 ? 435 GLU A CB  1 
ATOM   126  C CG  . GLU A 1 23 ? 24.635  4.160   28.307  1.00 34.32 ? 435 GLU A CG  1 
ATOM   127  C CD  . GLU A 1 23 ? 25.552  3.277   27.501  1.00 38.26 ? 435 GLU A CD  1 
ATOM   128  O OE1 . GLU A 1 23 ? 25.158  2.125   27.214  1.00 38.09 ? 435 GLU A OE1 1 
ATOM   129  O OE2 . GLU A 1 23 ? 26.664  3.735   27.156  1.00 43.65 ? 435 GLU A OE2 1 
ATOM   130  N N   . VAL A 1 24 ? 21.179  2.725   30.984  1.00 25.49 ? 436 VAL A N   1 
ATOM   131  C CA  . VAL A 1 24 ? 19.972  1.981   31.303  1.00 21.95 ? 436 VAL A CA  1 
ATOM   132  C C   . VAL A 1 24 ? 18.875  2.958   31.737  1.00 23.96 ? 436 VAL A C   1 
ATOM   133  O O   . VAL A 1 24 ? 17.688  2.711   31.517  1.00 21.78 ? 436 VAL A O   1 
ATOM   134  C CB  . VAL A 1 24 ? 20.251  0.945   32.412  1.00 20.25 ? 436 VAL A CB  1 
ATOM   135  C CG1 . VAL A 1 24 ? 18.953  0.522   33.085  1.00 21.15 ? 436 VAL A CG1 1 
ATOM   136  C CG2 . VAL A 1 24 ? 20.963  -0.264  31.811  1.00 13.91 ? 436 VAL A CG2 1 
ATOM   137  N N   . ASN A 1 25 ? 19.275  4.074   32.342  1.00 22.69 ? 437 ASN A N   1 
ATOM   138  C CA  . ASN A 1 25 ? 18.312  5.088   32.771  1.00 24.17 ? 437 ASN A CA  1 
ATOM   139  C C   . ASN A 1 25 ? 17.742  5.778   31.528  1.00 22.99 ? 437 ASN A C   1 
ATOM   140  O O   . ASN A 1 25 ? 16.547  6.041   31.442  1.00 22.91 ? 437 ASN A O   1 
ATOM   141  C CB  . ASN A 1 25 ? 18.987  6.128   33.671  1.00 23.12 ? 437 ASN A CB  1 
ATOM   142  C CG  . ASN A 1 25 ? 19.159  5.648   35.100  1.00 25.39 ? 437 ASN A CG  1 
ATOM   143  O OD1 . ASN A 1 25 ? 19.957  6.207   35.859  1.00 25.13 ? 437 ASN A OD1 1 
ATOM   144  N ND2 . ASN A 1 25 ? 18.411  4.612   35.478  1.00 20.14 ? 437 ASN A ND2 1 
ATOM   145  N N   . THR A 1 26 ? 18.613  6.067   30.570  1.00 23.04 ? 438 THR A N   1 
ATOM   146  C CA  . THR A 1 26 ? 18.200  6.711   29.334  1.00 24.30 ? 438 THR A CA  1 
ATOM   147  C C   . THR A 1 26 ? 17.253  5.788   28.578  1.00 25.75 ? 438 THR A C   1 
ATOM   148  O O   . THR A 1 26 ? 16.223  6.227   28.067  1.00 30.36 ? 438 THR A O   1 
ATOM   149  C CB  . THR A 1 26 ? 19.413  7.025   28.443  1.00 26.31 ? 438 THR A CB  1 
ATOM   150  O OG1 . THR A 1 26 ? 20.297  7.918   29.136  1.00 26.99 ? 438 THR A OG1 1 
ATOM   151  C CG2 . THR A 1 26 ? 18.963  7.670   27.135  1.00 23.81 ? 438 THR A CG2 1 
ATOM   152  N N   . ALA A 1 27 ? 17.601  4.506   28.517  1.00 24.11 ? 439 ALA A N   1 
ATOM   153  C CA  . ALA A 1 27 ? 16.778  3.516   27.826  1.00 21.09 ? 439 ALA A CA  1 
ATOM   154  C C   . ALA A 1 27 ? 15.385  3.395   28.458  1.00 21.43 ? 439 ALA A C   1 
ATOM   155  O O   . ALA A 1 27 ? 14.374  3.345   27.753  1.00 19.48 ? 439 ALA A O   1 
ATOM   156  C CB  . ALA A 1 27 ? 17.484  2.162   27.831  1.00 16.28 ? 439 ALA A CB  1 
ATOM   157  N N   . LYS A 1 28 ? 15.336  3.352   29.786  1.00 18.44 ? 440 LYS A N   1 
ATOM   158  C CA  . LYS A 1 28 ? 14.070  3.260   30.510  1.00 18.89 ? 440 LYS A CA  1 
ATOM   159  C C   . LYS A 1 28 ? 13.188  4.441   30.118  1.00 17.44 ? 440 LYS A C   1 
ATOM   160  O O   . LYS A 1 28 ? 11.965  4.326   30.096  1.00 19.33 ? 440 LYS A O   1 
ATOM   161  C CB  . LYS A 1 28 ? 14.297  3.333   32.023  1.00 16.65 ? 440 LYS A CB  1 
ATOM   162  C CG  . LYS A 1 28 ? 14.718  2.051   32.694  1.00 24.03 ? 440 LYS A CG  1 
ATOM   163  C CD  . LYS A 1 28 ? 14.560  2.167   34.212  1.00 26.92 ? 440 LYS A CD  1 
ATOM   164  C CE  . LYS A 1 28 ? 15.713  2.947   34.837  1.00 30.83 ? 440 LYS A CE  1 
ATOM   165  N NZ  . LYS A 1 28 ? 15.354  3.586   36.139  1.00 32.10 ? 440 LYS A NZ  1 
ATOM   166  N N   . GLY A 1 29 ? 13.826  5.577   29.838  1.00 17.63 ? 441 GLY A N   1 
ATOM   167  C CA  . GLY A 1 29 ? 13.109  6.782   29.470  1.00 17.34 ? 441 GLY A CA  1 
ATOM   168  C C   . GLY A 1 29 ? 12.556  6.721   28.064  1.00 21.61 ? 441 GLY A C   1 
ATOM   169  O O   . GLY A 1 29 ? 11.409  7.097   27.825  1.00 20.32 ? 441 GLY A O   1 
ATOM   170  N N   . ASN A 1 30 ? 13.377  6.249   27.131  1.00 21.11 ? 442 ASN A N   1 
ATOM   171  C CA  . ASN A 1 30 ? 12.961  6.122   25.745  1.00 24.13 ? 442 ASN A CA  1 
ATOM   172  C C   . ASN A 1 30 ? 11.909  5.028   25.624  1.00 24.70 ? 442 ASN A C   1 
ATOM   173  O O   . ASN A 1 30 ? 11.060  5.061   24.727  1.00 23.34 ? 442 ASN A O   1 
ATOM   174  C CB  . ASN A 1 30 ? 14.164  5.791   24.873  1.00 25.85 ? 442 ASN A CB  1 
ATOM   175  C CG  . ASN A 1 30 ? 15.105  6.959   24.735  1.00 29.29 ? 442 ASN A CG  1 
ATOM   176  O OD1 . ASN A 1 30 ? 14.712  8.111   24.914  1.00 28.97 ? 442 ASN A OD1 1 
ATOM   177  N ND2 . ASN A 1 30 ? 16.362  6.670   24.419  1.00 33.89 ? 442 ASN A ND2 1 
ATOM   178  N N   . ILE A 1 31 ? 11.981  4.057   26.529  1.00 21.15 ? 443 ILE A N   1 
ATOM   179  C CA  . ILE A 1 31 ? 11.036  2.953   26.551  1.00 20.81 ? 443 ILE A CA  1 
ATOM   180  C C   . ILE A 1 31 ? 9.685   3.492   27.016  1.00 22.74 ? 443 ILE A C   1 
ATOM   181  O O   . ILE A 1 31 ? 8.643   3.137   26.471  1.00 25.33 ? 443 ILE A O   1 
ATOM   182  C CB  . ILE A 1 31 ? 11.521  1.834   27.503  1.00 21.21 ? 443 ILE A CB  1 
ATOM   183  C CG1 . ILE A 1 31 ? 12.702  1.097   26.861  1.00 21.35 ? 443 ILE A CG1 1 
ATOM   184  C CG2 . ILE A 1 31 ? 10.381  0.865   27.814  1.00 19.29 ? 443 ILE A CG2 1 
ATOM   185  C CD1 . ILE A 1 31 ? 13.081  -0.196  27.552  1.00 20.44 ? 443 ILE A CD1 1 
ATOM   186  N N   . SER A 1 32 ? 9.710   4.362   28.021  1.00 21.77 ? 444 SER A N   1 
ATOM   187  C CA  . SER A 1 32 ? 8.487   4.958   28.548  1.00 23.76 ? 444 SER A CA  1 
ATOM   188  C C   . SER A 1 32 ? 7.835   5.875   27.502  1.00 24.21 ? 444 SER A C   1 
ATOM   189  O O   . SER A 1 32 ? 6.611   5.916   27.361  1.00 21.48 ? 444 SER A O   1 
ATOM   190  C CB  . SER A 1 32 ? 8.800   5.751   29.819  1.00 22.37 ? 444 SER A CB  1 
ATOM   191  O OG  . SER A 1 32 ? 8.753   4.903   30.955  1.00 25.61 ? 444 SER A OG  1 
ATOM   192  N N   . SER A 1 33 ? 8.673   6.606   26.779  1.00 22.55 ? 445 SER A N   1 
ATOM   193  C CA  . SER A 1 33 ? 8.225   7.512   25.734  1.00 22.53 ? 445 SER A CA  1 
ATOM   194  C C   . SER A 1 33 ? 7.565   6.699   24.616  1.00 24.43 ? 445 SER A C   1 
ATOM   195  O O   . SER A 1 33 ? 6.504   7.064   24.117  1.00 25.14 ? 445 SER A O   1 
ATOM   196  C CB  . SER A 1 33 ? 9.423   8.288   25.187  1.00 18.97 ? 445 SER A CB  1 
ATOM   197  O OG  . SER A 1 33 ? 9.017   9.473   24.538  1.00 28.08 ? 445 SER A OG  1 
ATOM   198  N N   . LEU A 1 34 ? 8.203   5.593   24.235  1.00 22.75 ? 446 LEU A N   1 
ATOM   199  C CA  . LEU A 1 34 ? 7.701   4.708   23.188  1.00 21.24 ? 446 LEU A CA  1 
ATOM   200  C C   . LEU A 1 34 ? 6.326   4.160   23.546  1.00 21.41 ? 446 LEU A C   1 
ATOM   201  O O   . LEU A 1 34 ? 5.431   4.111   22.706  1.00 22.68 ? 446 LEU A O   1 
ATOM   202  C CB  . LEU A 1 34 ? 8.673   3.542   22.970  1.00 19.97 ? 446 LEU A CB  1 
ATOM   203  C CG  . LEU A 1 34 ? 9.786   3.769   21.944  1.00 18.11 ? 446 LEU A CG  1 
ATOM   204  C CD1 . LEU A 1 34 ? 10.828  2.678   22.068  1.00 20.71 ? 446 LEU A CD1 1 
ATOM   205  C CD2 . LEU A 1 34 ? 9.200   3.786   20.548  1.00 16.19 ? 446 LEU A CD2 1 
ATOM   206  N N   . GLN A 1 35 ? 6.169   3.754   24.801  1.00 20.21 ? 447 GLN A N   1 
ATOM   207  C CA  . GLN A 1 35 ? 4.914   3.199   25.295  1.00 22.51 ? 447 GLN A CA  1 
ATOM   208  C C   . GLN A 1 35 ? 3.771   4.206   25.220  1.00 23.64 ? 447 GLN A C   1 
ATOM   209  O O   . GLN A 1 35 ? 2.642   3.849   24.878  1.00 22.15 ? 447 GLN A O   1 
ATOM   210  C CB  . GLN A 1 35 ? 5.080   2.738   26.746  1.00 24.61 ? 447 GLN A CB  1 
ATOM   211  C CG  . GLN A 1 35 ? 6.091   1.622   26.933  1.00 23.99 ? 447 GLN A CG  1 
ATOM   212  C CD  . GLN A 1 35 ? 6.313   1.286   28.398  1.00 27.34 ? 447 GLN A CD  1 
ATOM   213  O OE1 . GLN A 1 35 ? 6.500   2.176   29.231  1.00 26.42 ? 447 GLN A OE1 1 
ATOM   214  N NE2 . GLN A 1 35 ? 6.288   -0.003  28.719  1.00 24.31 ? 447 GLN A NE2 1 
ATOM   215  N N   . GLY A 1 36 ? 4.065   5.458   25.561  1.00 20.67 ? 448 GLY A N   1 
ATOM   216  C CA  . GLY A 1 36 ? 3.047   6.486   25.517  1.00 21.41 ? 448 GLY A CA  1 
ATOM   217  C C   . GLY A 1 36 ? 2.649   6.801   24.082  1.00 22.69 ? 448 GLY A C   1 
ATOM   218  O O   . GLY A 1 36 ? 1.509   7.178   23.809  1.00 20.35 ? 448 GLY A O   1 
ATOM   219  N N   . ASP A 1 37 ? 3.589   6.638   23.157  1.00 21.18 ? 449 ASP A N   1 
ATOM   220  C CA  . ASP A 1 37 ? 3.327   6.916   21.751  1.00 16.80 ? 449 ASP A CA  1 
ATOM   221  C C   . ASP A 1 37 ? 2.532   5.806   21.095  1.00 18.97 ? 449 ASP A C   1 
ATOM   222  O O   . ASP A 1 37 ? 1.664   6.064   20.257  1.00 17.74 ? 449 ASP A O   1 
ATOM   223  C CB  . ASP A 1 37 ? 4.638   7.102   21.001  1.00 18.96 ? 449 ASP A CB  1 
ATOM   224  C CG  . ASP A 1 37 ? 5.188   8.499   21.139  1.00 17.51 ? 449 ASP A CG  1 
ATOM   225  O OD1 . ASP A 1 37 ? 4.559   9.322   21.836  1.00 22.61 ? 449 ASP A OD1 1 
ATOM   226  O OD2 . ASP A 1 37 ? 6.249   8.771   20.546  1.00 21.35 ? 449 ASP A OD2 1 
ATOM   227  N N   . VAL A 1 38 ? 2.833   4.569   21.480  1.00 18.48 ? 450 VAL A N   1 
ATOM   228  C CA  . VAL A 1 38 ? 2.161   3.396   20.935  1.00 15.18 ? 450 VAL A CA  1 
ATOM   229  C C   . VAL A 1 38 ? 0.735   3.330   21.469  1.00 19.17 ? 450 VAL A C   1 
ATOM   230  O O   . VAL A 1 38 ? -0.195  2.903   20.777  1.00 16.77 ? 450 VAL A O   1 
ATOM   231  C CB  . VAL A 1 38 ? 2.932   2.116   21.315  1.00 11.55 ? 450 VAL A CB  1 
ATOM   232  C CG1 . VAL A 1 38 ? 2.063   0.884   21.123  1.00 11.68 ? 450 VAL A CG1 1 
ATOM   233  C CG2 . VAL A 1 38 ? 4.182   2.016   20.463  1.00 9.99  ? 450 VAL A CG2 1 
ATOM   234  N N   . GLN A 1 39 ? 0.578   3.773   22.709  1.00 18.24 ? 451 GLN A N   1 
ATOM   235  C CA  . GLN A 1 39 ? -0.709  3.795   23.378  1.00 19.09 ? 451 GLN A CA  1 
ATOM   236  C C   . GLN A 1 39 ? -1.632  4.771   22.661  1.00 14.26 ? 451 GLN A C   1 
ATOM   237  O O   . GLN A 1 39 ? -2.797  4.479   22.418  1.00 12.49 ? 451 GLN A O   1 
ATOM   238  C CB  . GLN A 1 39 ? -0.501  4.230   24.824  1.00 21.66 ? 451 GLN A CB  1 
ATOM   239  C CG  . GLN A 1 39 ? -1.705  4.101   25.715  1.00 32.55 ? 451 GLN A CG  1 
ATOM   240  C CD  . GLN A 1 39 ? -1.413  4.618   27.104  1.00 39.62 ? 451 GLN A CD  1 
ATOM   241  O OE1 . GLN A 1 39 ? -2.163  5.429   27.648  1.00 43.17 ? 451 GLN A OE1 1 
ATOM   242  N NE2 . GLN A 1 39 ? -0.307  4.156   27.688  1.00 47.40 ? 451 GLN A NE2 1 
ATOM   243  N N   . ALA A 1 40 ? -1.096  5.936   22.326  1.00 13.69 ? 452 ALA A N   1 
ATOM   244  C CA  . ALA A 1 40 ? -1.863  6.958   21.629  1.00 17.31 ? 452 ALA A CA  1 
ATOM   245  C C   . ALA A 1 40 ? -2.240  6.487   20.218  1.00 17.34 ? 452 ALA A C   1 
ATOM   246  O O   . ALA A 1 40 ? -3.340  6.767   19.733  1.00 16.59 ? 452 ALA A O   1 
ATOM   247  C CB  . ALA A 1 40 ? -1.053  8.245   21.557  1.00 15.29 ? 452 ALA A CB  1 
ATOM   248  N N   . LEU A 1 41 ? -1.320  5.778   19.565  1.00 15.39 ? 453 LEU A N   1 
ATOM   249  C CA  . LEU A 1 41 ? -1.571  5.265   18.224  1.00 11.40 ? 453 LEU A CA  1 
ATOM   250  C C   . LEU A 1 41 ? -2.685  4.235   18.303  1.00 13.85 ? 453 LEU A C   1 
ATOM   251  O O   . LEU A 1 41 ? -3.537  4.152   17.416  1.00 12.87 ? 453 LEU A O   1 
ATOM   252  C CB  . LEU A 1 41 ? -0.302  4.628   17.641  1.00 7.04  ? 453 LEU A CB  1 
ATOM   253  C CG  . LEU A 1 41 ? 0.786   5.576   17.108  1.00 8.20  ? 453 LEU A CG  1 
ATOM   254  C CD1 . LEU A 1 41 ? 2.021   4.777   16.766  1.00 6.69  ? 453 LEU A CD1 1 
ATOM   255  C CD2 . LEU A 1 41 ? 0.292   6.315   15.865  1.00 8.66  ? 453 LEU A CD2 1 
ATOM   256  N N   . GLN A 1 42 ? -2.682  3.451   19.377  1.00 14.26 ? 454 GLN A N   1 
ATOM   257  C CA  . GLN A 1 42 ? -3.698  2.423   19.574  1.00 15.67 ? 454 GLN A CA  1 
ATOM   258  C C   . GLN A 1 42 ? -5.058  3.025   19.906  1.00 16.62 ? 454 GLN A C   1 
ATOM   259  O O   . GLN A 1 42 ? -6.089  2.469   19.539  1.00 21.43 ? 454 GLN A O   1 
ATOM   260  C CB  . GLN A 1 42 ? -3.291  1.478   20.708  1.00 12.54 ? 454 GLN A CB  1 
ATOM   261  C CG  . GLN A 1 42 ? -2.199  0.488   20.353  1.00 17.08 ? 454 GLN A CG  1 
ATOM   262  C CD  . GLN A 1 42 ? -1.606  -0.153  21.592  1.00 20.46 ? 454 GLN A CD  1 
ATOM   263  O OE1 . GLN A 1 42 ? -1.117  -1.286  21.561  1.00 20.70 ? 454 GLN A OE1 1 
ATOM   264  N NE2 . GLN A 1 42 ? -1.653  0.573   22.696  1.00 16.72 ? 454 GLN A NE2 1 
ATOM   265  N N   . GLU A 1 43 ? -5.054  4.160   20.601  1.00 18.54 ? 455 GLU A N   1 
ATOM   266  C CA  . GLU A 1 43 ? -6.284  4.831   21.003  1.00 20.43 ? 455 GLU A CA  1 
ATOM   267  C C   . GLU A 1 43 ? -6.854  5.766   19.936  1.00 19.20 ? 455 GLU A C   1 
ATOM   268  O O   . GLU A 1 43 ? -7.996  6.208   20.048  1.00 16.45 ? 455 GLU A O   1 
ATOM   269  C CB  . GLU A 1 43 ? -6.043  5.628   22.286  1.00 23.45 ? 455 GLU A CB  1 
ATOM   270  C CG  . GLU A 1 43 ? -5.761  4.767   23.504  1.00 29.41 ? 455 GLU A CG  1 
ATOM   271  C CD  . GLU A 1 43 ? -4.988  5.509   24.579  1.00 35.72 ? 455 GLU A CD  1 
ATOM   272  O OE1 . GLU A 1 43 ? -4.750  6.729   24.418  1.00 36.81 ? 455 GLU A OE1 1 
ATOM   273  O OE2 . GLU A 1 43 ? -4.620  4.866   25.587  1.00 37.04 ? 455 GLU A OE2 1 
ATOM   274  N N   . ALA A 1 44 ? -6.058  6.064   18.912  1.00 16.36 ? 456 ALA A N   1 
ATOM   275  C CA  . ALA A 1 44 ? -6.494  6.955   17.843  1.00 15.24 ? 456 ALA A CA  1 
ATOM   276  C C   . ALA A 1 44 ? -7.702  6.382   17.101  1.00 16.31 ? 456 ALA A C   1 
ATOM   277  O O   . ALA A 1 44 ? -8.467  7.121   16.492  1.00 16.17 ? 456 ALA A O   1 
ATOM   278  C CB  . ALA A 1 44 ? -5.350  7.197   16.879  1.00 16.94 ? 456 ALA A CB  1 
ATOM   279  N N   . GLY A 1 45 ? -7.862  5.063   17.161  1.00 15.92 ? 457 GLY A N   1 
ATOM   280  C CA  . GLY A 1 45 ? -8.979  4.406   16.505  1.00 18.36 ? 457 GLY A CA  1 
ATOM   281  C C   . GLY A 1 45 ? -8.938  4.450   14.989  1.00 16.78 ? 457 GLY A C   1 
ATOM   282  O O   . GLY A 1 45 ? -9.953  4.706   14.348  1.00 17.48 ? 457 GLY A O   1 
ATOM   283  N N   . TYR A 1 46 ? -7.772  4.200   14.407  1.00 12.20 ? 458 TYR A N   1 
ATOM   284  C CA  . TYR A 1 46 ? -7.657  4.229   12.961  1.00 10.89 ? 458 TYR A CA  1 
ATOM   285  C C   . TYR A 1 46 ? -8.502  3.130   12.352  1.00 12.44 ? 458 TYR A C   1 
ATOM   286  O O   . TYR A 1 46 ? -8.885  2.176   13.033  1.00 13.93 ? 458 TYR A O   1 
ATOM   287  C CB  . TYR A 1 46 ? -6.201  4.093   12.540  1.00 11.96 ? 458 TYR A CB  1 
ATOM   288  C CG  . TYR A 1 46 ? -5.358  5.240   13.030  1.00 11.35 ? 458 TYR A CG  1 
ATOM   289  C CD1 . TYR A 1 46 ? -5.851  6.544   13.007  1.00 13.38 ? 458 TYR A CD1 1 
ATOM   290  C CD2 . TYR A 1 46 ? -4.092  5.020   13.570  1.00 15.58 ? 458 TYR A CD2 1 
ATOM   291  C CE1 . TYR A 1 46 ? -5.117  7.597   13.510  1.00 12.77 ? 458 TYR A CE1 1 
ATOM   292  C CE2 . TYR A 1 46 ? -3.344  6.069   14.078  1.00 16.72 ? 458 TYR A CE2 1 
ATOM   293  C CZ  . TYR A 1 46 ? -3.865  7.355   14.046  1.00 17.92 ? 458 TYR A CZ  1 
ATOM   294  O OH  . TYR A 1 46 ? -3.145  8.402   14.562  1.00 23.30 ? 458 TYR A OH  1 
ATOM   295  N N   . ILE A 1 47 ? -8.790  3.270   11.064  1.00 15.15 ? 459 ILE A N   1 
ATOM   296  C CA  . ILE A 1 47 ? -9.630  2.304   10.360  1.00 16.47 ? 459 ILE A CA  1 
ATOM   297  C C   . ILE A 1 47 ? -8.872  1.423   9.365   1.00 12.56 ? 459 ILE A C   1 
ATOM   298  O O   . ILE A 1 47 ? -8.000  1.894   8.646   1.00 13.16 ? 459 ILE A O   1 
ATOM   299  C CB  . ILE A 1 47 ? -10.797 3.038   9.628   1.00 13.75 ? 459 ILE A CB  1 
ATOM   300  C CG1 . ILE A 1 47 ? -10.268 3.820   8.429   1.00 18.13 ? 459 ILE A CG1 1 
ATOM   301  C CG2 . ILE A 1 47 ? -11.474 4.014   10.580  1.00 9.17  ? 459 ILE A CG2 1 
ATOM   302  C CD1 . ILE A 1 47 ? -11.316 4.703   7.752   1.00 23.55 ? 459 ILE A CD1 1 
ATOM   303  N N   . PRO A 1 48 ? -9.198  0.121   9.322   1.00 12.20 ? 460 PRO A N   1 
ATOM   304  C CA  . PRO A 1 48 ? -8.497  -0.759  8.380   1.00 14.26 ? 460 PRO A CA  1 
ATOM   305  C C   . PRO A 1 48 ? -8.939  -0.537  6.925   1.00 13.16 ? 460 PRO A C   1 
ATOM   306  O O   . PRO A 1 48 ? -9.932  0.146   6.660   1.00 15.33 ? 460 PRO A O   1 
ATOM   307  C CB  . PRO A 1 48 ? -8.808  -2.174  8.886   1.00 16.88 ? 460 PRO A CB  1 
ATOM   308  C CG  . PRO A 1 48 ? -10.011 -2.044  9.758   1.00 13.75 ? 460 PRO A CG  1 
ATOM   309  C CD  . PRO A 1 48 ? -10.210 -0.591  10.124  1.00 10.95 ? 460 PRO A CD  1 
ATOM   310  N N   . GLU A 1 49 ? -8.187  -1.101  5.989   1.00 10.95 ? 461 GLU A N   1 
ATOM   311  C CA  . GLU A 1 49 ? -8.490  -0.955  4.577   1.00 9.03  ? 461 GLU A CA  1 
ATOM   312  C C   . GLU A 1 49 ? -9.856  -1.519  4.217   1.00 10.56 ? 461 GLU A C   1 
ATOM   313  O O   . GLU A 1 49 ? -10.364 -2.433  4.875   1.00 10.40 ? 461 GLU A O   1 
ATOM   314  C CB  . GLU A 1 49 ? -7.425  -1.664  3.738   1.00 12.18 ? 461 GLU A CB  1 
ATOM   315  C CG  . GLU A 1 49 ? -7.664  -1.577  2.240   1.00 13.72 ? 461 GLU A CG  1 
ATOM   316  C CD  . GLU A 1 49 ? -7.635  -0.150  1.743   1.00 14.42 ? 461 GLU A CD  1 
ATOM   317  O OE1 . GLU A 1 49 ? -6.525  0.414   1.636   1.00 15.35 ? 461 GLU A OE1 1 
ATOM   318  O OE2 . GLU A 1 49 ? -8.716  0.405   1.468   1.00 12.68 ? 461 GLU A OE2 1 
ATOM   319  N N   . ALA A 1 50 ? -10.449 -0.968  3.165   1.00 7.08  ? 462 ALA A N   1 
ATOM   320  C CA  . ALA A 1 50 ? -11.742 -1.438  2.704   1.00 9.30  ? 462 ALA A CA  1 
ATOM   321  C C   . ALA A 1 50 ? -11.455 -2.679  1.877   1.00 7.83  ? 462 ALA A C   1 
ATOM   322  O O   . ALA A 1 50 ? -10.314 -2.911  1.480   1.00 9.67  ? 462 ALA A O   1 
ATOM   323  C CB  . ALA A 1 50 ? -12.401 -0.378  1.846   1.00 6.89  ? 462 ALA A CB  1 
ATOM   324  N N   . PRO A 1 51 ? -12.473 -3.509  1.619   1.00 7.84  ? 463 PRO A N   1 
ATOM   325  C CA  . PRO A 1 51 ? -12.145 -4.682  0.815   1.00 7.31  ? 463 PRO A CA  1 
ATOM   326  C C   . PRO A 1 51 ? -11.580 -4.264  -0.531  1.00 7.24  ? 463 PRO A C   1 
ATOM   327  O O   . PRO A 1 51 ? -11.880 -3.180  -1.035  1.00 11.44 ? 463 PRO A O   1 
ATOM   328  C CB  . PRO A 1 51 ? -13.471 -5.419  0.689   1.00 8.32  ? 463 PRO A CB  1 
ATOM   329  C CG  . PRO A 1 51 ? -14.292 -4.920  1.859   1.00 9.04  ? 463 PRO A CG  1 
ATOM   330  C CD  . PRO A 1 51 ? -13.888 -3.487  2.017   1.00 9.23  ? 463 PRO A CD  1 
ATOM   331  N N   . ARG A 1 52 ? -10.724 -5.107  -1.089  1.00 8.85  ? 464 ARG A N   1 
ATOM   332  C CA  . ARG A 1 52 ? -10.140 -4.836  -2.397  1.00 7.53  ? 464 ARG A CA  1 
ATOM   333  C C   . ARG A 1 52 ? -10.856 -5.795  -3.329  1.00 7.90  ? 464 ARG A C   1 
ATOM   334  O O   . ARG A 1 52 ? -10.317 -6.826  -3.703  1.00 13.31 ? 464 ARG A O   1 
ATOM   335  C CB  . ARG A 1 52 ? -8.641  -5.122  -2.382  1.00 6.03  ? 464 ARG A CB  1 
ATOM   336  C CG  . ARG A 1 52 ? -7.886  -4.387  -1.282  1.00 8.74  ? 464 ARG A CG  1 
ATOM   337  C CD  . ARG A 1 52 ? -6.401  -4.348  -1.596  1.00 13.16 ? 464 ARG A CD  1 
ATOM   338  N NE  . ARG A 1 52 ? -5.575  -4.029  -0.435  1.00 17.00 ? 464 ARG A NE  1 
ATOM   339  C CZ  . ARG A 1 52 ? -5.493  -4.770  0.669   1.00 18.30 ? 464 ARG A CZ  1 
ATOM   340  N NH1 . ARG A 1 52 ? -6.187  -5.899  0.797   1.00 14.33 ? 464 ARG A NH1 1 
ATOM   341  N NH2 . ARG A 1 52 ? -4.708  -4.376  1.654   1.00 18.61 ? 464 ARG A NH2 1 
ATOM   342  N N   . ASP A 1 53 ? -12.088 -5.453  -3.691  1.00 11.72 ? 465 ASP A N   1 
ATOM   343  C CA  . ASP A 1 53 ? -12.901 -6.304  -4.549  1.00 9.20  ? 465 ASP A CA  1 
ATOM   344  C C   . ASP A 1 53 ? -13.478 -5.573  -5.749  1.00 11.05 ? 465 ASP A C   1 
ATOM   345  O O   . ASP A 1 53 ? -14.429 -6.049  -6.367  1.00 10.51 ? 465 ASP A O   1 
ATOM   346  C CB  . ASP A 1 53 ? -14.050 -6.885  -3.738  1.00 10.98 ? 465 ASP A CB  1 
ATOM   347  C CG  . ASP A 1 53 ? -14.881 -5.812  -3.078  1.00 4.45  ? 465 ASP A CG  1 
ATOM   348  O OD1 . ASP A 1 53 ? -14.725 -4.636  -3.466  1.00 6.17  ? 465 ASP A OD1 1 
ATOM   349  O OD2 . ASP A 1 53 ? -15.681 -6.141  -2.178  1.00 7.47  ? 465 ASP A OD2 1 
ATOM   350  N N   . GLY A 1 54 ? -12.916 -4.412  -6.063  1.00 10.38 ? 466 GLY A N   1 
ATOM   351  C CA  . GLY A 1 54 ? -13.387 -3.644  -7.196  1.00 10.74 ? 466 GLY A CA  1 
ATOM   352  C C   . GLY A 1 54 ? -14.621 -2.807  -6.926  1.00 12.32 ? 466 GLY A C   1 
ATOM   353  O O   . GLY A 1 54 ? -15.150 -2.187  -7.841  1.00 14.22 ? 466 GLY A O   1 
ATOM   354  N N   . GLN A 1 55 ? -15.083 -2.788  -5.680  1.00 10.16 ? 467 GLN A N   1 
ATOM   355  C CA  . GLN A 1 55 ? -16.262 -2.010  -5.304  1.00 10.24 ? 467 GLN A CA  1 
ATOM   356  C C   . GLN A 1 55 ? -15.902 -0.771  -4.501  1.00 8.50  ? 467 GLN A C   1 
ATOM   357  O O   . GLN A 1 55 ? -14.849 -0.728  -3.855  1.00 10.24 ? 467 GLN A O   1 
ATOM   358  C CB  . GLN A 1 55 ? -17.214 -2.862  -4.477  1.00 14.66 ? 467 GLN A CB  1 
ATOM   359  C CG  . GLN A 1 55 ? -17.385 -4.266  -4.997  1.00 24.90 ? 467 GLN A CG  1 
ATOM   360  C CD  . GLN A 1 55 ? -18.606 -4.390  -5.867  1.00 34.46 ? 467 GLN A CD  1 
ATOM   361  O OE1 . GLN A 1 55 ? -18.749 -3.668  -6.851  1.00 35.54 ? 467 GLN A OE1 1 
ATOM   362  N NE2 . GLN A 1 55 ? -19.504 -5.306  -5.507  1.00 39.03 ? 467 GLN A NE2 1 
ATOM   363  N N   . ALA A 1 56 ? -16.786 0.230   -4.546  1.00 7.45  ? 468 ALA A N   1 
ATOM   364  C CA  . ALA A 1 56 ? -16.601 1.484   -3.824  1.00 4.11  ? 468 ALA A CA  1 
ATOM   365  C C   . ALA A 1 56 ? -17.283 1.374   -2.472  1.00 5.44  ? 468 ALA A C   1 
ATOM   366  O O   . ALA A 1 56 ? -18.398 0.862   -2.359  1.00 6.57  ? 468 ALA A O   1 
ATOM   367  C CB  . ALA A 1 56 ? -17.185 2.653   -4.613  1.00 3.50  ? 468 ALA A CB  1 
ATOM   368  N N   . TYR A 1 57 ? -16.603 1.864   -1.443  1.00 5.28  ? 469 TYR A N   1 
ATOM   369  C CA  . TYR A 1 57 ? -17.123 1.793   -0.098  1.00 5.51  ? 469 TYR A CA  1 
ATOM   370  C C   . TYR A 1 57 ? -17.138 3.136   0.606   1.00 5.72  ? 469 TYR A C   1 
ATOM   371  O O   . TYR A 1 57 ? -16.297 4.001   0.351   1.00 8.68  ? 469 TYR A O   1 
ATOM   372  C CB  . TYR A 1 57 ? -16.272 0.827   0.735   1.00 8.36  ? 469 TYR A CB  1 
ATOM   373  C CG  . TYR A 1 57 ? -16.440 -0.636  0.391   1.00 7.92  ? 469 TYR A CG  1 
ATOM   374  C CD1 . TYR A 1 57 ? -15.686 -1.233  -0.618  1.00 6.09  ? 469 TYR A CD1 1 
ATOM   375  C CD2 . TYR A 1 57 ? -17.357 -1.420  1.076   1.00 5.20  ? 469 TYR A CD2 1 
ATOM   376  C CE1 . TYR A 1 57 ? -15.854 -2.584  -0.931  1.00 7.37  ? 469 TYR A CE1 1 
ATOM   377  C CE2 . TYR A 1 57 ? -17.533 -2.767  0.772   1.00 8.32  ? 469 TYR A CE2 1 
ATOM   378  C CZ  . TYR A 1 57 ? -16.789 -3.339  -0.227  1.00 3.54  ? 469 TYR A CZ  1 
ATOM   379  O OH  . TYR A 1 57 ? -17.036 -4.649  -0.558  1.00 5.74  ? 469 TYR A OH  1 
ATOM   380  N N   . VAL A 1 58 ? -18.091 3.281   1.515   1.00 5.91  ? 470 VAL A N   1 
ATOM   381  C CA  . VAL A 1 58 ? -18.224 4.474   2.338   1.00 5.83  ? 470 VAL A CA  1 
ATOM   382  C C   . VAL A 1 58 ? -18.177 3.943   3.772   1.00 7.14  ? 470 VAL A C   1 
ATOM   383  O O   . VAL A 1 58 ? -18.270 2.729   3.983   1.00 7.64  ? 470 VAL A O   1 
ATOM   384  C CB  . VAL A 1 58 ? -19.562 5.186   2.070   1.00 5.57  ? 470 VAL A CB  1 
ATOM   385  C CG1 . VAL A 1 58 ? -19.585 5.682   0.636   1.00 3.94  ? 470 VAL A CG1 1 
ATOM   386  C CG2 . VAL A 1 58 ? -20.713 4.242   2.313   1.00 7.30  ? 470 VAL A CG2 1 
ATOM   387  N N   . ARG A 1 59 ? -18.035 4.831   4.748   1.00 7.04  ? 471 ARG A N   1 
ATOM   388  C CA  . ARG A 1 59 ? -17.946 4.410   6.141   1.00 6.37  ? 471 ARG A CA  1 
ATOM   389  C C   . ARG A 1 59 ? -19.233 4.659   6.932   1.00 6.28  ? 471 ARG A C   1 
ATOM   390  O O   . ARG A 1 59 ? -19.810 5.751   6.890   1.00 6.82  ? 471 ARG A O   1 
ATOM   391  C CB  . ARG A 1 59 ? -16.751 5.117   6.814   1.00 11.43 ? 471 ARG A CB  1 
ATOM   392  C CG  . ARG A 1 59 ? -16.284 4.496   8.137   1.00 6.52  ? 471 ARG A CG  1 
ATOM   393  C CD  . ARG A 1 59 ? -15.621 3.135   7.941   1.00 9.89  ? 471 ARG A CD  1 
ATOM   394  N NE  . ARG A 1 59 ? -15.041 2.642   9.190   1.00 11.07 ? 471 ARG A NE  1 
ATOM   395  C CZ  . ARG A 1 59 ? -14.477 1.450   9.346   1.00 8.75  ? 471 ARG A CZ  1 
ATOM   396  N NH1 . ARG A 1 59 ? -14.410 0.606   8.327   1.00 6.13  ? 471 ARG A NH1 1 
ATOM   397  N NH2 . ARG A 1 59 ? -13.985 1.099   10.528  1.00 10.83 ? 471 ARG A NH2 1 
ATOM   398  N N   . LYS A 1 60 ? -19.676 3.633   7.656   1.00 5.61  ? 472 LYS A N   1 
ATOM   399  C CA  . LYS A 1 60 ? -20.891 3.719   8.459   1.00 9.59  ? 472 LYS A CA  1 
ATOM   400  C C   . LYS A 1 60 ? -20.854 2.736   9.620   1.00 9.97  ? 472 LYS A C   1 
ATOM   401  O O   . LYS A 1 60 ? -20.581 1.554   9.434   1.00 9.57  ? 472 LYS A O   1 
ATOM   402  C CB  . LYS A 1 60 ? -22.131 3.422   7.603   1.00 10.95 ? 472 LYS A CB  1 
ATOM   403  C CG  . LYS A 1 60 ? -23.456 3.491   8.368   1.00 10.05 ? 472 LYS A CG  1 
ATOM   404  C CD  . LYS A 1 60 ? -24.606 3.104   7.470   1.00 9.93  ? 472 LYS A CD  1 
ATOM   405  C CE  . LYS A 1 60 ? -25.699 2.383   8.249   1.00 16.68 ? 472 LYS A CE  1 
ATOM   406  N NZ  . LYS A 1 60 ? -27.028 2.555   7.594   1.00 19.37 ? 472 LYS A NZ  1 
ATOM   407  N N   . ASP A 1 61 ? -21.145 3.238   10.814  1.00 10.63 ? 473 ASP A N   1 
ATOM   408  C CA  . ASP A 1 61 ? -21.170 2.422   12.024  1.00 11.07 ? 473 ASP A CA  1 
ATOM   409  C C   . ASP A 1 61 ? -19.996 1.476   12.195  1.00 9.76  ? 473 ASP A C   1 
ATOM   410  O O   . ASP A 1 61 ? -20.182 0.288   12.461  1.00 11.38 ? 473 ASP A O   1 
ATOM   411  C CB  . ASP A 1 61 ? -22.474 1.631   12.093  1.00 10.06 ? 473 ASP A CB  1 
ATOM   412  C CG  . ASP A 1 61 ? -23.667 2.516   12.336  1.00 12.26 ? 473 ASP A CG  1 
ATOM   413  O OD1 . ASP A 1 61 ? -23.490 3.575   12.971  1.00 11.64 ? 473 ASP A OD1 1 
ATOM   414  O OD2 . ASP A 1 61 ? -24.778 2.164   11.890  1.00 16.77 ? 473 ASP A OD2 1 
ATOM   415  N N   . GLY A 1 62 ? -18.791 2.020   12.046  1.00 9.90  ? 474 GLY A N   1 
ATOM   416  C CA  . GLY A 1 62 ? -17.576 1.243   12.213  1.00 11.98 ? 474 GLY A CA  1 
ATOM   417  C C   . GLY A 1 62 ? -17.325 0.175   11.171  1.00 13.97 ? 474 GLY A C   1 
ATOM   418  O O   . GLY A 1 62 ? -16.602 -0.776  11.437  1.00 15.59 ? 474 GLY A O   1 
ATOM   419  N N   . GLU A 1 63 ? -17.913 0.323   9.983   1.00 14.49 ? 475 GLU A N   1 
ATOM   420  C CA  . GLU A 1 63 ? -17.723 -0.659  8.923   1.00 11.50 ? 475 GLU A CA  1 
ATOM   421  C C   . GLU A 1 63 ? -17.792 -0.018  7.547   1.00 11.34 ? 475 GLU A C   1 
ATOM   422  O O   . GLU A 1 63 ? -18.319 1.083   7.393   1.00 12.77 ? 475 GLU A O   1 
ATOM   423  C CB  . GLU A 1 63 ? -18.772 -1.778  9.030   1.00 12.63 ? 475 GLU A CB  1 
ATOM   424  C CG  . GLU A 1 63 ? -20.070 -1.535  8.275   1.00 29.22 ? 475 GLU A CG  1 
ATOM   425  C CD  . GLU A 1 63 ? -21.283 -1.393  9.193   1.00 38.07 ? 475 GLU A CD  1 
ATOM   426  O OE1 . GLU A 1 63 ? -21.240 -1.919  10.329  1.00 46.89 ? 475 GLU A OE1 1 
ATOM   427  O OE2 . GLU A 1 63 ? -22.280 -0.754  8.778   1.00 38.12 ? 475 GLU A OE2 1 
ATOM   428  N N   . TRP A 1 64 ? -17.225 -0.709  6.563   1.00 7.46  ? 476 TRP A N   1 
ATOM   429  C CA  . TRP A 1 64 ? -17.225 -0.258  5.184   1.00 7.87  ? 476 TRP A CA  1 
ATOM   430  C C   . TRP A 1 64 ? -18.502 -0.839  4.582   1.00 9.42  ? 476 TRP A C   1 
ATOM   431  O O   . TRP A 1 64 ? -18.721 -2.054  4.648   1.00 10.72 ? 476 TRP A O   1 
ATOM   432  C CB  . TRP A 1 64 ? -16.010 -0.824  4.434   1.00 12.91 ? 476 TRP A CB  1 
ATOM   433  C CG  . TRP A 1 64 ? -14.687 -0.212  4.822   1.00 13.23 ? 476 TRP A CG  1 
ATOM   434  C CD1 . TRP A 1 64 ? -13.660 -0.825  5.490   1.00 11.76 ? 476 TRP A CD1 1 
ATOM   435  C CD2 . TRP A 1 64 ? -14.259 1.120   4.557   1.00 12.80 ? 476 TRP A CD2 1 
ATOM   436  N NE1 . TRP A 1 64 ? -12.619 0.049   5.664   1.00 11.20 ? 476 TRP A NE1 1 
ATOM   437  C CE2 . TRP A 1 64 ? -12.952 1.254   5.099   1.00 12.33 ? 476 TRP A CE2 1 
ATOM   438  C CE3 . TRP A 1 64 ? -14.836 2.227   3.921   1.00 9.22  ? 476 TRP A CE3 1 
ATOM   439  C CZ2 . TRP A 1 64 ? -12.230 2.444   5.025   1.00 11.95 ? 476 TRP A CZ2 1 
ATOM   440  C CZ3 . TRP A 1 64 ? -14.115 3.407   3.839   1.00 10.65 ? 476 TRP A CZ3 1 
ATOM   441  C CH2 . TRP A 1 64 ? -12.821 3.505   4.390   1.00 11.81 ? 476 TRP A CH2 1 
ATOM   442  N N   . VAL A 1 65 ? -19.344 0.023   4.018   1.00 7.68  ? 477 VAL A N   1 
ATOM   443  C CA  . VAL A 1 65 ? -20.600 -0.397  3.397   1.00 7.68  ? 477 VAL A CA  1 
ATOM   444  C C   . VAL A 1 65 ? -20.531 0.003   1.927   1.00 8.38  ? 477 VAL A C   1 
ATOM   445  O O   . VAL A 1 65 ? -19.972 1.045   1.596   1.00 8.12  ? 477 VAL A O   1 
ATOM   446  C CB  . VAL A 1 65 ? -21.807 0.294   4.077   1.00 10.48 ? 477 VAL A CB  1 
ATOM   447  C CG1 . VAL A 1 65 ? -23.112 -0.075  3.366   1.00 12.54 ? 477 VAL A CG1 1 
ATOM   448  C CG2 . VAL A 1 65 ? -21.858 -0.110  5.546   1.00 12.44 ? 477 VAL A CG2 1 
ATOM   449  N N   . LEU A 1 66 ? -21.083 -0.829  1.048   1.00 7.37  ? 478 LEU A N   1 
ATOM   450  C CA  . LEU A 1 66 ? -21.055 -0.553  -0.391  1.00 10.79 ? 478 LEU A CA  1 
ATOM   451  C C   . LEU A 1 66 ? -21.784 0.752   -0.734  1.00 7.16  ? 478 LEU A C   1 
ATOM   452  O O   . LEU A 1 66 ? -22.924 0.967   -0.332  1.00 7.89  ? 478 LEU A O   1 
ATOM   453  C CB  . LEU A 1 66 ? -21.678 -1.727  -1.169  1.00 13.34 ? 478 LEU A CB  1 
ATOM   454  C CG  . LEU A 1 66 ? -20.916 -3.067  -1.218  1.00 15.32 ? 478 LEU A CG  1 
ATOM   455  C CD1 . LEU A 1 66 ? -21.842 -4.188  -1.687  1.00 17.52 ? 478 LEU A CD1 1 
ATOM   456  C CD2 . LEU A 1 66 ? -19.737 -2.952  -2.165  1.00 10.83 ? 478 LEU A CD2 1 
ATOM   457  N N   . LEU A 1 67 ? -21.110 1.627   -1.467  1.00 6.75  ? 479 LEU A N   1 
ATOM   458  C CA  . LEU A 1 67 ? -21.698 2.903   -1.857  1.00 9.79  ? 479 LEU A CA  1 
ATOM   459  C C   . LEU A 1 67 ? -22.986 2.746   -2.688  1.00 11.19 ? 479 LEU A C   1 
ATOM   460  O O   . LEU A 1 67 ? -23.946 3.499   -2.512  1.00 9.54  ? 479 LEU A O   1 
ATOM   461  C CB  . LEU A 1 67 ? -20.677 3.718   -2.655  1.00 9.84  ? 479 LEU A CB  1 
ATOM   462  C CG  . LEU A 1 67 ? -21.230 4.836   -3.533  1.00 8.74  ? 479 LEU A CG  1 
ATOM   463  C CD1 . LEU A 1 67 ? -21.636 6.006   -2.656  1.00 7.79  ? 479 LEU A CD1 1 
ATOM   464  C CD2 . LEU A 1 67 ? -20.175 5.238   -4.566  1.00 4.93  ? 479 LEU A CD2 1 
ATOM   465  N N   . SER A 1 68 ? -22.994 1.770   -3.593  1.00 13.82 ? 480 SER A N   1 
ATOM   466  C CA  . SER A 1 68 ? -24.149 1.539   -4.461  1.00 18.02 ? 480 SER A CA  1 
ATOM   467  C C   . SER A 1 68 ? -25.401 1.256   -3.645  1.00 17.00 ? 480 SER A C   1 
ATOM   468  O O   . SER A 1 68 ? -26.518 1.435   -4.115  1.00 17.05 ? 480 SER A O   1 
ATOM   469  C CB  . SER A 1 68 ? -23.869 0.374   -5.420  1.00 21.41 ? 480 SER A CB  1 
ATOM   470  O OG  . SER A 1 68 ? -22.966 0.771   -6.442  1.00 25.57 ? 480 SER A OG  1 
ATOM   471  N N   . THR A 1 69 ? -25.192 0.820   -2.411  1.00 17.54 ? 481 THR A N   1 
ATOM   472  C CA  . THR A 1 69 ? -26.274 0.509   -1.488  1.00 17.39 ? 481 THR A CA  1 
ATOM   473  C C   . THR A 1 69 ? -27.140 1.744   -1.235  1.00 16.16 ? 481 THR A C   1 
ATOM   474  O O   . THR A 1 69 ? -28.331 1.630   -0.925  1.00 13.63 ? 481 THR A O   1 
ATOM   475  C CB  . THR A 1 69 ? -25.677 -0.023  -0.146  1.00 18.18 ? 481 THR A CB  1 
ATOM   476  O OG1 . THR A 1 69 ? -25.508 -1.445  -0.241  1.00 23.52 ? 481 THR A OG1 1 
ATOM   477  C CG2 . THR A 1 69 ? -26.566 0.306   1.043   1.00 20.60 ? 481 THR A CG2 1 
ATOM   478  N N   . PHE A 1 70 ? -26.531 2.918   -1.379  1.00 14.66 ? 482 PHE A N   1 
ATOM   479  C CA  . PHE A 1 70 ? -27.214 4.194   -1.164  1.00 17.28 ? 482 PHE A CA  1 
ATOM   480  C C   . PHE A 1 70 ? -27.557 4.894   -2.462  1.00 16.15 ? 482 PHE A C   1 
ATOM   481  O O   . PHE A 1 70 ? -28.204 5.937   -2.451  1.00 15.69 ? 482 PHE A O   1 
ATOM   482  C CB  . PHE A 1 70 ? -26.344 5.123   -0.321  1.00 16.14 ? 482 PHE A CB  1 
ATOM   483  C CG  . PHE A 1 70 ? -25.913 4.520   0.972   1.00 15.62 ? 482 PHE A CG  1 
ATOM   484  C CD1 . PHE A 1 70 ? -26.720 4.621   2.099   1.00 15.59 ? 482 PHE A CD1 1 
ATOM   485  C CD2 . PHE A 1 70 ? -24.710 3.824   1.062   1.00 15.18 ? 482 PHE A CD2 1 
ATOM   486  C CE1 . PHE A 1 70 ? -26.340 4.036   3.300   1.00 14.35 ? 482 PHE A CE1 1 
ATOM   487  C CE2 . PHE A 1 70 ? -24.318 3.233   2.260   1.00 14.99 ? 482 PHE A CE2 1 
ATOM   488  C CZ  . PHE A 1 70 ? -25.136 3.339   3.381   1.00 17.13 ? 482 PHE A CZ  1 
ATOM   489  N N   . LEU A 1 71 ? -27.087 4.339   -3.571  1.00 17.66 ? 483 LEU A N   1 
ATOM   490  C CA  . LEU A 1 71 ? -27.377 4.904   -4.882  1.00 25.51 ? 483 LEU A CA  1 
ATOM   491  C C   . LEU A 1 71 ? -28.432 3.976   -5.479  1.00 32.37 ? 483 LEU A C   1 
ATOM   492  O O   . LEU A 1 71 ? -28.372 3.609   -6.649  1.00 36.36 ? 483 LEU A O   1 
ATOM   493  C CB  . LEU A 1 71 ? -26.118 4.926   -5.754  1.00 22.37 ? 483 LEU A CB  1 
ATOM   494  C CG  . LEU A 1 71 ? -24.979 5.840   -5.292  1.00 18.82 ? 483 LEU A CG  1 
ATOM   495  C CD1 . LEU A 1 71 ? -23.842 5.732   -6.285  1.00 18.50 ? 483 LEU A CD1 1 
ATOM   496  C CD2 . LEU A 1 71 ? -25.456 7.287   -5.182  1.00 19.83 ? 483 LEU A CD2 1 
ATOM   497  N N   . SER A 1 72 ? -29.368 3.603   -4.610  1.00 39.36 ? 484 SER A N   1 
ATOM   498  C CA  . SER A 1 72 ? -30.487 2.726   -4.886  1.00 46.26 ? 484 SER A CA  1 
ATOM   499  C C   . SER A 1 72 ? -31.352 2.906   -3.666  1.00 54.07 ? 484 SER A C   1 
ATOM   500  O O   . SER A 1 72 ? -30.841 3.264   -2.581  1.00 55.95 ? 484 SER A O   1 
ATOM   501  C CB  . SER A 1 72 ? -30.052 1.261   -4.977  1.00 46.26 ? 484 SER A CB  1 
ATOM   502  O OG  . SER A 1 72 ? -28.995 1.081   -5.915  1.00 50.11 ? 484 SER A OG  1 
ATOM   503  N N   . PRO A 1 73 ? -32.660 2.638   -3.764  1.00 60.89 ? 485 PRO A N   1 
ATOM   504  C CA  . PRO A 1 73 ? -33.475 2.832   -2.551  1.00 65.46 ? 485 PRO A CA  1 
ATOM   505  C C   . PRO A 1 73 ? -33.078 1.871   -1.438  1.00 68.60 ? 485 PRO A C   1 
ATOM   506  O O   . PRO A 1 73 ? -32.838 2.280   -0.293  1.00 71.62 ? 485 PRO A O   1 
ATOM   507  C CB  . PRO A 1 73 ? -34.892 2.599   -3.037  1.00 65.59 ? 485 PRO A CB  1 
ATOM   508  C CG  . PRO A 1 73 ? -34.734 1.682   -4.214  1.00 64.54 ? 485 PRO A CG  1 
ATOM   509  C CD  . PRO A 1 73 ? -33.444 2.092   -4.884  1.00 62.97 ? 485 PRO A CD  1 
ATOM   510  N N   . ALA A 1 74 ? -32.998 0.588   -1.775  1.00 70.04 ? 486 ALA A N   1 
ATOM   511  C CA  . ALA A 1 74 ? -32.690 -0.487  -0.839  1.00 72.70 ? 486 ALA A CA  1 
ATOM   512  C C   . ALA A 1 74 ? -31.345 -1.217  -1.029  1.00 74.91 ? 486 ALA A C   1 
ATOM   513  O O   . ALA A 1 74 ? -30.559 -1.253  -0.052  1.00 75.45 ? 486 ALA A O   1 
ATOM   514  C CB  . ALA A 1 74 ? -33.822 -1.512  -0.885  1.00 72.19 ? 486 ALA A CB  1 
ATOM   515  O OXT . ALA A 1 74 ? -31.130 -1.758  -2.125  1.00 77.91 ? 486 ALA A OXT 1 
ATOM   516  N N   . VAL B 1 20 ? -41.924 -8.801  -41.885 1.00 74.30 ? 432 VAL B N   1 
ATOM   517  C CA  . VAL B 1 20 ? -41.379 -8.073  -40.746 1.00 75.56 ? 432 VAL B CA  1 
ATOM   518  C C   . VAL B 1 20 ? -41.622 -8.835  -39.451 1.00 77.38 ? 432 VAL B C   1 
ATOM   519  O O   . VAL B 1 20 ? -40.703 -9.017  -38.648 1.00 78.94 ? 432 VAL B O   1 
ATOM   520  C CB  . VAL B 1 20 ? -42.018 -6.682  -40.611 1.00 74.70 ? 432 VAL B CB  1 
ATOM   521  C CG1 . VAL B 1 20 ? -41.187 -5.817  -39.671 1.00 74.34 ? 432 VAL B CG1 1 
ATOM   522  C CG2 . VAL B 1 20 ? -42.134 -6.033  -41.976 1.00 74.87 ? 432 VAL B CG2 1 
ATOM   523  N N   . ARG B 1 21 ? -42.864 -9.274  -39.255 1.00 77.24 ? 433 ARG B N   1 
ATOM   524  C CA  . ARG B 1 21 ? -43.240 -10.022 -38.059 1.00 75.83 ? 433 ARG B CA  1 
ATOM   525  C C   . ARG B 1 21 ? -42.384 -11.277 -37.914 1.00 75.49 ? 433 ARG B C   1 
ATOM   526  O O   . ARG B 1 21 ? -42.180 -11.773 -36.806 1.00 74.74 ? 433 ARG B O   1 
ATOM   527  C CB  . ARG B 1 21 ? -44.713 -10.402 -38.121 1.00 75.71 ? 433 ARG B CB  1 
ATOM   528  N N   . GLN B 1 22 ? -41.892 -11.788 -39.041 1.00 74.63 ? 434 GLN B N   1 
ATOM   529  C CA  . GLN B 1 22 ? -41.047 -12.975 -39.034 1.00 73.89 ? 434 GLN B CA  1 
ATOM   530  C C   . GLN B 1 22 ? -39.651 -12.568 -38.586 1.00 72.69 ? 434 GLN B C   1 
ATOM   531  O O   . GLN B 1 22 ? -39.070 -13.185 -37.693 1.00 73.29 ? 434 GLN B O   1 
ATOM   532  C CB  . GLN B 1 22 ? -40.981 -13.594 -40.434 1.00 76.06 ? 434 GLN B CB  1 
ATOM   533  C CG  . GLN B 1 22 ? -39.989 -14.748 -40.565 1.00 75.99 ? 434 GLN B CG  1 
ATOM   534  C CD  . GLN B 1 22 ? -39.231 -14.722 -41.881 1.00 76.26 ? 434 GLN B CD  1 
ATOM   535  O OE1 . GLN B 1 22 ? -39.038 -13.662 -42.479 1.00 75.47 ? 434 GLN B OE1 1 
ATOM   536  N NE2 . GLN B 1 22 ? -38.797 -15.892 -42.338 1.00 75.83 ? 434 GLN B NE2 1 
ATOM   537  N N   . GLU B 1 23 ? -39.122 -11.522 -39.213 1.00 70.09 ? 435 GLU B N   1 
ATOM   538  C CA  . GLU B 1 23 ? -37.797 -11.021 -38.880 1.00 66.86 ? 435 GLU B CA  1 
ATOM   539  C C   . GLU B 1 23 ? -37.763 -10.553 -37.430 1.00 64.71 ? 435 GLU B C   1 
ATOM   540  O O   . GLU B 1 23 ? -36.703 -10.513 -36.811 1.00 67.14 ? 435 GLU B O   1 
ATOM   541  C CB  . GLU B 1 23 ? -37.422 -9.862  -39.807 1.00 67.83 ? 435 GLU B CB  1 
ATOM   542  C CG  . GLU B 1 23 ? -37.048 -10.297 -41.215 1.00 73.41 ? 435 GLU B CG  1 
ATOM   543  C CD  . GLU B 1 23 ? -35.546 -10.393 -41.419 1.00 75.74 ? 435 GLU B CD  1 
ATOM   544  O OE1 . GLU B 1 23 ? -34.844 -9.395  -41.149 1.00 76.29 ? 435 GLU B OE1 1 
ATOM   545  O OE2 . GLU B 1 23 ? -35.069 -11.466 -41.849 1.00 77.24 ? 435 GLU B OE2 1 
ATOM   546  N N   . VAL B 1 24 ? -38.927 -10.204 -36.891 1.00 60.30 ? 436 VAL B N   1 
ATOM   547  C CA  . VAL B 1 24 ? -39.029 -9.744  -35.509 1.00 56.82 ? 436 VAL B CA  1 
ATOM   548  C C   . VAL B 1 24 ? -39.073 -10.946 -34.566 1.00 59.35 ? 436 VAL B C   1 
ATOM   549  O O   . VAL B 1 24 ? -38.763 -10.836 -33.377 1.00 59.99 ? 436 VAL B O   1 
ATOM   550  C CB  . VAL B 1 24 ? -40.303 -8.863  -35.311 1.00 52.24 ? 436 VAL B CB  1 
ATOM   551  C CG1 . VAL B 1 24 ? -40.812 -8.953  -33.879 1.00 45.62 ? 436 VAL B CG1 1 
ATOM   552  C CG2 . VAL B 1 24 ? -39.988 -7.421  -35.660 1.00 47.34 ? 436 VAL B CG2 1 
ATOM   553  N N   . ASN B 1 25 ? -39.441 -12.102 -35.107 1.00 59.61 ? 437 ASN B N   1 
ATOM   554  C CA  . ASN B 1 25 ? -39.526 -13.310 -34.302 1.00 61.81 ? 437 ASN B CA  1 
ATOM   555  C C   . ASN B 1 25 ? -38.176 -14.002 -34.115 1.00 61.62 ? 437 ASN B C   1 
ATOM   556  O O   . ASN B 1 25 ? -37.944 -14.644 -33.089 1.00 62.96 ? 437 ASN B O   1 
ATOM   557  C CB  . ASN B 1 25 ? -40.549 -14.272 -34.911 1.00 62.96 ? 437 ASN B CB  1 
ATOM   558  C CG  . ASN B 1 25 ? -41.944 -14.066 -34.343 1.00 64.74 ? 437 ASN B CG  1 
ATOM   559  O OD1 . ASN B 1 25 ? -42.724 -13.259 -34.856 1.00 64.69 ? 437 ASN B OD1 1 
ATOM   560  N ND2 . ASN B 1 25 ? -42.263 -14.790 -33.276 1.00 64.12 ? 437 ASN B ND2 1 
ATOM   561  N N   . THR B 1 26 ? -37.291 -13.887 -35.101 1.00 60.78 ? 438 THR B N   1 
ATOM   562  C CA  . THR B 1 26 ? -35.965 -14.489 -34.973 1.00 61.17 ? 438 THR B CA  1 
ATOM   563  C C   . THR B 1 26 ? -35.172 -13.555 -34.064 1.00 62.37 ? 438 THR B C   1 
ATOM   564  O O   . THR B 1 26 ? -34.354 -13.994 -33.252 1.00 63.05 ? 438 THR B O   1 
ATOM   565  C CB  . THR B 1 26 ? -35.234 -14.599 -36.329 1.00 60.78 ? 438 THR B CB  1 
ATOM   566  O OG1 . THR B 1 26 ? -34.975 -13.288 -36.845 1.00 61.87 ? 438 THR B OG1 1 
ATOM   567  C CG2 . THR B 1 26 ? -36.069 -15.383 -37.326 1.00 62.77 ? 438 THR B CG2 1 
ATOM   568  N N   . ALA B 1 27 ? -35.432 -12.258 -34.208 1.00 60.09 ? 439 ALA B N   1 
ATOM   569  C CA  . ALA B 1 27 ? -34.770 -11.246 -33.400 1.00 56.78 ? 439 ALA B CA  1 
ATOM   570  C C   . ALA B 1 27 ? -35.211 -11.404 -31.949 1.00 56.48 ? 439 ALA B C   1 
ATOM   571  O O   . ALA B 1 27 ? -34.436 -11.166 -31.025 1.00 56.28 ? 439 ALA B O   1 
ATOM   572  C CB  . ALA B 1 27 ? -35.130 -9.862  -33.909 1.00 55.95 ? 439 ALA B CB  1 
ATOM   573  N N   . LYS B 1 28 ? -36.463 -11.811 -31.760 1.00 56.23 ? 440 LYS B N   1 
ATOM   574  C CA  . LYS B 1 28 ? -37.031 -12.007 -30.430 1.00 55.65 ? 440 LYS B CA  1 
ATOM   575  C C   . LYS B 1 28 ? -36.299 -13.107 -29.668 1.00 55.46 ? 440 LYS B C   1 
ATOM   576  O O   . LYS B 1 28 ? -36.090 -13.007 -28.459 1.00 51.93 ? 440 LYS B O   1 
ATOM   577  C CB  . LYS B 1 28 ? -38.513 -12.372 -30.542 1.00 57.69 ? 440 LYS B CB  1 
ATOM   578  C CG  . LYS B 1 28 ? -39.459 -11.182 -30.545 1.00 59.27 ? 440 LYS B CG  1 
ATOM   579  C CD  . LYS B 1 28 ? -39.620 -10.608 -29.148 1.00 58.55 ? 440 LYS B CD  1 
ATOM   580  C CE  . LYS B 1 28 ? -40.599 -9.450  -29.142 1.00 57.62 ? 440 LYS B CE  1 
ATOM   581  N NZ  . LYS B 1 28 ? -39.935 -8.187  -28.718 1.00 59.31 ? 440 LYS B NZ  1 
ATOM   582  N N   . GLY B 1 29 ? -35.922 -14.160 -30.385 1.00 57.54 ? 441 GLY B N   1 
ATOM   583  C CA  . GLY B 1 29 ? -35.226 -15.270 -29.765 1.00 58.39 ? 441 GLY B CA  1 
ATOM   584  C C   . GLY B 1 29 ? -33.771 -14.947 -29.513 1.00 58.77 ? 441 GLY B C   1 
ATOM   585  O O   . GLY B 1 29 ? -33.177 -15.436 -28.550 1.00 61.23 ? 441 GLY B O   1 
ATOM   586  N N   . ASN B 1 30 ? -33.199 -14.116 -30.380 1.00 57.68 ? 442 ASN B N   1 
ATOM   587  C CA  . ASN B 1 30 ? -31.802 -13.708 -30.261 1.00 55.50 ? 442 ASN B CA  1 
ATOM   588  C C   . ASN B 1 30 ? -31.580 -12.796 -29.055 1.00 52.66 ? 442 ASN B C   1 
ATOM   589  O O   . ASN B 1 30 ? -30.460 -12.668 -28.559 1.00 52.32 ? 442 ASN B O   1 
ATOM   590  C CB  . ASN B 1 30 ? -31.354 -12.987 -31.538 1.00 53.62 ? 442 ASN B CB  1 
ATOM   591  C CG  . ASN B 1 30 ? -31.167 -13.934 -32.706 1.00 52.89 ? 442 ASN B CG  1 
ATOM   592  O OD1 . ASN B 1 30 ? -31.703 -15.042 -32.712 1.00 53.54 ? 442 ASN B OD1 1 
ATOM   593  N ND2 . ASN B 1 30 ? -30.400 -13.503 -33.702 1.00 51.30 ? 442 ASN B ND2 1 
ATOM   594  N N   . ILE B 1 31 ? -32.652 -12.168 -28.585 1.00 48.60 ? 443 ILE B N   1 
ATOM   595  C CA  . ILE B 1 31 ? -32.560 -11.269 -27.446 1.00 48.54 ? 443 ILE B CA  1 
ATOM   596  C C   . ILE B 1 31 ? -32.667 -12.016 -26.119 1.00 50.95 ? 443 ILE B C   1 
ATOM   597  O O   . ILE B 1 31 ? -31.767 -11.946 -25.284 1.00 51.19 ? 443 ILE B O   1 
ATOM   598  C CB  . ILE B 1 31 ? -33.657 -10.182 -27.507 1.00 44.48 ? 443 ILE B CB  1 
ATOM   599  C CG1 . ILE B 1 31 ? -33.347 -9.212  -28.647 1.00 44.17 ? 443 ILE B CG1 1 
ATOM   600  C CG2 . ILE B 1 31 ? -33.737 -9.432  -26.180 1.00 41.51 ? 443 ILE B CG2 1 
ATOM   601  C CD1 . ILE B 1 31 ? -34.288 -8.035  -28.723 1.00 41.11 ? 443 ILE B CD1 1 
ATOM   602  N N   . SER B 1 32 ? -33.772 -12.724 -25.924 1.00 52.87 ? 444 SER B N   1 
ATOM   603  C CA  . SER B 1 32 ? -33.980 -13.474 -24.692 1.00 52.01 ? 444 SER B CA  1 
ATOM   604  C C   . SER B 1 32 ? -32.794 -14.393 -24.439 1.00 50.21 ? 444 SER B C   1 
ATOM   605  O O   . SER B 1 32 ? -32.375 -14.568 -23.297 1.00 49.26 ? 444 SER B O   1 
ATOM   606  C CB  . SER B 1 32 ? -35.268 -14.297 -24.782 1.00 54.56 ? 444 SER B CB  1 
ATOM   607  O OG  . SER B 1 32 ? -36.391 -13.523 -24.393 1.00 55.03 ? 444 SER B OG  1 
ATOM   608  N N   . SER B 1 33 ? -32.258 -14.974 -25.511 1.00 47.99 ? 445 SER B N   1 
ATOM   609  C CA  . SER B 1 33 ? -31.111 -15.870 -25.413 1.00 45.50 ? 445 SER B CA  1 
ATOM   610  C C   . SER B 1 33 ? -29.857 -15.059 -25.077 1.00 47.33 ? 445 SER B C   1 
ATOM   611  O O   . SER B 1 33 ? -29.091 -15.420 -24.181 1.00 47.37 ? 445 SER B O   1 
ATOM   612  C CB  . SER B 1 33 ? -30.921 -16.627 -26.730 1.00 41.78 ? 445 SER B CB  1 
ATOM   613  O OG  . SER B 1 33 ? -29.666 -16.341 -27.317 1.00 40.76 ? 445 SER B OG  1 
ATOM   614  N N   . LEU B 1 34 ? -29.654 -13.962 -25.801 1.00 46.18 ? 446 LEU B N   1 
ATOM   615  C CA  . LEU B 1 34 ? -28.516 -13.089 -25.553 1.00 43.52 ? 446 LEU B CA  1 
ATOM   616  C C   . LEU B 1 34 ? -28.571 -12.735 -24.072 1.00 45.23 ? 446 LEU B C   1 
ATOM   617  O O   . LEU B 1 34 ? -27.555 -12.759 -23.375 1.00 45.60 ? 446 LEU B O   1 
ATOM   618  C CB  . LEU B 1 34 ? -28.646 -11.806 -26.375 1.00 42.84 ? 446 LEU B CB  1 
ATOM   619  C CG  . LEU B 1 34 ? -27.778 -11.597 -27.617 1.00 41.99 ? 446 LEU B CG  1 
ATOM   620  C CD1 . LEU B 1 34 ? -28.212 -10.311 -28.302 1.00 39.46 ? 446 LEU B CD1 1 
ATOM   621  C CD2 . LEU B 1 34 ? -26.308 -11.528 -27.232 1.00 42.52 ? 446 LEU B CD2 1 
ATOM   622  N N   . GLN B 1 35 ? -29.778 -12.411 -23.610 1.00 44.96 ? 447 GLN B N   1 
ATOM   623  C CA  . GLN B 1 35 ? -30.030 -12.042 -22.219 1.00 44.45 ? 447 GLN B CA  1 
ATOM   624  C C   . GLN B 1 35 ? -29.672 -13.188 -21.275 1.00 45.03 ? 447 GLN B C   1 
ATOM   625  O O   . GLN B 1 35 ? -29.303 -12.963 -20.118 1.00 44.18 ? 447 GLN B O   1 
ATOM   626  C CB  . GLN B 1 35 ? -31.504 -11.643 -22.038 1.00 43.32 ? 447 GLN B CB  1 
ATOM   627  C CG  . GLN B 1 35 ? -31.812 -10.217 -22.508 1.00 43.24 ? 447 GLN B CG  1 
ATOM   628  C CD  . GLN B 1 35 ? -33.270 -9.825  -22.338 1.00 37.17 ? 447 GLN B CD  1 
ATOM   629  O OE1 . GLN B 1 35 ? -34.174 -10.591 -22.669 1.00 36.45 ? 447 GLN B OE1 1 
ATOM   630  N NE2 . GLN B 1 35 ? -33.502 -8.621  -21.821 1.00 29.46 ? 447 GLN B NE2 1 
ATOM   631  N N   . GLY B 1 36 ? -29.783 -14.414 -21.777 1.00 43.20 ? 448 GLY B N   1 
ATOM   632  C CA  . GLY B 1 36 ? -29.447 -15.572 -20.973 1.00 44.49 ? 448 GLY B CA  1 
ATOM   633  C C   . GLY B 1 36 ? -27.940 -15.711 -20.917 1.00 44.70 ? 448 GLY B C   1 
ATOM   634  O O   . GLY B 1 36 ? -27.374 -16.082 -19.888 1.00 46.36 ? 448 GLY B O   1 
ATOM   635  N N   . ASP B 1 37 ? -27.287 -15.402 -22.033 1.00 44.22 ? 449 ASP B N   1 
ATOM   636  C CA  . ASP B 1 37 ? -25.834 -15.478 -22.127 1.00 42.47 ? 449 ASP B CA  1 
ATOM   637  C C   . ASP B 1 37 ? -25.175 -14.389 -21.271 1.00 41.53 ? 449 ASP B C   1 
ATOM   638  O O   . ASP B 1 37 ? -24.128 -14.617 -20.668 1.00 41.81 ? 449 ASP B O   1 
ATOM   639  C CB  . ASP B 1 37 ? -25.392 -15.338 -23.590 1.00 40.15 ? 449 ASP B CB  1 
ATOM   640  C CG  . ASP B 1 37 ? -25.230 -16.685 -24.291 1.00 39.20 ? 449 ASP B CG  1 
ATOM   641  O OD1 . ASP B 1 37 ? -25.841 -17.681 -23.847 1.00 38.22 ? 449 ASP B OD1 1 
ATOM   642  O OD2 . ASP B 1 37 ? -24.486 -16.748 -25.289 1.00 37.83 ? 449 ASP B OD2 1 
ATOM   643  N N   . VAL B 1 38 ? -25.796 -13.211 -21.220 1.00 37.20 ? 450 VAL B N   1 
ATOM   644  C CA  . VAL B 1 38 ? -25.274 -12.096 -20.433 1.00 35.62 ? 450 VAL B CA  1 
ATOM   645  C C   . VAL B 1 38 ? -25.520 -12.335 -18.944 1.00 39.13 ? 450 VAL B C   1 
ATOM   646  O O   . VAL B 1 38 ? -24.768 -11.852 -18.092 1.00 37.60 ? 450 VAL B O   1 
ATOM   647  C CB  . VAL B 1 38 ? -25.925 -10.753 -20.862 1.00 30.22 ? 450 VAL B CB  1 
ATOM   648  C CG1 . VAL B 1 38 ? -25.768 -9.703  -19.770 1.00 24.34 ? 450 VAL B CG1 1 
ATOM   649  C CG2 . VAL B 1 38 ? -25.282 -10.266 -22.153 1.00 26.69 ? 450 VAL B CG2 1 
ATOM   650  N N   . GLN B 1 39 ? -26.572 -13.086 -18.636 1.00 41.23 ? 451 GLN B N   1 
ATOM   651  C CA  . GLN B 1 39 ? -26.899 -13.398 -17.248 1.00 42.51 ? 451 GLN B CA  1 
ATOM   652  C C   . GLN B 1 39 ? -25.790 -14.272 -16.676 1.00 38.87 ? 451 GLN B C   1 
ATOM   653  O O   . GLN B 1 39 ? -25.258 -13.996 -15.602 1.00 40.05 ? 451 GLN B O   1 
ATOM   654  C CB  . GLN B 1 39 ? -28.241 -14.138 -17.165 1.00 47.02 ? 451 GLN B CB  1 
ATOM   655  C CG  . GLN B 1 39 ? -28.276 -15.290 -16.157 1.00 50.72 ? 451 GLN B CG  1 
ATOM   656  C CD  . GLN B 1 39 ? -29.184 -16.422 -16.603 1.00 54.21 ? 451 GLN B CD  1 
ATOM   657  O OE1 . GLN B 1 39 ? -30.409 -16.299 -16.557 1.00 57.16 ? 451 GLN B OE1 1 
ATOM   658  N NE2 . GLN B 1 39 ? -28.588 -17.531 -17.041 1.00 52.57 ? 451 GLN B NE2 1 
ATOM   659  N N   . ALA B 1 40 ? -25.451 -15.328 -17.410 1.00 34.47 ? 452 ALA B N   1 
ATOM   660  C CA  . ALA B 1 40 ? -24.404 -16.250 -17.001 1.00 30.25 ? 452 ALA B CA  1 
ATOM   661  C C   . ALA B 1 40 ? -23.114 -15.487 -16.709 1.00 27.43 ? 452 ALA B C   1 
ATOM   662  O O   . ALA B 1 40 ? -22.522 -15.645 -15.643 1.00 27.48 ? 452 ALA B O   1 
ATOM   663  C CB  . ALA B 1 40 ? -24.173 -17.286 -18.094 1.00 27.33 ? 452 ALA B CB  1 
ATOM   664  N N   . LEU B 1 41 ? -22.692 -14.651 -17.654 1.00 26.47 ? 453 LEU B N   1 
ATOM   665  C CA  . LEU B 1 41 ? -21.472 -13.864 -17.499 1.00 24.58 ? 453 LEU B CA  1 
ATOM   666  C C   . LEU B 1 41 ? -21.511 -12.948 -16.283 1.00 25.86 ? 453 LEU B C   1 
ATOM   667  O O   . LEU B 1 41 ? -20.478 -12.654 -15.694 1.00 24.13 ? 453 LEU B O   1 
ATOM   668  C CB  . LEU B 1 41 ? -21.219 -13.007 -18.740 1.00 21.27 ? 453 LEU B CB  1 
ATOM   669  C CG  . LEU B 1 41 ? -20.764 -13.711 -20.014 1.00 19.08 ? 453 LEU B CG  1 
ATOM   670  C CD1 . LEU B 1 41 ? -21.026 -12.793 -21.195 1.00 19.24 ? 453 LEU B CD1 1 
ATOM   671  C CD2 . LEU B 1 41 ? -19.288 -14.071 -19.928 1.00 15.02 ? 453 LEU B CD2 1 
ATOM   672  N N   . GLN B 1 42 ? -22.695 -12.489 -15.905 1.00 25.25 ? 454 GLN B N   1 
ATOM   673  C CA  . GLN B 1 42 ? -22.811 -11.593 -14.763 1.00 26.72 ? 454 GLN B CA  1 
ATOM   674  C C   . GLN B 1 42 ? -22.785 -12.337 -13.438 1.00 27.86 ? 454 GLN B C   1 
ATOM   675  O O   . GLN B 1 42 ? -22.445 -11.759 -12.407 1.00 24.57 ? 454 GLN B O   1 
ATOM   676  C CB  . GLN B 1 42 ? -24.098 -10.777 -14.856 1.00 29.95 ? 454 GLN B CB  1 
ATOM   677  C CG  . GLN B 1 42 ? -24.052 -9.665  -15.885 1.00 31.72 ? 454 GLN B CG  1 
ATOM   678  C CD  . GLN B 1 42 ? -25.303 -8.820  -15.863 1.00 36.88 ? 454 GLN B CD  1 
ATOM   679  O OE1 . GLN B 1 42 ? -25.264 -7.621  -16.137 1.00 40.21 ? 454 GLN B OE1 1 
ATOM   680  N NE2 . GLN B 1 42 ? -26.426 -9.442  -15.530 1.00 34.45 ? 454 GLN B NE2 1 
ATOM   681  N N   . GLU B 1 43 ? -23.142 -13.617 -13.472 1.00 29.68 ? 455 GLU B N   1 
ATOM   682  C CA  . GLU B 1 43 ? -23.168 -14.441 -12.267 1.00 33.53 ? 455 GLU B CA  1 
ATOM   683  C C   . GLU B 1 43 ? -21.976 -15.379 -12.207 1.00 31.79 ? 455 GLU B C   1 
ATOM   684  O O   . GLU B 1 43 ? -21.867 -16.201 -11.288 1.00 32.10 ? 455 GLU B O   1 
ATOM   685  C CB  . GLU B 1 43 ? -24.458 -15.256 -12.219 1.00 37.99 ? 455 GLU B CB  1 
ATOM   686  C CG  . GLU B 1 43 ? -25.683 -14.442 -12.575 1.00 47.67 ? 455 GLU B CG  1 
ATOM   687  C CD  . GLU B 1 43 ? -26.101 -13.483 -11.466 1.00 50.45 ? 455 GLU B CD  1 
ATOM   688  O OE1 . GLU B 1 43 ? -26.537 -13.968 -10.399 1.00 54.73 ? 455 GLU B OE1 1 
ATOM   689  O OE2 . GLU B 1 43 ? -25.998 -12.252 -11.663 1.00 52.80 ? 455 GLU B OE2 1 
ATOM   690  N N   . ALA B 1 44 ? -21.089 -15.247 -13.192 1.00 26.17 ? 456 ALA B N   1 
ATOM   691  C CA  . ALA B 1 44 ? -19.890 -16.069 -13.279 1.00 21.83 ? 456 ALA B CA  1 
ATOM   692  C C   . ALA B 1 44 ? -18.987 -15.859 -12.066 1.00 18.92 ? 456 ALA B C   1 
ATOM   693  O O   . ALA B 1 44 ? -18.221 -16.748 -11.696 1.00 19.68 ? 456 ALA B O   1 
ATOM   694  C CB  . ALA B 1 44 ? -19.135 -15.741 -14.549 1.00 16.05 ? 456 ALA B CB  1 
ATOM   695  N N   . GLY B 1 45 ? -19.087 -14.680 -11.454 1.00 17.83 ? 457 GLY B N   1 
ATOM   696  C CA  . GLY B 1 45 ? -18.271 -14.357 -10.299 1.00 17.78 ? 457 GLY B CA  1 
ATOM   697  C C   . GLY B 1 45 ? -16.840 -14.040 -10.700 1.00 19.02 ? 457 GLY B C   1 
ATOM   698  O O   . GLY B 1 45 ? -15.901 -14.316 -9.952  1.00 15.72 ? 457 GLY B O   1 
ATOM   699  N N   . TYR B 1 46 ? -16.665 -13.468 -11.888 1.00 17.22 ? 458 TYR B N   1 
ATOM   700  C CA  . TYR B 1 46 ? -15.331 -13.117 -12.365 1.00 12.10 ? 458 TYR B CA  1 
ATOM   701  C C   . TYR B 1 46 ? -14.748 -12.077 -11.425 1.00 15.43 ? 458 TYR B C   1 
ATOM   702  O O   . TYR B 1 46 ? -15.490 -11.349 -10.766 1.00 17.78 ? 458 TYR B O   1 
ATOM   703  C CB  . TYR B 1 46 ? -15.405 -12.559 -13.782 1.00 5.66  ? 458 TYR B CB  1 
ATOM   704  C CG  . TYR B 1 46 ? -15.824 -13.583 -14.812 1.00 6.71  ? 458 TYR B CG  1 
ATOM   705  C CD1 . TYR B 1 46 ? -15.376 -14.894 -14.736 1.00 5.75  ? 458 TYR B CD1 1 
ATOM   706  C CD2 . TYR B 1 46 ? -16.642 -13.229 -15.889 1.00 9.07  ? 458 TYR B CD2 1 
ATOM   707  C CE1 . TYR B 1 46 ? -15.724 -15.837 -15.713 1.00 6.76  ? 458 TYR B CE1 1 
ATOM   708  C CE2 . TYR B 1 46 ? -16.996 -14.165 -16.869 1.00 8.86  ? 458 TYR B CE2 1 
ATOM   709  C CZ  . TYR B 1 46 ? -16.530 -15.460 -16.771 1.00 12.31 ? 458 TYR B CZ  1 
ATOM   710  O OH  . TYR B 1 46 ? -16.862 -16.384 -17.734 1.00 17.53 ? 458 TYR B OH  1 
ATOM   711  N N   . ILE B 1 47 ? -13.423 -12.006 -11.350 1.00 14.32 ? 459 ILE B N   1 
ATOM   712  C CA  . ILE B 1 47 ? -12.801 -11.044 -10.450 1.00 13.49 ? 459 ILE B CA  1 
ATOM   713  C C   . ILE B 1 47 ? -12.096 -9.891  -11.137 1.00 5.20  ? 459 ILE B C   1 
ATOM   714  O O   . ILE B 1 47 ? -11.305 -10.087 -12.047 1.00 8.36  ? 459 ILE B O   1 
ATOM   715  C CB  . ILE B 1 47 ? -11.815 -11.727 -9.459  1.00 11.57 ? 459 ILE B CB  1 
ATOM   716  C CG1 . ILE B 1 47 ? -11.209 -12.985 -10.072 1.00 18.89 ? 459 ILE B CG1 1 
ATOM   717  C CG2 . ILE B 1 47 ? -12.570 -12.113 -8.187  1.00 22.58 ? 459 ILE B CG2 1 
ATOM   718  C CD1 . ILE B 1 47 ? -10.866 -14.078 -9.042  1.00 13.75 ? 459 ILE B CD1 1 
ATOM   719  N N   . PRO B 1 48 ? -12.388 -8.661  -10.693 1.00 6.51  ? 460 PRO B N   1 
ATOM   720  C CA  . PRO B 1 48 ? -11.819 -7.416  -11.215 1.00 5.03  ? 460 PRO B CA  1 
ATOM   721  C C   . PRO B 1 48 ? -10.347 -7.252  -10.861 1.00 9.94  ? 460 PRO B C   1 
ATOM   722  O O   . PRO B 1 48 ? -9.850  -7.809  -9.877  1.00 11.23 ? 460 PRO B O   1 
ATOM   723  C CB  . PRO B 1 48 ? -12.665 -6.320  -10.564 1.00 5.82  ? 460 PRO B CB  1 
ATOM   724  C CG  . PRO B 1 48 ? -13.774 -7.010  -9.861  1.00 9.92  ? 460 PRO B CG  1 
ATOM   725  C CD  . PRO B 1 48 ? -13.330 -8.402  -9.594  1.00 8.81  ? 460 PRO B CD  1 
ATOM   726  N N   . GLU B 1 49 ? -9.662  -6.466  -11.676 1.00 9.48  ? 461 GLU B N   1 
ATOM   727  C CA  . GLU B 1 49 ? -8.252  -6.177  -11.491 1.00 9.06  ? 461 GLU B CA  1 
ATOM   728  C C   . GLU B 1 49 ? -7.860  -5.858  -10.038 1.00 7.17  ? 461 GLU B C   1 
ATOM   729  O O   . GLU B 1 49 ? -8.623  -5.268  -9.274  1.00 7.72  ? 461 GLU B O   1 
ATOM   730  C CB  . GLU B 1 49 ? -7.865  -5.003  -12.398 1.00 5.60  ? 461 GLU B CB  1 
ATOM   731  C CG  . GLU B 1 49 ? -6.370  -4.735  -12.479 1.00 9.73  ? 461 GLU B CG  1 
ATOM   732  C CD  . GLU B 1 49 ? -5.592  -5.949  -12.920 1.00 15.24 ? 461 GLU B CD  1 
ATOM   733  O OE1 . GLU B 1 49 ? -5.648  -6.282  -14.123 1.00 20.48 ? 461 GLU B OE1 1 
ATOM   734  O OE2 . GLU B 1 49 ? -4.924  -6.576  -12.068 1.00 9.97  ? 461 GLU B OE2 1 
ATOM   735  N N   . ALA B 1 50 ? -6.652  -6.261  -9.669  1.00 7.96  ? 462 ALA B N   1 
ATOM   736  C CA  . ALA B 1 50 ? -6.126  -6.002  -8.343  1.00 5.22  ? 462 ALA B CA  1 
ATOM   737  C C   . ALA B 1 50 ? -5.571  -4.590  -8.369  1.00 8.58  ? 462 ALA B C   1 
ATOM   738  O O   . ALA B 1 50 ? -5.385  -4.009  -9.442  1.00 7.52  ? 462 ALA B O   1 
ATOM   739  C CB  . ALA B 1 50 ? -5.001  -6.994  -8.024  1.00 6.90  ? 462 ALA B CB  1 
ATOM   740  N N   . PRO B 1 51 ? -5.321  -4.000  -7.192  1.00 7.92  ? 463 PRO B N   1 
ATOM   741  C CA  . PRO B 1 51 ? -4.771  -2.644  -7.216  1.00 10.82 ? 463 PRO B CA  1 
ATOM   742  C C   . PRO B 1 51 ? -3.454  -2.633  -8.001  1.00 11.57 ? 463 PRO B C   1 
ATOM   743  O O   . PRO B 1 51 ? -2.702  -3.616  -7.981  1.00 9.86  ? 463 PRO B O   1 
ATOM   744  C CB  . PRO B 1 51 ? -4.540  -2.327  -5.741  1.00 11.41 ? 463 PRO B CB  1 
ATOM   745  C CG  . PRO B 1 51 ? -5.492  -3.224  -5.004  1.00 9.90  ? 463 PRO B CG  1 
ATOM   746  C CD  . PRO B 1 51 ? -5.537  -4.486  -5.818  1.00 10.74 ? 463 PRO B CD  1 
ATOM   747  N N   . ARG B 1 52 ? -3.187  -1.535  -8.698  1.00 10.78 ? 464 ARG B N   1 
ATOM   748  C CA  . ARG B 1 52 ? -1.942  -1.387  -9.455  1.00 15.18 ? 464 ARG B CA  1 
ATOM   749  C C   . ARG B 1 52 ? -1.103  -0.372  -8.673  1.00 16.56 ? 464 ARG B C   1 
ATOM   750  O O   . ARG B 1 52 ? -1.194  0.839   -8.883  1.00 15.96 ? 464 ARG B O   1 
ATOM   751  C CB  . ARG B 1 52 ? -2.258  -0.919  -10.874 1.00 16.66 ? 464 ARG B CB  1 
ATOM   752  C CG  . ARG B 1 52 ? -3.055  -1.972  -11.646 1.00 19.54 ? 464 ARG B CG  1 
ATOM   753  C CD  . ARG B 1 52 ? -3.495  -1.496  -13.013 1.00 21.53 ? 464 ARG B CD  1 
ATOM   754  N NE  . ARG B 1 52 ? -2.356  -1.288  -13.899 1.00 27.77 ? 464 ARG B NE  1 
ATOM   755  C CZ  . ARG B 1 52 ? -2.427  -1.273  -15.227 1.00 33.88 ? 464 ARG B CZ  1 
ATOM   756  N NH1 . ARG B 1 52 ? -3.592  -1.455  -15.843 1.00 36.25 ? 464 ARG B NH1 1 
ATOM   757  N NH2 . ARG B 1 52 ? -1.329  -1.068  -15.941 1.00 35.08 ? 464 ARG B NH2 1 
ATOM   758  N N   . ASP B 1 53 ? -0.285  -0.889  -7.756  1.00 17.05 ? 465 ASP B N   1 
ATOM   759  C CA  . ASP B 1 53 ? 0.502   -0.042  -6.874  1.00 14.10 ? 465 ASP B CA  1 
ATOM   760  C C   . ASP B 1 53 ? 1.908   -0.526  -6.560  1.00 15.61 ? 465 ASP B C   1 
ATOM   761  O O   . ASP B 1 53 ? 2.489   -0.093  -5.569  1.00 17.92 ? 465 ASP B O   1 
ATOM   762  C CB  . ASP B 1 53 ? -0.259  0.123   -5.559  1.00 10.42 ? 465 ASP B CB  1 
ATOM   763  C CG  . ASP B 1 53 ? -0.553  -1.216  -4.877  1.00 9.30  ? 465 ASP B CG  1 
ATOM   764  O OD1 . ASP B 1 53 ? -0.093  -2.266  -5.373  1.00 14.35 ? 465 ASP B OD1 1 
ATOM   765  O OD2 . ASP B 1 53 ? -1.245  -1.223  -3.842  1.00 11.97 ? 465 ASP B OD2 1 
ATOM   766  N N   . GLY B 1 54 ? 2.449   -1.421  -7.377  1.00 13.22 ? 466 GLY B N   1 
ATOM   767  C CA  . GLY B 1 54 ? 3.789   -1.916  -7.124  1.00 15.74 ? 466 GLY B CA  1 
ATOM   768  C C   . GLY B 1 54 ? 3.922   -3.042  -6.107  1.00 16.64 ? 466 GLY B C   1 
ATOM   769  O O   . GLY B 1 54 ? 5.033   -3.454  -5.774  1.00 21.94 ? 466 GLY B O   1 
ATOM   770  N N   . GLN B 1 55 ? 2.806   -3.543  -5.597  1.00 11.92 ? 467 GLN B N   1 
ATOM   771  C CA  . GLN B 1 55 ? 2.862   -4.640  -4.637  1.00 14.10 ? 467 GLN B CA  1 
ATOM   772  C C   . GLN B 1 55 ? 2.194   -5.874  -5.247  1.00 11.57 ? 467 GLN B C   1 
ATOM   773  O O   . GLN B 1 55 ? 1.352   -5.761  -6.146  1.00 7.64  ? 467 GLN B O   1 
ATOM   774  C CB  . GLN B 1 55 ? 2.159   -4.242  -3.336  1.00 13.34 ? 467 GLN B CB  1 
ATOM   775  C CG  . GLN B 1 55 ? 2.482   -2.821  -2.878  1.00 18.67 ? 467 GLN B CG  1 
ATOM   776  C CD  . GLN B 1 55 ? 1.912   -2.504  -1.509  1.00 21.31 ? 467 GLN B CD  1 
ATOM   777  O OE1 . GLN B 1 55 ? 2.428   -2.956  -0.488  1.00 23.48 ? 467 GLN B OE1 1 
ATOM   778  N NE2 . GLN B 1 55 ? 0.841   -1.722  -1.482  1.00 23.42 ? 467 GLN B NE2 1 
ATOM   779  N N   . ALA B 1 56 ? 2.580   -7.052  -4.771  1.00 10.34 ? 468 ALA B N   1 
ATOM   780  C CA  . ALA B 1 56 ? 2.015   -8.301  -5.270  1.00 7.40  ? 468 ALA B CA  1 
ATOM   781  C C   . ALA B 1 56 ? 0.809   -8.714  -4.415  1.00 10.01 ? 468 ALA B C   1 
ATOM   782  O O   . ALA B 1 56 ? 0.815   -8.561  -3.181  1.00 9.28  ? 468 ALA B O   1 
ATOM   783  C CB  . ALA B 1 56 ? 3.083   -9.387  -5.267  1.00 2.54  ? 468 ALA B CB  1 
ATOM   784  N N   . TYR B 1 57 ? -0.229  -9.229  -5.078  1.00 6.77  ? 469 TYR B N   1 
ATOM   785  C CA  . TYR B 1 57 ? -1.455  -9.635  -4.401  1.00 3.90  ? 469 TYR B CA  1 
ATOM   786  C C   . TYR B 1 57 ? -1.846  -11.093 -4.600  1.00 4.58  ? 469 TYR B C   1 
ATOM   787  O O   . TYR B 1 57 ? -1.628  -11.663 -5.664  1.00 6.02  ? 469 TYR B O   1 
ATOM   788  C CB  . TYR B 1 57 ? -2.618  -8.751  -4.867  1.00 2.00  ? 469 TYR B CB  1 
ATOM   789  C CG  . TYR B 1 57 ? -2.544  -7.326  -4.381  1.00 2.00  ? 469 TYR B CG  1 
ATOM   790  C CD1 . TYR B 1 57 ? -1.799  -6.375  -5.073  1.00 4.18  ? 469 TYR B CD1 1 
ATOM   791  C CD2 . TYR B 1 57 ? -3.188  -6.937  -3.215  1.00 2.57  ? 469 TYR B CD2 1 
ATOM   792  C CE1 . TYR B 1 57 ? -1.697  -5.067  -4.610  1.00 6.52  ? 469 TYR B CE1 1 
ATOM   793  C CE2 . TYR B 1 57 ? -3.093  -5.641  -2.741  1.00 2.71  ? 469 TYR B CE2 1 
ATOM   794  C CZ  . TYR B 1 57 ? -2.344  -4.711  -3.443  1.00 4.55  ? 469 TYR B CZ  1 
ATOM   795  O OH  . TYR B 1 57 ? -2.227  -3.431  -2.964  1.00 8.05  ? 469 TYR B OH  1 
ATOM   796  N N   . VAL B 1 58 ? -2.440  -11.676 -3.560  1.00 4.02  ? 470 VAL B N   1 
ATOM   797  C CA  . VAL B 1 58 ? -2.922  -13.056 -3.578  1.00 5.52  ? 470 VAL B CA  1 
ATOM   798  C C   . VAL B 1 58 ? -4.432  -12.971 -3.284  1.00 5.36  ? 470 VAL B C   1 
ATOM   799  O O   . VAL B 1 58 ? -4.901  -11.971 -2.743  1.00 7.52  ? 470 VAL B O   1 
ATOM   800  C CB  . VAL B 1 58 ? -2.188  -13.928 -2.517  1.00 8.54  ? 470 VAL B CB  1 
ATOM   801  C CG1 . VAL B 1 58 ? -0.715  -13.992 -2.842  1.00 3.38  ? 470 VAL B CG1 1 
ATOM   802  C CG2 . VAL B 1 58 ? -2.390  -13.366 -1.122  1.00 6.94  ? 470 VAL B CG2 1 
ATOM   803  N N   . ARG B 1 59 ? -5.191  -14.002 -3.641  1.00 7.05  ? 471 ARG B N   1 
ATOM   804  C CA  . ARG B 1 59 ? -6.646  -13.975 -3.445  1.00 11.07 ? 471 ARG B CA  1 
ATOM   805  C C   . ARG B 1 59 ? -7.132  -14.680 -2.173  1.00 9.34  ? 471 ARG B C   1 
ATOM   806  O O   . ARG B 1 59 ? -6.822  -15.854 -1.925  1.00 7.62  ? 471 ARG B O   1 
ATOM   807  C CB  . ARG B 1 59 ? -7.365  -14.566 -4.683  1.00 7.39  ? 471 ARG B CB  1 
ATOM   808  C CG  . ARG B 1 59 ? -8.852  -14.197 -4.807  1.00 6.67  ? 471 ARG B CG  1 
ATOM   809  C CD  . ARG B 1 59 ? -9.041  -12.721 -5.162  1.00 11.53 ? 471 ARG B CD  1 
ATOM   810  N NE  . ARG B 1 59 ? -10.452 -12.355 -5.251  1.00 13.44 ? 471 ARG B NE  1 
ATOM   811  C CZ  . ARG B 1 59 ? -10.899 -11.154 -5.609  1.00 11.87 ? 471 ARG B CZ  1 
ATOM   812  N NH1 . ARG B 1 59 ? -10.050 -10.186 -5.916  1.00 9.90  ? 471 ARG B NH1 1 
ATOM   813  N NH2 . ARG B 1 59 ? -12.205 -10.922 -5.664  1.00 11.22 ? 471 ARG B NH2 1 
ATOM   814  N N   . LYS B 1 60 ? -7.919  -13.960 -1.380  1.00 5.52  ? 472 LYS B N   1 
ATOM   815  C CA  . LYS B 1 60 ? -8.435  -14.510 -0.130  1.00 10.42 ? 472 LYS B CA  1 
ATOM   816  C C   . LYS B 1 60 ? -9.778  -13.894 0.279   1.00 11.72 ? 472 LYS B C   1 
ATOM   817  O O   . LYS B 1 60 ? -9.971  -12.679 0.196   1.00 13.17 ? 472 LYS B O   1 
ATOM   818  C CB  . LYS B 1 60 ? -7.396  -14.287 0.983   1.00 8.11  ? 472 LYS B CB  1 
ATOM   819  C CG  . LYS B 1 60 ? -7.775  -14.807 2.361   1.00 8.57  ? 472 LYS B CG  1 
ATOM   820  C CD  . LYS B 1 60 ? -6.613  -14.595 3.330   1.00 12.03 ? 472 LYS B CD  1 
ATOM   821  C CE  . LYS B 1 60 ? -6.896  -15.142 4.721   1.00 13.98 ? 472 LYS B CE  1 
ATOM   822  N NZ  . LYS B 1 60 ? -7.394  -14.086 5.642   1.00 16.76 ? 472 LYS B NZ  1 
ATOM   823  N N   . ASP B 1 61 ? -10.703 -14.744 0.719   1.00 10.42 ? 473 ASP B N   1 
ATOM   824  C CA  . ASP B 1 61 ? -12.020 -14.305 1.177   1.00 10.37 ? 473 ASP B CA  1 
ATOM   825  C C   . ASP B 1 61 ? -12.726 -13.211 0.365   1.00 10.56 ? 473 ASP B C   1 
ATOM   826  O O   . ASP B 1 61 ? -13.206 -12.219 0.920   1.00 12.59 ? 473 ASP B O   1 
ATOM   827  C CB  . ASP B 1 61 ? -11.934 -13.882 2.654   1.00 10.10 ? 473 ASP B CB  1 
ATOM   828  C CG  . ASP B 1 61 ? -11.404 -15.000 3.556   1.00 13.12 ? 473 ASP B CG  1 
ATOM   829  O OD1 . ASP B 1 61 ? -11.756 -16.174 3.340   1.00 17.15 ? 473 ASP B OD1 1 
ATOM   830  O OD2 . ASP B 1 61 ? -10.629 -14.710 4.484   1.00 15.84 ? 473 ASP B OD2 1 
ATOM   831  N N   . GLY B 1 62 ? -12.793 -13.398 -0.948  1.00 11.27 ? 474 GLY B N   1 
ATOM   832  C CA  . GLY B 1 62 ? -13.481 -12.440 -1.803  1.00 14.38 ? 474 GLY B CA  1 
ATOM   833  C C   . GLY B 1 62 ? -12.775 -11.146 -2.159  1.00 11.43 ? 474 GLY B C   1 
ATOM   834  O O   . GLY B 1 62 ? -13.415 -10.202 -2.619  1.00 11.20 ? 474 GLY B O   1 
ATOM   835  N N   . GLU B 1 63 ? -11.466 -11.084 -1.957  1.00 11.19 ? 475 GLU B N   1 
ATOM   836  C CA  . GLU B 1 63 ? -10.733 -9.872  -2.289  1.00 8.23  ? 475 GLU B CA  1 
ATOM   837  C C   . GLU B 1 63 ? -9.250  -10.168 -2.480  1.00 7.00  ? 475 GLU B C   1 
ATOM   838  O O   . GLU B 1 63 ? -8.794  -11.298 -2.274  1.00 3.99  ? 475 GLU B O   1 
ATOM   839  C CB  . GLU B 1 63 ? -10.918 -8.827  -1.177  1.00 9.76  ? 475 GLU B CB  1 
ATOM   840  C CG  . GLU B 1 63 ? -10.365 -9.261  0.184   1.00 12.91 ? 475 GLU B CG  1 
ATOM   841  C CD  . GLU B 1 63 ? -9.890  -8.096  1.055   1.00 14.32 ? 475 GLU B CD  1 
ATOM   842  O OE1 . GLU B 1 63 ? -9.671  -6.981  0.529   1.00 15.08 ? 475 GLU B OE1 1 
ATOM   843  O OE2 . GLU B 1 63 ? -9.732  -8.303  2.279   1.00 14.61 ? 475 GLU B OE2 1 
ATOM   844  N N   . TRP B 1 64 ? -8.516  -9.145  -2.902  1.00 5.47  ? 476 TRP B N   1 
ATOM   845  C CA  . TRP B 1 64 ? -7.077  -9.243  -3.087  1.00 5.98  ? 476 TRP B CA  1 
ATOM   846  C C   . TRP B 1 64 ? -6.421  -8.825  -1.755  1.00 6.15  ? 476 TRP B C   1 
ATOM   847  O O   . TRP B 1 64 ? -6.864  -7.863  -1.123  1.00 6.06  ? 476 TRP B O   1 
ATOM   848  C CB  . TRP B 1 64 ? -6.609  -8.276  -4.191  1.00 4.35  ? 476 TRP B CB  1 
ATOM   849  C CG  . TRP B 1 64 ? -6.940  -8.688  -5.589  1.00 5.68  ? 476 TRP B CG  1 
ATOM   850  C CD1 . TRP B 1 64 ? -7.840  -8.095  -6.430  1.00 8.45  ? 476 TRP B CD1 1 
ATOM   851  C CD2 . TRP B 1 64 ? -6.383  -9.791  -6.311  1.00 6.64  ? 476 TRP B CD2 1 
ATOM   852  N NE1 . TRP B 1 64 ? -7.883  -8.766  -7.634  1.00 7.08  ? 476 TRP B NE1 1 
ATOM   853  C CE2 . TRP B 1 64 ? -6.997  -9.812  -7.588  1.00 7.34  ? 476 TRP B CE2 1 
ATOM   854  C CE3 . TRP B 1 64 ? -5.429  -10.768 -6.006  1.00 5.66  ? 476 TRP B CE3 1 
ATOM   855  C CZ2 . TRP B 1 64 ? -6.688  -10.774 -8.557  1.00 7.73  ? 476 TRP B CZ2 1 
ATOM   856  C CZ3 . TRP B 1 64 ? -5.117  -11.725 -6.970  1.00 7.20  ? 476 TRP B CZ3 1 
ATOM   857  C CH2 . TRP B 1 64 ? -5.748  -11.718 -8.232  1.00 8.78  ? 476 TRP B CH2 1 
ATOM   858  N N   . VAL B 1 65 ? -5.394  -9.553  -1.322  1.00 5.14  ? 477 VAL B N   1 
ATOM   859  C CA  . VAL B 1 65 ? -4.667  -9.216  -0.088  1.00 8.38  ? 477 VAL B CA  1 
ATOM   860  C C   . VAL B 1 65 ? -3.165  -9.247  -0.401  1.00 7.51  ? 477 VAL B C   1 
ATOM   861  O O   . VAL B 1 65 ? -2.733  -9.942  -1.322  1.00 4.48  ? 477 VAL B O   1 
ATOM   862  C CB  . VAL B 1 65 ? -4.979  -10.200 1.079   1.00 8.29  ? 477 VAL B CB  1 
ATOM   863  C CG1 . VAL B 1 65 ? -6.476  -10.258 1.319   1.00 11.88 ? 477 VAL B CG1 1 
ATOM   864  C CG2 . VAL B 1 65 ? -4.444  -11.577 0.771   1.00 10.47 ? 477 VAL B CG2 1 
ATOM   865  N N   . LEU B 1 66 ? -2.369  -8.497  0.353   1.00 6.19  ? 478 LEU B N   1 
ATOM   866  C CA  . LEU B 1 66 ? -0.938  -8.442  0.086   1.00 10.23 ? 478 LEU B CA  1 
ATOM   867  C C   . LEU B 1 66 ? -0.221  -9.760  0.315   1.00 7.06  ? 478 LEU B C   1 
ATOM   868  O O   . LEU B 1 66 ? -0.381  -10.393 1.346   1.00 11.14 ? 478 LEU B O   1 
ATOM   869  C CB  . LEU B 1 66 ? -0.290  -7.344  0.926   1.00 9.73  ? 478 LEU B CB  1 
ATOM   870  C CG  . LEU B 1 66 ? -0.751  -5.935  0.547   1.00 12.01 ? 478 LEU B CG  1 
ATOM   871  C CD1 . LEU B 1 66 ? -0.570  -4.997  1.735   1.00 15.12 ? 478 LEU B CD1 1 
ATOM   872  C CD2 . LEU B 1 66 ? 0.039   -5.448  -0.665  1.00 11.02 ? 478 LEU B CD2 1 
ATOM   873  N N   . LEU B 1 67 ? 0.568   -10.170 -0.664  1.00 5.39  ? 479 LEU B N   1 
ATOM   874  C CA  . LEU B 1 67 ? 1.318   -11.406 -0.547  1.00 8.12  ? 479 LEU B CA  1 
ATOM   875  C C   . LEU B 1 67 ? 2.308   -11.316 0.625   1.00 10.69 ? 479 LEU B C   1 
ATOM   876  O O   . LEU B 1 67 ? 2.519   -12.282 1.348   1.00 9.11  ? 479 LEU B O   1 
ATOM   877  C CB  . LEU B 1 67 ? 2.086   -11.673 -1.842  1.00 5.37  ? 479 LEU B CB  1 
ATOM   878  C CG  . LEU B 1 67 ? 3.250   -12.658 -1.718  1.00 6.98  ? 479 LEU B CG  1 
ATOM   879  C CD1 . LEU B 1 67 ? 2.698   -14.053 -1.520  1.00 4.92  ? 479 LEU B CD1 1 
ATOM   880  C CD2 . LEU B 1 67 ? 4.124   -12.594 -2.954  1.00 9.57  ? 479 LEU B CD2 1 
ATOM   881  N N   . SER B 1 68 ? 2.892   -10.137 0.820   1.00 14.85 ? 480 SER B N   1 
ATOM   882  C CA  . SER B 1 68 ? 3.881   -9.934  1.873   1.00 16.67 ? 480 SER B CA  1 
ATOM   883  C C   . SER B 1 68 ? 3.326   -10.157 3.269   1.00 17.28 ? 480 SER B C   1 
ATOM   884  O O   . SER B 1 68 ? 4.073   -10.415 4.206   1.00 22.90 ? 480 SER B O   1 
ATOM   885  C CB  . SER B 1 68 ? 4.485   -8.533  1.754   1.00 17.73 ? 480 SER B CB  1 
ATOM   886  O OG  . SER B 1 68 ? 4.115   -7.707  2.841   1.00 28.64 ? 480 SER B OG  1 
ATOM   887  N N   . THR B 1 69 ? 2.009   -10.054 3.398   1.00 18.37 ? 481 THR B N   1 
ATOM   888  C CA  . THR B 1 69 ? 1.328   -10.262 4.668   1.00 19.99 ? 481 THR B CA  1 
ATOM   889  C C   . THR B 1 69 ? 1.664   -11.660 5.179   1.00 21.14 ? 481 THR B C   1 
ATOM   890  O O   . THR B 1 69 ? 1.825   -11.881 6.380   1.00 20.90 ? 481 THR B O   1 
ATOM   891  C CB  . THR B 1 69 ? -0.205  -10.158 4.480   1.00 20.58 ? 481 THR B CB  1 
ATOM   892  O OG1 . THR B 1 69 ? -0.585  -8.779  4.391   1.00 23.33 ? 481 THR B OG1 1 
ATOM   893  C CG2 . THR B 1 69 ? -0.942  -10.821 5.639   1.00 26.81 ? 481 THR B CG2 1 
ATOM   894  N N   . PHE B 1 70 ? 1.780   -12.594 4.243   1.00 19.31 ? 482 PHE B N   1 
ATOM   895  C CA  . PHE B 1 70 ? 2.065   -13.986 4.552   1.00 18.23 ? 482 PHE B CA  1 
ATOM   896  C C   . PHE B 1 70 ? 3.557   -14.316 4.559   1.00 19.13 ? 482 PHE B C   1 
ATOM   897  O O   . PHE B 1 70 ? 3.958   -15.434 4.892   1.00 20.21 ? 482 PHE B O   1 
ATOM   898  C CB  . PHE B 1 70 ? 1.314   -14.868 3.544   1.00 17.84 ? 482 PHE B CB  1 
ATOM   899  C CG  . PHE B 1 70 ? -0.157  -14.576 3.488   1.00 11.72 ? 482 PHE B CG  1 
ATOM   900  C CD1 . PHE B 1 70 ? -0.644  -13.582 2.656   1.00 13.22 ? 482 PHE B CD1 1 
ATOM   901  C CD2 . PHE B 1 70 ? -1.031  -15.247 4.325   1.00 14.34 ? 482 PHE B CD2 1 
ATOM   902  C CE1 . PHE B 1 70 ? -1.988  -13.256 2.661   1.00 13.97 ? 482 PHE B CE1 1 
ATOM   903  C CE2 . PHE B 1 70 ? -2.384  -14.928 4.341   1.00 19.47 ? 482 PHE B CE2 1 
ATOM   904  C CZ  . PHE B 1 70 ? -2.866  -13.928 3.506   1.00 19.28 ? 482 PHE B CZ  1 
ATOM   905  N N   . LEU B 1 71 ? 4.387   -13.349 4.194   1.00 19.54 ? 483 LEU B N   1 
ATOM   906  C CA  . LEU B 1 71 ? 5.821   -13.576 4.181   1.00 28.04 ? 483 LEU B CA  1 
ATOM   907  C C   . LEU B 1 71 ? 6.398   -12.848 5.385   1.00 34.14 ? 483 LEU B C   1 
ATOM   908  O O   . LEU B 1 71 ? 7.599   -12.840 5.624   1.00 36.27 ? 483 LEU B O   1 
ATOM   909  C CB  . LEU B 1 71 ? 6.415   -13.092 2.853   1.00 25.30 ? 483 LEU B CB  1 
ATOM   910  C CG  . LEU B 1 71 ? 5.848   -13.867 1.664   1.00 22.33 ? 483 LEU B CG  1 
ATOM   911  C CD1 . LEU B 1 71 ? 6.490   -13.391 0.383   1.00 24.71 ? 483 LEU B CD1 1 
ATOM   912  C CD2 . LEU B 1 71 ? 6.085   -15.355 1.843   1.00 19.77 ? 483 LEU B CD2 1 
ATOM   913  N N   . SER B 1 72 ? 5.478   -12.252 6.133   1.00 41.73 ? 484 SER B N   1 
ATOM   914  C CA  . SER B 1 72 ? 5.771   -11.545 7.360   1.00 49.52 ? 484 SER B CA  1 
ATOM   915  C C   . SER B 1 72 ? 4.935   -12.303 8.368   1.00 55.48 ? 484 SER B C   1 
ATOM   916  O O   . SER B 1 72 ? 3.919   -12.943 8.003   1.00 55.67 ? 484 SER B O   1 
ATOM   917  C CB  . SER B 1 72 ? 5.342   -10.081 7.277   1.00 51.88 ? 484 SER B CB  1 
ATOM   918  O OG  . SER B 1 72 ? 6.403   -9.247  7.713   1.00 53.02 ? 484 SER B OG  1 
ATOM   919  N N   . PRO B 1 73 ? 5.275   -12.205 9.650   1.00 60.44 ? 485 PRO B N   1 
ATOM   920  C CA  . PRO B 1 73 ? 4.490   -12.948 10.639  1.00 63.61 ? 485 PRO B CA  1 
ATOM   921  C C   . PRO B 1 73 ? 3.047   -12.490 10.670  1.00 65.10 ? 485 PRO B C   1 
ATOM   922  O O   . PRO B 1 73 ? 2.322   -12.840 11.637  1.00 66.64 ? 485 PRO B O   1 
ATOM   923  C CB  . PRO B 1 73 ? 5.229   -12.677 11.929  1.00 64.04 ? 485 PRO B CB  1 
ATOM   924  C CG  . PRO B 1 73 ? 5.864   -11.351 11.724  1.00 64.05 ? 485 PRO B CG  1 
ATOM   925  C CD  . PRO B 1 73 ? 6.267   -11.324 10.282  1.00 61.62 ? 485 PRO B CD  1 
ATOM   926  N N   . LEU C 1 6  ? -24.875 8.867   -42.956 1.00 76.69 ? 418 LEU C N   1 
ATOM   927  C CA  . LEU C 1 6  ? -24.766 10.323  -43.245 1.00 78.21 ? 418 LEU C CA  1 
ATOM   928  C C   . LEU C 1 6  ? -23.444 10.794  -42.678 1.00 80.41 ? 418 LEU C C   1 
ATOM   929  O O   . LEU C 1 6  ? -22.465 11.062  -43.375 1.00 82.11 ? 418 LEU C O   1 
ATOM   930  C CB  . LEU C 1 6  ? -25.856 11.112  -42.495 1.00 75.58 ? 418 LEU C CB  1 
ATOM   931  C CG  . LEU C 1 6  ? -27.152 11.368  -43.229 1.00 75.45 ? 418 LEU C CG  1 
ATOM   932  C CD1 . LEU C 1 6  ? -28.302 11.118  -42.298 1.00 76.59 ? 418 LEU C CD1 1 
ATOM   933  C CD2 . LEU C 1 6  ? -27.189 12.742  -43.732 1.00 73.41 ? 418 LEU C CD2 1 
ATOM   934  N N   . THR C 1 7  ? -23.538 10.905  -41.354 1.00 81.34 ? 419 THR C N   1 
ATOM   935  C CA  . THR C 1 7  ? -22.508 11.321  -40.430 1.00 80.82 ? 419 THR C CA  1 
ATOM   936  C C   . THR C 1 7  ? -22.408 10.185  -39.415 1.00 81.88 ? 419 THR C C   1 
ATOM   937  O O   . THR C 1 7  ? -22.987 10.231  -38.330 1.00 82.57 ? 419 THR C O   1 
ATOM   938  C CB  . THR C 1 7  ? -22.931 12.627  -39.708 1.00 80.03 ? 419 THR C CB  1 
ATOM   939  O OG1 . THR C 1 7  ? -22.160 13.710  -40.222 1.00 81.04 ? 419 THR C OG1 1 
ATOM   940  C CG2 . THR C 1 7  ? -22.689 12.545  -38.200 1.00 79.31 ? 419 THR C CG2 1 
ATOM   941  N N   . ASN C 1 8  ? -21.713 9.127   -39.797 1.00 82.26 ? 420 ASN C N   1 
ATOM   942  C CA  . ASN C 1 8  ? -21.543 8.001   -38.898 1.00 82.41 ? 420 ASN C CA  1 
ATOM   943  C C   . ASN C 1 8  ? -20.211 8.261   -38.207 1.00 82.85 ? 420 ASN C C   1 
ATOM   944  O O   . ASN C 1 8  ? -19.905 7.663   -37.187 1.00 84.94 ? 420 ASN C O   1 
ATOM   945  C CB  . ASN C 1 8  ? -21.491 6.710   -39.687 1.00 82.48 ? 420 ASN C CB  1 
ATOM   946  N N   . LYS C 1 9  ? -19.450 9.182   -38.798 1.00 81.50 ? 421 LYS C N   1 
ATOM   947  C CA  . LYS C 1 9  ? -18.129 9.599   -38.334 1.00 79.47 ? 421 LYS C CA  1 
ATOM   948  C C   . LYS C 1 9  ? -18.067 9.907   -36.847 1.00 78.37 ? 421 LYS C C   1 
ATOM   949  O O   . LYS C 1 9  ? -17.017 9.783   -36.234 1.00 79.31 ? 421 LYS C O   1 
ATOM   950  C CB  . LYS C 1 9  ? -17.686 10.833  -39.126 1.00 78.60 ? 421 LYS C CB  1 
ATOM   951  N N   . ILE C 1 10 ? -19.197 10.322  -36.280 1.00 75.29 ? 422 ILE C N   1 
ATOM   952  C CA  . ILE C 1 10 ? -19.265 10.608  -34.857 1.00 71.27 ? 422 ILE C CA  1 
ATOM   953  C C   . ILE C 1 10 ? -18.747 9.331   -34.190 1.00 68.36 ? 422 ILE C C   1 
ATOM   954  O O   . ILE C 1 10 ? -18.253 9.334   -33.067 1.00 68.43 ? 422 ILE C O   1 
ATOM   955  C CB  . ILE C 1 10 ? -20.714 10.871  -34.406 1.00 71.21 ? 422 ILE C CB  1 
ATOM   956  C CG1 . ILE C 1 10 ? -20.859 12.323  -33.960 1.00 72.59 ? 422 ILE C CG1 1 
ATOM   957  C CG2 . ILE C 1 10 ? -21.085 9.955   -33.241 1.00 70.61 ? 422 ILE C CG2 1 
ATOM   958  C CD1 . ILE C 1 10 ? -21.419 12.476  -32.570 1.00 72.38 ? 422 ILE C CD1 1 
ATOM   959  N N   . LYS C 1 11 ? -18.909 8.242   -34.935 1.00 66.16 ? 423 LYS C N   1 
ATOM   960  C CA  . LYS C 1 11 ? -18.491 6.901   -34.538 1.00 64.23 ? 423 LYS C CA  1 
ATOM   961  C C   . LYS C 1 11 ? -16.976 6.948   -34.495 1.00 63.35 ? 423 LYS C C   1 
ATOM   962  O O   . LYS C 1 11 ? -16.350 6.371   -33.621 1.00 63.21 ? 423 LYS C O   1 
ATOM   963  C CB  . LYS C 1 11 ? -18.936 5.881   -35.596 1.00 62.81 ? 423 LYS C CB  1 
ATOM   964  C CG  . LYS C 1 11 ? -19.936 4.863   -35.096 1.00 63.35 ? 423 LYS C CG  1 
ATOM   965  C CD  . LYS C 1 11 ? -20.267 3.800   -36.139 1.00 63.26 ? 423 LYS C CD  1 
ATOM   966  C CE  . LYS C 1 11 ? -21.567 3.062   -35.806 1.00 61.95 ? 423 LYS C CE  1 
ATOM   967  N NZ  . LYS C 1 11 ? -21.732 2.793   -34.344 1.00 61.06 ? 423 LYS C NZ  1 
ATOM   968  N N   . ALA C 1 12 ? -16.423 7.650   -35.480 1.00 63.89 ? 424 ALA C N   1 
ATOM   969  C CA  . ALA C 1 12 ? -14.989 7.847   -35.659 1.00 62.53 ? 424 ALA C CA  1 
ATOM   970  C C   . ALA C 1 12 ? -14.407 8.735   -34.558 1.00 60.67 ? 424 ALA C C   1 
ATOM   971  O O   . ALA C 1 12 ? -13.209 8.719   -34.315 1.00 60.07 ? 424 ALA C O   1 
ATOM   972  C CB  . ALA C 1 12 ? -14.734 8.497   -37.025 1.00 63.46 ? 424 ALA C CB  1 
ATOM   973  N N   . ILE C 1 13 ? -15.279 9.502   -33.907 1.00 58.62 ? 425 ILE C N   1 
ATOM   974  C CA  . ILE C 1 13 ? -14.893 10.415  -32.833 1.00 56.50 ? 425 ILE C CA  1 
ATOM   975  C C   . ILE C 1 13 ? -14.800 9.680   -31.498 1.00 55.49 ? 425 ILE C C   1 
ATOM   976  O O   . ILE C 1 13 ? -13.918 9.946   -30.687 1.00 52.15 ? 425 ILE C O   1 
ATOM   977  C CB  . ILE C 1 13 ? -15.920 11.564  -32.688 1.00 55.45 ? 425 ILE C CB  1 
ATOM   978  C CG1 . ILE C 1 13 ? -15.472 12.789  -33.478 1.00 55.94 ? 425 ILE C CG1 1 
ATOM   979  C CG2 . ILE C 1 13 ? -16.095 11.949  -31.239 1.00 55.23 ? 425 ILE C CG2 1 
ATOM   980  C CD1 . ILE C 1 13 ? -16.601 13.577  -33.975 1.00 53.25 ? 425 ILE C CD1 1 
ATOM   981  N N   . GLU C 1 14 ? -15.746 8.775   -31.284 1.00 56.54 ? 426 GLU C N   1 
ATOM   982  C CA  . GLU C 1 14 ? -15.838 7.990   -30.060 1.00 58.39 ? 426 GLU C CA  1 
ATOM   983  C C   . GLU C 1 14 ? -14.980 6.737   -30.122 1.00 58.60 ? 426 GLU C C   1 
ATOM   984  O O   . GLU C 1 14 ? -14.558 6.212   -29.097 1.00 61.81 ? 426 GLU C O   1 
ATOM   985  C CB  . GLU C 1 14 ? -17.301 7.593   -29.816 1.00 60.13 ? 426 GLU C CB  1 
ATOM   986  C CG  . GLU C 1 14 ? -17.941 6.787   -30.956 1.00 60.56 ? 426 GLU C CG  1 
ATOM   987  C CD  . GLU C 1 14 ? -19.258 6.152   -30.583 1.00 62.90 ? 426 GLU C CD  1 
ATOM   988  O OE1 . GLU C 1 14 ? -20.168 6.870   -30.119 1.00 60.84 ? 426 GLU C OE1 1 
ATOM   989  O OE2 . GLU C 1 14 ? -19.409 4.920   -30.761 1.00 64.32 ? 426 GLU C OE2 1 
ATOM   990  N N   . THR C 1 15 ? -14.745 6.267   -31.340 1.00 58.16 ? 427 THR C N   1 
ATOM   991  C CA  . THR C 1 15 ? -13.954 5.067   -31.577 1.00 59.66 ? 427 THR C CA  1 
ATOM   992  C C   . THR C 1 15 ? -12.523 5.283   -31.096 1.00 61.28 ? 427 THR C C   1 
ATOM   993  O O   . THR C 1 15 ? -11.939 4.420   -30.426 1.00 61.61 ? 427 THR C O   1 
ATOM   994  C CB  . THR C 1 15 ? -13.916 4.728   -33.088 1.00 59.97 ? 427 THR C CB  1 
ATOM   995  O OG1 . THR C 1 15 ? -13.630 3.349   -33.270 1.00 62.03 ? 427 THR C OG1 1 
ATOM   996  C CG2 . THR C 1 15 ? -12.852 5.519   -33.852 1.00 58.45 ? 427 THR C CG2 1 
ATOM   997  N N   . ASP C 1 16 ? -12.001 6.443   -31.455 1.00 62.63 ? 428 ASP C N   1 
ATOM   998  C CA  . ASP C 1 16 ? -10.631 6.825   -31.095 1.00 63.87 ? 428 ASP C CA  1 
ATOM   999  C C   . ASP C 1 16 ? -10.651 7.647   -29.790 1.00 62.47 ? 428 ASP C C   1 
ATOM   1000 O O   . ASP C 1 16 ? -9.613  8.146   -29.333 1.00 63.86 ? 428 ASP C O   1 
ATOM   1001 C CB  . ASP C 1 16 ? -9.970  7.550   -32.278 1.00 65.37 ? 428 ASP C CB  1 
ATOM   1002 C CG  . ASP C 1 16 ? -10.011 9.072   -32.196 1.00 67.35 ? 428 ASP C CG  1 
ATOM   1003 O OD1 . ASP C 1 16 ? -10.274 9.651   -31.079 1.00 69.96 ? 428 ASP C OD1 1 
ATOM   1004 O OD2 . ASP C 1 16 ? -9.777  9.774   -33.255 1.00 65.02 ? 428 ASP C OD2 1 
ATOM   1005 N N   . ILE C 1 17 ? -11.853 7.762   -29.225 1.00 58.86 ? 429 ILE C N   1 
ATOM   1006 C CA  . ILE C 1 17 ? -12.068 8.380   -27.893 1.00 54.20 ? 429 ILE C CA  1 
ATOM   1007 C C   . ILE C 1 17 ? -11.894 7.240   -26.885 1.00 51.71 ? 429 ILE C C   1 
ATOM   1008 O O   . ILE C 1 17 ? -11.172 7.361   -25.899 1.00 52.00 ? 429 ILE C O   1 
ATOM   1009 C CB  . ILE C 1 17 ? -13.474 8.975   -27.794 1.00 55.74 ? 429 ILE C CB  1 
ATOM   1010 C CG1 . ILE C 1 17 ? -13.475 10.505  -27.763 1.00 55.89 ? 429 ILE C CG1 1 
ATOM   1011 C CG2 . ILE C 1 17 ? -14.218 8.537   -26.529 1.00 55.85 ? 429 ILE C CG2 1 
ATOM   1012 C CD1 . ILE C 1 17 ? -14.839 11.095  -27.401 1.00 52.82 ? 429 ILE C CD1 1 
ATOM   1013 N N   . ALA C 1 18 ? -12.583 6.135   -27.159 1.00 48.81 ? 430 ALA C N   1 
ATOM   1014 C CA  . ALA C 1 18 ? -12.538 4.931   -26.331 1.00 45.99 ? 430 ALA C CA  1 
ATOM   1015 C C   . ALA C 1 18 ? -11.117 4.404   -26.437 1.00 44.83 ? 430 ALA C C   1 
ATOM   1016 O O   . ALA C 1 18 ? -10.642 3.658   -25.580 1.00 45.79 ? 430 ALA C O   1 
ATOM   1017 C CB  . ALA C 1 18 ? -13.532 3.899   -26.872 1.00 45.75 ? 430 ALA C CB  1 
ATOM   1018 N N   . SER C 1 19 ? -10.462 4.803   -27.524 1.00 43.86 ? 431 SER C N   1 
ATOM   1019 C CA  . SER C 1 19 ? -9.078  4.438   -27.830 1.00 42.91 ? 431 SER C CA  1 
ATOM   1020 C C   . SER C 1 19 ? -8.169  5.072   -26.774 1.00 40.38 ? 431 SER C C   1 
ATOM   1021 O O   . SER C 1 19 ? -7.470  4.390   -26.025 1.00 35.14 ? 431 SER C O   1 
ATOM   1022 C CB  . SER C 1 19 ? -8.721  4.982   -29.221 1.00 42.97 ? 431 SER C CB  1 
ATOM   1023 O OG  . SER C 1 19 ? -7.481  4.503   -29.700 1.00 46.25 ? 431 SER C OG  1 
ATOM   1024 N N   . VAL C 1 20 ? -8.201  6.397   -26.739 1.00 39.17 ? 432 VAL C N   1 
ATOM   1025 C CA  . VAL C 1 20 ? -7.428  7.190   -25.799 1.00 38.55 ? 432 VAL C CA  1 
ATOM   1026 C C   . VAL C 1 20 ? -7.795  6.770   -24.377 1.00 37.10 ? 432 VAL C C   1 
ATOM   1027 O O   . VAL C 1 20 ? -6.942  6.732   -23.494 1.00 33.18 ? 432 VAL C O   1 
ATOM   1028 C CB  . VAL C 1 20 ? -7.743  8.688   -25.994 1.00 39.82 ? 432 VAL C CB  1 
ATOM   1029 C CG1 . VAL C 1 20 ? -7.084  9.512   -24.915 1.00 43.22 ? 432 VAL C CG1 1 
ATOM   1030 C CG2 . VAL C 1 20 ? -7.289  9.139   -27.371 1.00 36.41 ? 432 VAL C CG2 1 
ATOM   1031 N N   . ARG C 1 21 ? -9.074  6.455   -24.175 1.00 37.77 ? 433 ARG C N   1 
ATOM   1032 C CA  . ARG C 1 21 ? -9.597  6.032   -22.875 1.00 37.16 ? 433 ARG C CA  1 
ATOM   1033 C C   . ARG C 1 21 ? -8.795  4.856   -22.329 1.00 36.36 ? 433 ARG C C   1 
ATOM   1034 O O   . ARG C 1 21 ? -8.416  4.842   -21.154 1.00 31.69 ? 433 ARG C O   1 
ATOM   1035 C CB  . ARG C 1 21 ? -11.064 5.618   -23.009 1.00 39.70 ? 433 ARG C CB  1 
ATOM   1036 C CG  . ARG C 1 21 ? -12.055 6.758   -22.868 1.00 43.98 ? 433 ARG C CG  1 
ATOM   1037 C CD  . ARG C 1 21 ? -12.346 7.061   -21.405 1.00 48.15 ? 433 ARG C CD  1 
ATOM   1038 N NE  . ARG C 1 21 ? -13.637 7.720   -21.220 1.00 54.25 ? 433 ARG C NE  1 
ATOM   1039 C CZ  . ARG C 1 21 ? -14.327 8.052   -20.132 1.00 55.17 ? 433 ARG C CZ  1 
ATOM   1040 N NH1 . ARG C 1 21 ? -14.911 7.113   -19.399 1.00 55.82 ? 433 ARG C NH1 1 
ATOM   1041 N NH2 . ARG C 1 21 ? -14.430 9.322   -19.767 1.00 56.30 ? 433 ARG C NH2 1 
ATOM   1042 N N   . GLN C 1 22 ? -8.558  3.871   -23.192 1.00 35.90 ? 434 GLN C N   1 
ATOM   1043 C CA  . GLN C 1 22 ? -7.796  2.683   -22.834 1.00 36.94 ? 434 GLN C CA  1 
ATOM   1044 C C   . GLN C 1 22 ? -6.376  3.104   -22.434 1.00 37.07 ? 434 GLN C C   1 
ATOM   1045 O O   . GLN C 1 22 ? -5.827  2.626   -21.437 1.00 30.72 ? 434 GLN C O   1 
ATOM   1046 C CB  . GLN C 1 22 ? -7.764  1.713   -24.025 1.00 40.41 ? 434 GLN C CB  1 
ATOM   1047 C CG  . GLN C 1 22 ? -6.402  1.074   -24.308 1.00 49.51 ? 434 GLN C CG  1 
ATOM   1048 C CD  . GLN C 1 22 ? -6.001  0.048   -23.257 1.00 53.06 ? 434 GLN C CD  1 
ATOM   1049 O OE1 . GLN C 1 22 ? -4.911  -0.525  -23.313 1.00 55.56 ? 434 GLN C OE1 1 
ATOM   1050 N NE2 . GLN C 1 22 ? -6.881  -0.188  -22.293 1.00 53.37 ? 434 GLN C NE2 1 
ATOM   1051 N N   . GLU C 1 23 ? -5.796  4.012   -23.216 1.00 33.73 ? 435 GLU C N   1 
ATOM   1052 C CA  . GLU C 1 23 ? -4.456  4.507   -22.951 1.00 29.46 ? 435 GLU C CA  1 
ATOM   1053 C C   . GLU C 1 23 ? -4.393  5.265   -21.628 1.00 28.11 ? 435 GLU C C   1 
ATOM   1054 O O   . GLU C 1 23 ? -3.521  5.006   -20.805 1.00 27.53 ? 435 GLU C O   1 
ATOM   1055 C CB  . GLU C 1 23 ? -3.996  5.415   -24.089 1.00 30.56 ? 435 GLU C CB  1 
ATOM   1056 C CG  . GLU C 1 23 ? -3.943  4.723   -25.442 1.00 33.78 ? 435 GLU C CG  1 
ATOM   1057 C CD  . GLU C 1 23 ? -2.889  5.316   -26.365 1.00 35.76 ? 435 GLU C CD  1 
ATOM   1058 O OE1 . GLU C 1 23 ? -2.890  6.553   -26.577 1.00 37.18 ? 435 GLU C OE1 1 
ATOM   1059 O OE2 . GLU C 1 23 ? -2.058  4.537   -26.880 1.00 39.44 ? 435 GLU C OE2 1 
ATOM   1060 N N   . VAL C 1 24 ? -5.314  6.201   -21.425 1.00 24.74 ? 436 VAL C N   1 
ATOM   1061 C CA  . VAL C 1 24 ? -5.339  6.977   -20.189 1.00 25.72 ? 436 VAL C CA  1 
ATOM   1062 C C   . VAL C 1 24 ? -5.472  6.036   -18.980 1.00 30.12 ? 436 VAL C C   1 
ATOM   1063 O O   . VAL C 1 24 ? -4.896  6.275   -17.908 1.00 27.37 ? 436 VAL C O   1 
ATOM   1064 C CB  . VAL C 1 24 ? -6.497  8.017   -20.214 1.00 17.22 ? 436 VAL C CB  1 
ATOM   1065 C CG1 . VAL C 1 24 ? -6.633  8.710   -18.879 1.00 15.72 ? 436 VAL C CG1 1 
ATOM   1066 C CG2 . VAL C 1 24 ? -6.222  9.047   -21.276 1.00 16.07 ? 436 VAL C CG2 1 
ATOM   1067 N N   . ASN C 1 25 ? -6.206  4.944   -19.174 1.00 32.61 ? 437 ASN C N   1 
ATOM   1068 C CA  . ASN C 1 25 ? -6.413  3.964   -18.114 1.00 31.00 ? 437 ASN C CA  1 
ATOM   1069 C C   . ASN C 1 25 ? -5.109  3.260   -17.741 1.00 27.94 ? 437 ASN C C   1 
ATOM   1070 O O   . ASN C 1 25 ? -4.778  3.119   -16.559 1.00 19.44 ? 437 ASN C O   1 
ATOM   1071 C CB  . ASN C 1 25 ? -7.452  2.940   -18.565 1.00 35.46 ? 437 ASN C CB  1 
ATOM   1072 C CG  . ASN C 1 25 ? -8.854  3.512   -18.587 1.00 44.18 ? 437 ASN C CG  1 
ATOM   1073 O OD1 . ASN C 1 25 ? -9.064  4.685   -18.259 1.00 47.00 ? 437 ASN C OD1 1 
ATOM   1074 N ND2 . ASN C 1 25 ? -9.827  2.689   -18.974 1.00 48.52 ? 437 ASN C ND2 1 
ATOM   1075 N N   . THR C 1 26 ? -4.372  2.821   -18.758 1.00 25.39 ? 438 THR C N   1 
ATOM   1076 C CA  . THR C 1 26 ? -3.102  2.139   -18.543 1.00 25.05 ? 438 THR C CA  1 
ATOM   1077 C C   . THR C 1 26 ? -2.115  3.111   -17.898 1.00 23.02 ? 438 THR C C   1 
ATOM   1078 O O   . THR C 1 26 ? -1.359  2.737   -16.994 1.00 17.87 ? 438 THR C O   1 
ATOM   1079 C CB  . THR C 1 26 ? -2.539  1.602   -19.883 1.00 25.27 ? 438 THR C CB  1 
ATOM   1080 O OG1 . THR C 1 26 ? -3.180  0.356   -20.192 1.00 31.09 ? 438 THR C OG1 1 
ATOM   1081 C CG2 . THR C 1 26 ? -1.025  1.393   -19.805 1.00 21.56 ? 438 THR C CG2 1 
ATOM   1082 N N   . ALA C 1 27 ? -2.143  4.360   -18.361 1.00 21.56 ? 439 ALA C N   1 
ATOM   1083 C CA  . ALA C 1 27 ? -1.270  5.408   -17.837 1.00 19.62 ? 439 ALA C CA  1 
ATOM   1084 C C   . ALA C 1 27 ? -1.541  5.621   -16.348 1.00 19.65 ? 439 ALA C C   1 
ATOM   1085 O O   . ALA C 1 27 ? -0.619  5.828   -15.550 1.00 12.04 ? 439 ALA C O   1 
ATOM   1086 C CB  . ALA C 1 27 ? -1.498  6.702   -18.596 1.00 15.58 ? 439 ALA C CB  1 
ATOM   1087 N N   . LYS C 1 28 ? -2.815  5.566   -15.976 1.00 19.76 ? 440 LYS C N   1 
ATOM   1088 C CA  . LYS C 1 28 ? -3.206  5.737   -14.583 1.00 19.93 ? 440 LYS C CA  1 
ATOM   1089 C C   . LYS C 1 28 ? -2.604  4.620   -13.732 1.00 21.26 ? 440 LYS C C   1 
ATOM   1090 O O   . LYS C 1 28 ? -2.132  4.863   -12.611 1.00 13.07 ? 440 LYS C O   1 
ATOM   1091 C CB  . LYS C 1 28 ? -4.728  5.713   -14.464 1.00 21.20 ? 440 LYS C CB  1 
ATOM   1092 C CG  . LYS C 1 28 ? -5.398  7.011   -14.878 1.00 26.68 ? 440 LYS C CG  1 
ATOM   1093 C CD  . LYS C 1 28 ? -6.894  6.981   -14.590 1.00 29.94 ? 440 LYS C CD  1 
ATOM   1094 C CE  . LYS C 1 28 ? -7.223  7.787   -13.343 1.00 38.13 ? 440 LYS C CE  1 
ATOM   1095 N NZ  . LYS C 1 28 ? -6.406  9.034   -13.257 1.00 45.52 ? 440 LYS C NZ  1 
ATOM   1096 N N   . GLY C 1 29 ? -2.629  3.399   -14.274 1.00 20.95 ? 441 GLY C N   1 
ATOM   1097 C CA  . GLY C 1 29 ? -2.089  2.253   -13.570 1.00 17.18 ? 441 GLY C CA  1 
ATOM   1098 C C   . GLY C 1 29 ? -0.592  2.382   -13.406 1.00 16.69 ? 441 GLY C C   1 
ATOM   1099 O O   . GLY C 1 29 ? -0.062  2.123   -12.330 1.00 10.37 ? 441 GLY C O   1 
ATOM   1100 N N   . ASN C 1 30 ? 0.081   2.786   -14.482 1.00 16.53 ? 442 ASN C N   1 
ATOM   1101 C CA  . ASN C 1 30 ? 1.527   2.961   -14.483 1.00 16.05 ? 442 ASN C CA  1 
ATOM   1102 C C   . ASN C 1 30 ? 1.939   4.019   -13.459 1.00 14.18 ? 442 ASN C C   1 
ATOM   1103 O O   . ASN C 1 30 ? 2.920   3.857   -12.724 1.00 7.14  ? 442 ASN C O   1 
ATOM   1104 C CB  . ASN C 1 30 ? 2.008   3.388   -15.872 1.00 15.24 ? 442 ASN C CB  1 
ATOM   1105 C CG  . ASN C 1 30 ? 2.136   2.230   -16.823 1.00 18.26 ? 442 ASN C CG  1 
ATOM   1106 O OD1 . ASN C 1 30 ? 2.469   1.114   -16.426 1.00 21.97 ? 442 ASN C OD1 1 
ATOM   1107 N ND2 . ASN C 1 30 ? 1.869   2.486   -18.095 1.00 18.43 ? 442 ASN C ND2 1 
ATOM   1108 N N   . ILE C 1 31 ? 1.192   5.115   -13.427 1.00 13.49 ? 443 ILE C N   1 
ATOM   1109 C CA  . ILE C 1 31 ? 1.482   6.188   -12.487 1.00 14.80 ? 443 ILE C CA  1 
ATOM   1110 C C   . ILE C 1 31 ? 1.346   5.687   -11.041 1.00 16.61 ? 443 ILE C C   1 
ATOM   1111 O O   . ILE C 1 31 ? 2.217   5.955   -10.208 1.00 12.02 ? 443 ILE C O   1 
ATOM   1112 C CB  . ILE C 1 31 ? 0.550   7.403   -12.728 1.00 6.61  ? 443 ILE C CB  1 
ATOM   1113 C CG1 . ILE C 1 31 ? 1.052   8.214   -13.919 1.00 14.06 ? 443 ILE C CG1 1 
ATOM   1114 C CG2 . ILE C 1 31 ? 0.526   8.306   -11.516 1.00 10.74 ? 443 ILE C CG2 1 
ATOM   1115 C CD1 . ILE C 1 31 ? 0.086   9.326   -14.359 1.00 11.30 ? 443 ILE C CD1 1 
ATOM   1116 N N   . SER C 1 32 ? 0.267   4.955   -10.746 1.00 18.48 ? 444 SER C N   1 
ATOM   1117 C CA  . SER C 1 32 ? 0.056   4.424   -9.391  1.00 18.15 ? 444 SER C CA  1 
ATOM   1118 C C   . SER C 1 32 ? 1.164   3.437   -8.989  1.00 16.82 ? 444 SER C C   1 
ATOM   1119 O O   . SER C 1 32 ? 1.663   3.477   -7.855  1.00 11.52 ? 444 SER C O   1 
ATOM   1120 C CB  . SER C 1 32 ? -1.311  3.750   -9.295  1.00 17.98 ? 444 SER C CB  1 
ATOM   1121 O OG  . SER C 1 32 ? -1.578  3.002   -10.466 1.00 25.33 ? 444 SER C OG  1 
ATOM   1122 N N   . SER C 1 33 ? 1.553   2.565   -9.922  1.00 16.43 ? 445 SER C N   1 
ATOM   1123 C CA  . SER C 1 33 ? 2.624   1.603   -9.661  1.00 18.76 ? 445 SER C CA  1 
ATOM   1124 C C   . SER C 1 33 ? 3.939   2.356   -9.400  1.00 18.65 ? 445 SER C C   1 
ATOM   1125 O O   . SER C 1 33 ? 4.712   1.990   -8.511  1.00 11.80 ? 445 SER C O   1 
ATOM   1126 C CB  . SER C 1 33 ? 2.786   0.659   -10.850 1.00 17.04 ? 445 SER C CB  1 
ATOM   1127 O OG  . SER C 1 33 ? 1.557   0.013   -11.128 1.00 21.08 ? 445 SER C OG  1 
ATOM   1128 N N   . LEU C 1 34 ? 4.176   3.417   -10.170 1.00 18.43 ? 446 LEU C N   1 
ATOM   1129 C CA  . LEU C 1 34 ? 5.383   4.234   -10.010 1.00 14.68 ? 446 LEU C CA  1 
ATOM   1130 C C   . LEU C 1 34 ? 5.390   4.904   -8.638  1.00 16.01 ? 446 LEU C C   1 
ATOM   1131 O O   . LEU C 1 34 ? 6.415   4.948   -7.969  1.00 13.63 ? 446 LEU C O   1 
ATOM   1132 C CB  . LEU C 1 34 ? 5.455   5.307   -11.096 1.00 12.92 ? 446 LEU C CB  1 
ATOM   1133 C CG  . LEU C 1 34 ? 6.195   4.887   -12.361 1.00 12.91 ? 446 LEU C CG  1 
ATOM   1134 C CD1 . LEU C 1 34 ? 5.821   5.814   -13.515 1.00 17.56 ? 446 LEU C CD1 1 
ATOM   1135 C CD2 . LEU C 1 34 ? 7.687   4.919   -12.099 1.00 11.98 ? 446 LEU C CD2 1 
ATOM   1136 N N   . GLN C 1 35 ? 4.239   5.428   -8.229  1.00 16.97 ? 447 GLN C N   1 
ATOM   1137 C CA  . GLN C 1 35 ? 4.120   6.079   -6.935  1.00 14.11 ? 447 GLN C CA  1 
ATOM   1138 C C   . GLN C 1 35 ? 4.438   5.067   -5.825  1.00 17.23 ? 447 GLN C C   1 
ATOM   1139 O O   . GLN C 1 35 ? 5.026   5.410   -4.788  1.00 10.70 ? 447 GLN C O   1 
ATOM   1140 C CB  . GLN C 1 35 ? 2.704   6.626   -6.755  1.00 18.47 ? 447 GLN C CB  1 
ATOM   1141 C CG  . GLN C 1 35 ? 2.469   7.973   -7.410  1.00 16.25 ? 447 GLN C CG  1 
ATOM   1142 C CD  . GLN C 1 35 ? 0.991   8.268   -7.637  1.00 21.87 ? 447 GLN C CD  1 
ATOM   1143 O OE1 . GLN C 1 35 ? 0.125   7.427   -7.375  1.00 20.80 ? 447 GLN C OE1 1 
ATOM   1144 N NE2 . GLN C 1 35 ? 0.697   9.471   -8.126  1.00 24.09 ? 447 GLN C NE2 1 
ATOM   1145 N N   . GLY C 1 36 ? 4.048   3.814   -6.050  1.00 13.23 ? 448 GLY C N   1 
ATOM   1146 C CA  . GLY C 1 36 ? 4.308   2.785   -5.065  1.00 15.02 ? 448 GLY C CA  1 
ATOM   1147 C C   . GLY C 1 36 ? 5.796   2.522   -4.971  1.00 18.28 ? 448 GLY C C   1 
ATOM   1148 O O   . GLY C 1 36 ? 6.369   2.502   -3.872  1.00 14.63 ? 448 GLY C O   1 
ATOM   1149 N N   . ASP C 1 37 ? 6.421   2.335   -6.135  1.00 16.86 ? 449 ASP C N   1 
ATOM   1150 C CA  . ASP C 1 37 ? 7.846   2.061   -6.213  1.00 16.38 ? 449 ASP C CA  1 
ATOM   1151 C C   . ASP C 1 37 ? 8.667   3.240   -5.723  1.00 18.65 ? 449 ASP C C   1 
ATOM   1152 O O   . ASP C 1 37 ? 9.706   3.065   -5.086  1.00 17.91 ? 449 ASP C O   1 
ATOM   1153 C CB  . ASP C 1 37 ? 8.234   1.715   -7.643  1.00 13.99 ? 449 ASP C CB  1 
ATOM   1154 C CG  . ASP C 1 37 ? 7.933   0.277   -7.982  1.00 17.98 ? 449 ASP C CG  1 
ATOM   1155 O OD1 . ASP C 1 37 ? 7.344   -0.419  -7.131  1.00 19.26 ? 449 ASP C OD1 1 
ATOM   1156 O OD2 . ASP C 1 37 ? 8.285   -0.162  -9.096  1.00 23.85 ? 449 ASP C OD2 1 
ATOM   1157 N N   . VAL C 1 38 ? 8.205   4.449   -6.005  1.00 17.34 ? 450 VAL C N   1 
ATOM   1158 C CA  . VAL C 1 38 ? 8.945   5.608   -5.547  1.00 20.71 ? 450 VAL C CA  1 
ATOM   1159 C C   . VAL C 1 38 ? 8.831   5.756   -4.026  1.00 22.82 ? 450 VAL C C   1 
ATOM   1160 O O   . VAL C 1 38 ? 9.801   6.138   -3.356  1.00 22.10 ? 450 VAL C O   1 
ATOM   1161 C CB  . VAL C 1 38 ? 8.468   6.881   -6.249  1.00 13.85 ? 450 VAL C CB  1 
ATOM   1162 C CG1 . VAL C 1 38 ? 8.800   8.103   -5.414  1.00 17.73 ? 450 VAL C CG1 1 
ATOM   1163 C CG2 . VAL C 1 38 ? 9.144   6.980   -7.606  1.00 15.25 ? 450 VAL C CG2 1 
ATOM   1164 N N   . GLN C 1 39 ? 7.662   5.440   -3.473  1.00 18.39 ? 451 GLN C N   1 
ATOM   1165 C CA  . GLN C 1 39 ? 7.504   5.555   -2.033  1.00 18.35 ? 451 GLN C CA  1 
ATOM   1166 C C   . GLN C 1 39 ? 8.377   4.546   -1.302  1.00 20.00 ? 451 GLN C C   1 
ATOM   1167 O O   . GLN C 1 39 ? 8.889   4.837   -0.219  1.00 17.09 ? 451 GLN C O   1 
ATOM   1168 C CB  . GLN C 1 39 ? 6.050   5.364   -1.619  1.00 24.88 ? 451 GLN C CB  1 
ATOM   1169 C CG  . GLN C 1 39 ? 5.775   5.843   -0.199  1.00 28.30 ? 451 GLN C CG  1 
ATOM   1170 C CD  . GLN C 1 39 ? 4.533   5.219   0.404   1.00 35.02 ? 451 GLN C CD  1 
ATOM   1171 O OE1 . GLN C 1 39 ? 3.505   5.884   0.556   1.00 35.22 ? 451 GLN C OE1 1 
ATOM   1172 N NE2 . GLN C 1 39 ? 4.620   3.935   0.755   1.00 33.52 ? 451 GLN C NE2 1 
ATOM   1173 N N   . ALA C 1 40 ? 8.551   3.364   -1.891  1.00 19.88 ? 452 ALA C N   1 
ATOM   1174 C CA  . ALA C 1 40 ? 9.370   2.322   -1.273  1.00 22.08 ? 452 ALA C CA  1 
ATOM   1175 C C   . ALA C 1 40 ? 10.826  2.767   -1.212  1.00 24.85 ? 452 ALA C C   1 
ATOM   1176 O O   . ALA C 1 40 ? 11.519  2.533   -0.215  1.00 27.70 ? 452 ALA C O   1 
ATOM   1177 C CB  . ALA C 1 40 ? 9.259   1.019   -2.057  1.00 19.99 ? 452 ALA C CB  1 
ATOM   1178 N N   . LEU C 1 41 ? 11.287  3.411   -2.282  1.00 21.58 ? 453 LEU C N   1 
ATOM   1179 C CA  . LEU C 1 41 ? 12.662  3.893   -2.346  1.00 19.85 ? 453 LEU C CA  1 
ATOM   1180 C C   . LEU C 1 41 ? 12.895  4.963   -1.278  1.00 23.94 ? 453 LEU C C   1 
ATOM   1181 O O   . LEU C 1 41 ? 13.933  4.981   -0.606  1.00 22.46 ? 453 LEU C O   1 
ATOM   1182 C CB  . LEU C 1 41 ? 12.955  4.477   -3.734  1.00 11.27 ? 453 LEU C CB  1 
ATOM   1183 C CG  . LEU C 1 41 ? 13.182  3.478   -4.870  1.00 9.87  ? 453 LEU C CG  1 
ATOM   1184 C CD1 . LEU C 1 41 ? 13.167  4.230   -6.186  1.00 13.92 ? 453 LEU C CD1 1 
ATOM   1185 C CD2 . LEU C 1 41 ? 14.509  2.746   -4.693  1.00 14.82 ? 453 LEU C CD2 1 
ATOM   1186 N N   . GLN C 1 42 ? 11.922  5.858   -1.131  1.00 25.80 ? 454 GLN C N   1 
ATOM   1187 C CA  . GLN C 1 42 ? 12.016  6.939   -0.158  1.00 26.15 ? 454 GLN C CA  1 
ATOM   1188 C C   . GLN C 1 42 ? 12.070  6.378   1.265   1.00 30.20 ? 454 GLN C C   1 
ATOM   1189 O O   . GLN C 1 42 ? 12.763  6.927   2.132   1.00 32.42 ? 454 GLN C O   1 
ATOM   1190 C CB  . GLN C 1 42 ? 10.812  7.879   -0.294  1.00 22.40 ? 454 GLN C CB  1 
ATOM   1191 C CG  . GLN C 1 42 ? 10.725  8.623   -1.619  1.00 20.86 ? 454 GLN C CG  1 
ATOM   1192 C CD  . GLN C 1 42 ? 9.409   9.371   -1.780  1.00 21.58 ? 454 GLN C CD  1 
ATOM   1193 O OE1 . GLN C 1 42 ? 9.328   10.365  -2.503  1.00 22.97 ? 454 GLN C OE1 1 
ATOM   1194 N NE2 . GLN C 1 42 ? 8.374   8.895   -1.102  1.00 18.26 ? 454 GLN C NE2 1 
ATOM   1195 N N   . GLU C 1 43 ? 11.348  5.283   1.492   1.00 27.92 ? 455 GLU C N   1 
ATOM   1196 C CA  . GLU C 1 43 ? 11.292  4.654   2.805   1.00 30.33 ? 455 GLU C CA  1 
ATOM   1197 C C   . GLU C 1 43 ? 12.322  3.540   2.964   1.00 31.23 ? 455 GLU C C   1 
ATOM   1198 O O   . GLU C 1 43 ? 12.285  2.786   3.936   1.00 32.59 ? 455 GLU C O   1 
ATOM   1199 C CB  . GLU C 1 43 ? 9.882   4.105   3.049   1.00 31.19 ? 455 GLU C CB  1 
ATOM   1200 C CG  . GLU C 1 43 ? 8.819   5.192   3.194   1.00 36.27 ? 455 GLU C CG  1 
ATOM   1201 C CD  . GLU C 1 43 ? 7.397   4.652   3.134   1.00 40.08 ? 455 GLU C CD  1 
ATOM   1202 O OE1 . GLU C 1 43 ? 7.229   3.429   2.915   1.00 40.31 ? 455 GLU C OE1 1 
ATOM   1203 O OE2 . GLU C 1 43 ? 6.449   5.455   3.305   1.00 39.71 ? 455 GLU C OE2 1 
ATOM   1204 N N   . ALA C 1 44 ? 13.246  3.448   2.013   1.00 31.33 ? 456 ALA C N   1 
ATOM   1205 C CA  . ALA C 1 44 ? 14.285  2.422   2.039   1.00 31.28 ? 456 ALA C CA  1 
ATOM   1206 C C   . ALA C 1 44 ? 15.351  2.702   3.101   1.00 32.11 ? 456 ALA C C   1 
ATOM   1207 O O   . ALA C 1 44 ? 16.078  1.794   3.520   1.00 30.40 ? 456 ALA C O   1 
ATOM   1208 C CB  . ALA C 1 44 ? 14.934  2.313   0.666   1.00 28.68 ? 456 ALA C CB  1 
ATOM   1209 N N   . GLY C 1 45 ? 15.438  3.960   3.530   1.00 29.72 ? 457 GLY C N   1 
ATOM   1210 C CA  . GLY C 1 45 ? 16.417  4.342   4.533   1.00 30.05 ? 457 GLY C CA  1 
ATOM   1211 C C   . GLY C 1 45 ? 17.852  4.354   4.030   1.00 30.79 ? 457 GLY C C   1 
ATOM   1212 O O   . GLY C 1 45 ? 18.787  4.230   4.819   1.00 31.12 ? 457 GLY C O   1 
ATOM   1213 N N   . TYR C 1 46 ? 18.042  4.499   2.722   1.00 30.60 ? 458 TYR C N   1 
ATOM   1214 C CA  . TYR C 1 46 ? 19.389  4.530   2.160   1.00 32.06 ? 458 TYR C CA  1 
ATOM   1215 C C   . TYR C 1 46 ? 20.206  5.660   2.789   1.00 34.63 ? 458 TYR C C   1 
ATOM   1216 O O   . TYR C 1 46 ? 19.659  6.704   3.161   1.00 35.32 ? 458 TYR C O   1 
ATOM   1217 C CB  . TYR C 1 46 ? 19.335  4.729   0.644   1.00 30.51 ? 458 TYR C CB  1 
ATOM   1218 C CG  . TYR C 1 46 ? 18.645  3.612   -0.107  1.00 30.31 ? 458 TYR C CG  1 
ATOM   1219 C CD1 . TYR C 1 46 ? 18.826  2.278   0.261   1.00 30.63 ? 458 TYR C CD1 1 
ATOM   1220 C CD2 . TYR C 1 46 ? 17.831  3.888   -1.207  1.00 27.42 ? 458 TYR C CD2 1 
ATOM   1221 C CE1 . TYR C 1 46 ? 18.219  1.249   -0.450  1.00 30.91 ? 458 TYR C CE1 1 
ATOM   1222 C CE2 . TYR C 1 46 ? 17.219  2.869   -1.924  1.00 26.96 ? 458 TYR C CE2 1 
ATOM   1223 C CZ  . TYR C 1 46 ? 17.420  1.552   -1.544  1.00 29.21 ? 458 TYR C CZ  1 
ATOM   1224 O OH  . TYR C 1 46 ? 16.845  0.534   -2.268  1.00 31.09 ? 458 TYR C OH  1 
ATOM   1225 N N   . ILE C 1 47 ? 21.516  5.457   2.897   1.00 34.63 ? 459 ILE C N   1 
ATOM   1226 C CA  . ILE C 1 47 ? 22.376  6.468   3.497   1.00 35.96 ? 459 ILE C CA  1 
ATOM   1227 C C   . ILE C 1 47 ? 23.207  7.219   2.469   1.00 32.60 ? 459 ILE C C   1 
ATOM   1228 O O   . ILE C 1 47 ? 23.582  6.671   1.433   1.00 29.23 ? 459 ILE C O   1 
ATOM   1229 C CB  . ILE C 1 47 ? 23.318  5.853   4.569   1.00 38.04 ? 459 ILE C CB  1 
ATOM   1230 C CG1 . ILE C 1 47 ? 23.754  4.443   4.156   1.00 39.38 ? 459 ILE C CG1 1 
ATOM   1231 C CG2 . ILE C 1 47 ? 22.610  5.839   5.924   1.00 39.27 ? 459 ILE C CG2 1 
ATOM   1232 C CD1 . ILE C 1 47 ? 23.982  3.493   5.325   1.00 40.09 ? 459 ILE C CD1 1 
ATOM   1233 N N   . PRO C 1 48 ? 23.499  8.500   2.746   1.00 34.63 ? 460 PRO C N   1 
ATOM   1234 C CA  . PRO C 1 48 ? 24.290  9.325   1.831   1.00 33.92 ? 460 PRO C CA  1 
ATOM   1235 C C   . PRO C 1 48 ? 25.807  9.229   2.014   1.00 33.18 ? 460 PRO C C   1 
ATOM   1236 O O   . PRO C 1 48 ? 26.307  8.663   2.990   1.00 30.99 ? 460 PRO C O   1 
ATOM   1237 C CB  . PRO C 1 48 ? 23.772  10.734  2.098   1.00 34.15 ? 460 PRO C CB  1 
ATOM   1238 C CG  . PRO C 1 48 ? 23.340  10.702  3.553   1.00 34.80 ? 460 PRO C CG  1 
ATOM   1239 C CD  . PRO C 1 48 ? 23.072  9.259   3.937   1.00 32.41 ? 460 PRO C CD  1 
ATOM   1240 N N   . GLU C 1 49 ? 26.525  9.794   1.049   1.00 31.24 ? 461 GLU C N   1 
ATOM   1241 C CA  . GLU C 1 49 ? 27.976  9.820   1.052   1.00 28.93 ? 461 GLU C CA  1 
ATOM   1242 C C   . GLU C 1 49 ? 28.517  10.355  2.376   1.00 28.62 ? 461 GLU C C   1 
ATOM   1243 O O   . GLU C 1 49 ? 27.880  11.176  3.036   1.00 28.84 ? 461 GLU C O   1 
ATOM   1244 C CB  . GLU C 1 49 ? 28.475  10.708  -0.094  1.00 26.17 ? 461 GLU C CB  1 
ATOM   1245 C CG  . GLU C 1 49 ? 29.939  10.534  -0.422  1.00 26.44 ? 461 GLU C CG  1 
ATOM   1246 C CD  . GLU C 1 49 ? 30.302  9.079   -0.610  1.00 30.80 ? 461 GLU C CD  1 
ATOM   1247 O OE1 . GLU C 1 49 ? 29.768  8.465   -1.559  1.00 27.14 ? 461 GLU C OE1 1 
ATOM   1248 O OE2 . GLU C 1 49 ? 31.111  8.552   0.190   1.00 31.22 ? 461 GLU C OE2 1 
ATOM   1249 N N   . ALA C 1 50 ? 29.694  9.881   2.762   1.00 29.31 ? 462 ALA C N   1 
ATOM   1250 C CA  . ALA C 1 50 ? 30.338  10.342  3.988   1.00 30.21 ? 462 ALA C CA  1 
ATOM   1251 C C   . ALA C 1 50 ? 31.223  11.539  3.618   1.00 29.15 ? 462 ALA C C   1 
ATOM   1252 O O   . ALA C 1 50 ? 31.448  11.813  2.433   1.00 27.93 ? 462 ALA C O   1 
ATOM   1253 C CB  . ALA C 1 50 ? 31.185  9.214   4.589   1.00 29.15 ? 462 ALA C CB  1 
ATOM   1254 N N   . PRO C 1 51 ? 31.711  12.288  4.618   1.00 29.55 ? 463 PRO C N   1 
ATOM   1255 C CA  . PRO C 1 51 ? 32.563  13.427  4.262   1.00 29.59 ? 463 PRO C CA  1 
ATOM   1256 C C   . PRO C 1 51 ? 33.786  12.921  3.510   1.00 31.07 ? 463 PRO C C   1 
ATOM   1257 O O   . PRO C 1 51 ? 34.330  11.870  3.847   1.00 33.26 ? 463 PRO C O   1 
ATOM   1258 C CB  . PRO C 1 51 ? 32.938  14.043  5.612   1.00 26.77 ? 463 PRO C CB  1 
ATOM   1259 C CG  . PRO C 1 51 ? 31.898  13.537  6.569   1.00 28.50 ? 463 PRO C CG  1 
ATOM   1260 C CD  . PRO C 1 51 ? 31.514  12.175  6.073   1.00 32.01 ? 463 PRO C CD  1 
ATOM   1261 N N   . ARG C 1 52 ? 34.205  13.649  2.482   1.00 30.92 ? 464 ARG C N   1 
ATOM   1262 C CA  . ARG C 1 52 ? 35.373  13.254  1.707   1.00 31.93 ? 464 ARG C CA  1 
ATOM   1263 C C   . ARG C 1 52 ? 36.511  14.201  2.054   1.00 32.50 ? 464 ARG C C   1 
ATOM   1264 O O   . ARG C 1 52 ? 36.717  15.219  1.393   1.00 34.67 ? 464 ARG C O   1 
ATOM   1265 C CB  . ARG C 1 52 ? 35.058  13.314  0.216   1.00 33.81 ? 464 ARG C CB  1 
ATOM   1266 C CG  . ARG C 1 52 ? 33.766  12.602  -0.149  1.00 38.45 ? 464 ARG C CG  1 
ATOM   1267 C CD  . ARG C 1 52 ? 33.556  12.579  -1.652  1.00 45.65 ? 464 ARG C CD  1 
ATOM   1268 N NE  . ARG C 1 52 ? 32.188  12.925  -2.026  1.00 53.25 ? 464 ARG C NE  1 
ATOM   1269 C CZ  . ARG C 1 52 ? 31.494  12.309  -2.978  1.00 57.09 ? 464 ARG C CZ  1 
ATOM   1270 N NH1 . ARG C 1 52 ? 32.040  11.309  -3.662  1.00 57.16 ? 464 ARG C NH1 1 
ATOM   1271 N NH2 . ARG C 1 52 ? 30.249  12.687  -3.247  1.00 59.14 ? 464 ARG C NH2 1 
ATOM   1272 N N   . ASP C 1 53 ? 37.248  13.853  3.104   1.00 31.27 ? 465 ASP C N   1 
ATOM   1273 C CA  . ASP C 1 53 ? 38.353  14.673  3.586   1.00 26.66 ? 465 ASP C CA  1 
ATOM   1274 C C   . ASP C 1 53 ? 39.632  13.869  3.802   1.00 28.02 ? 465 ASP C C   1 
ATOM   1275 O O   . ASP C 1 53 ? 40.457  14.224  4.642   1.00 27.41 ? 465 ASP C O   1 
ATOM   1276 C CB  . ASP C 1 53 ? 37.948  15.328  4.899   1.00 21.79 ? 465 ASP C CB  1 
ATOM   1277 C CG  . ASP C 1 53 ? 37.391  14.326  5.893   1.00 21.63 ? 465 ASP C CG  1 
ATOM   1278 O OD1 . ASP C 1 53 ? 37.466  13.106  5.617   1.00 19.54 ? 465 ASP C OD1 1 
ATOM   1279 O OD2 . ASP C 1 53 ? 36.878  14.755  6.950   1.00 23.75 ? 465 ASP C OD2 1 
ATOM   1280 N N   . GLY C 1 54 ? 39.787  12.787  3.048   1.00 27.56 ? 466 GLY C N   1 
ATOM   1281 C CA  . GLY C 1 54 ? 40.973  11.961  3.183   1.00 30.14 ? 466 GLY C CA  1 
ATOM   1282 C C   . GLY C 1 54 ? 40.990  11.098  4.432   1.00 30.86 ? 466 GLY C C   1 
ATOM   1283 O O   . GLY C 1 54 ? 41.952  10.373  4.677   1.00 30.79 ? 466 GLY C O   1 
ATOM   1284 N N   . GLN C 1 55 ? 39.933  11.175  5.231   1.00 30.86 ? 467 GLN C N   1 
ATOM   1285 C CA  . GLN C 1 55 ? 39.850  10.384  6.453   1.00 29.24 ? 467 GLN C CA  1 
ATOM   1286 C C   . GLN C 1 55 ? 38.820  9.282   6.261   1.00 28.92 ? 467 GLN C C   1 
ATOM   1287 O O   . GLN C 1 55 ? 37.954  9.382   5.391   1.00 26.30 ? 467 GLN C O   1 
ATOM   1288 C CB  . GLN C 1 55 ? 39.441  11.263  7.642   1.00 31.27 ? 467 GLN C CB  1 
ATOM   1289 C CG  . GLN C 1 55 ? 40.308  12.495  7.852   1.00 34.28 ? 467 GLN C CG  1 
ATOM   1290 C CD  . GLN C 1 55 ? 39.772  13.401  8.943   1.00 35.85 ? 467 GLN C CD  1 
ATOM   1291 O OE1 . GLN C 1 55 ? 40.058  13.203  10.123  1.00 42.25 ? 467 GLN C OE1 1 
ATOM   1292 N NE2 . GLN C 1 55 ? 38.989  14.400  8.556   1.00 33.89 ? 467 GLN C NE2 1 
ATOM   1293 N N   . ALA C 1 56 ? 38.921  8.233   7.073   1.00 27.51 ? 468 ALA C N   1 
ATOM   1294 C CA  . ALA C 1 56 ? 37.993  7.110   6.999   1.00 25.24 ? 468 ALA C CA  1 
ATOM   1295 C C   . ALA C 1 56 ? 36.815  7.349   7.923   1.00 24.94 ? 468 ALA C C   1 
ATOM   1296 O O   . ALA C 1 56 ? 36.912  8.084   8.910   1.00 23.12 ? 468 ALA C O   1 
ATOM   1297 C CB  . ALA C 1 56 ? 38.697  5.810   7.373   1.00 25.91 ? 468 ALA C CB  1 
ATOM   1298 N N   . TYR C 1 57 ? 35.696  6.716   7.603   1.00 25.48 ? 469 TYR C N   1 
ATOM   1299 C CA  . TYR C 1 57 ? 34.497  6.881   8.401   1.00 24.18 ? 469 TYR C CA  1 
ATOM   1300 C C   . TYR C 1 57 ? 33.787  5.566   8.664   1.00 21.74 ? 469 TYR C C   1 
ATOM   1301 O O   . TYR C 1 57 ? 33.843  4.643   7.856   1.00 19.80 ? 469 TYR C O   1 
ATOM   1302 C CB  . TYR C 1 57 ? 33.541  7.847   7.697   1.00 26.89 ? 469 TYR C CB  1 
ATOM   1303 C CG  . TYR C 1 57 ? 33.963  9.295   7.800   1.00 25.91 ? 469 TYR C CG  1 
ATOM   1304 C CD1 . TYR C 1 57 ? 33.569  10.073  8.887   1.00 30.30 ? 469 TYR C CD1 1 
ATOM   1305 C CD2 . TYR C 1 57 ? 34.747  9.892   6.808   1.00 25.67 ? 469 TYR C CD2 1 
ATOM   1306 C CE1 . TYR C 1 57 ? 33.936  11.407  8.991   1.00 30.90 ? 469 TYR C CE1 1 
ATOM   1307 C CE2 . TYR C 1 57 ? 35.124  11.232  6.903   1.00 25.70 ? 469 TYR C CE2 1 
ATOM   1308 C CZ  . TYR C 1 57 ? 34.711  11.981  8.000   1.00 29.66 ? 469 TYR C CZ  1 
ATOM   1309 O OH  . TYR C 1 57 ? 35.062  13.304  8.130   1.00 33.73 ? 469 TYR C OH  1 
ATOM   1310 N N   . VAL C 1 58 ? 33.130  5.491   9.814   1.00 19.88 ? 470 VAL C N   1 
ATOM   1311 C CA  . VAL C 1 58 ? 32.363  4.315   10.192  1.00 22.01 ? 470 VAL C CA  1 
ATOM   1312 C C   . VAL C 1 58 ? 30.971  4.858   10.510  1.00 22.80 ? 470 VAL C C   1 
ATOM   1313 O O   . VAL C 1 58 ? 30.825  6.047   10.804  1.00 23.02 ? 470 VAL C O   1 
ATOM   1314 C CB  . VAL C 1 58 ? 32.970  3.602   11.444  1.00 19.04 ? 470 VAL C CB  1 
ATOM   1315 C CG1 . VAL C 1 58 ? 34.357  3.101   11.125  1.00 13.60 ? 470 VAL C CG1 1 
ATOM   1316 C CG2 . VAL C 1 58 ? 33.012  4.550   12.629  1.00 21.40 ? 470 VAL C CG2 1 
ATOM   1317 N N   . ARG C 1 59 ? 29.952  4.008   10.442  1.00 27.25 ? 471 ARG C N   1 
ATOM   1318 C CA  . ARG C 1 59 ? 28.588  4.456   10.716  1.00 30.38 ? 471 ARG C CA  1 
ATOM   1319 C C   . ARG C 1 59 ? 28.164  4.202   12.161  1.00 30.97 ? 471 ARG C C   1 
ATOM   1320 O O   . ARG C 1 59 ? 28.236  3.077   12.654  1.00 29.67 ? 471 ARG C O   1 
ATOM   1321 C CB  . ARG C 1 59 ? 27.605  3.773   9.757   1.00 31.89 ? 471 ARG C CB  1 
ATOM   1322 C CG  . ARG C 1 59 ? 26.218  4.409   9.729   1.00 34.64 ? 471 ARG C CG  1 
ATOM   1323 C CD  . ARG C 1 59 ? 26.099  5.451   8.620   1.00 36.12 ? 471 ARG C CD  1 
ATOM   1324 N NE  . ARG C 1 59 ? 24.805  6.131   8.655   1.00 37.36 ? 471 ARG C NE  1 
ATOM   1325 C CZ  . ARG C 1 59 ? 24.604  7.386   8.262   1.00 35.30 ? 471 ARG C CZ  1 
ATOM   1326 N NH1 . ARG C 1 59 ? 25.613  8.113   7.798   1.00 30.86 ? 471 ARG C NH1 1 
ATOM   1327 N NH2 . ARG C 1 59 ? 23.390  7.915   8.335   1.00 32.23 ? 471 ARG C NH2 1 
ATOM   1328 N N   . LYS C 1 60 ? 27.722  5.257   12.835  1.00 33.22 ? 472 LYS C N   1 
ATOM   1329 C CA  . LYS C 1 60 ? 27.290  5.146   14.222  1.00 34.23 ? 472 LYS C CA  1 
ATOM   1330 C C   . LYS C 1 60 ? 26.117  6.079   14.507  1.00 36.37 ? 472 LYS C C   1 
ATOM   1331 O O   . LYS C 1 60 ? 26.215  7.293   14.318  1.00 35.72 ? 472 LYS C O   1 
ATOM   1332 C CB  . LYS C 1 60 ? 28.453  5.470   15.165  1.00 33.73 ? 472 LYS C CB  1 
ATOM   1333 C CG  . LYS C 1 60 ? 28.103  5.344   16.630  1.00 34.98 ? 472 LYS C CG  1 
ATOM   1334 C CD  . LYS C 1 60 ? 29.290  5.702   17.495  1.00 35.97 ? 472 LYS C CD  1 
ATOM   1335 C CE  . LYS C 1 60 ? 28.928  6.798   18.475  1.00 34.96 ? 472 LYS C CE  1 
ATOM   1336 N NZ  . LYS C 1 60 ? 28.488  6.223   19.772  1.00 34.44 ? 472 LYS C NZ  1 
ATOM   1337 N N   . ASP C 1 61 ? 25.005  5.502   14.954  1.00 34.92 ? 473 ASP C N   1 
ATOM   1338 C CA  . ASP C 1 61 ? 23.810  6.274   15.274  1.00 33.19 ? 473 ASP C CA  1 
ATOM   1339 C C   . ASP C 1 61 ? 23.388  7.166   14.108  1.00 32.24 ? 473 ASP C C   1 
ATOM   1340 O O   . ASP C 1 61 ? 23.294  8.386   14.250  1.00 32.87 ? 473 ASP C O   1 
ATOM   1341 C CB  . ASP C 1 61 ? 24.057  7.134   16.520  1.00 34.11 ? 473 ASP C CB  1 
ATOM   1342 C CG  . ASP C 1 61 ? 24.205  6.307   17.787  1.00 31.96 ? 473 ASP C CG  1 
ATOM   1343 O OD1 . ASP C 1 61 ? 23.591  5.224   17.877  1.00 38.38 ? 473 ASP C OD1 1 
ATOM   1344 O OD2 . ASP C 1 61 ? 24.938  6.744   18.695  1.00 33.32 ? 473 ASP C OD2 1 
ATOM   1345 N N   . GLY C 1 62 ? 23.145  6.551   12.956  1.00 34.05 ? 474 GLY C N   1 
ATOM   1346 C CA  . GLY C 1 62 ? 22.718  7.296   11.784  1.00 37.62 ? 474 GLY C CA  1 
ATOM   1347 C C   . GLY C 1 62 ? 23.628  8.425   11.329  1.00 39.51 ? 474 GLY C C   1 
ATOM   1348 O O   . GLY C 1 62 ? 23.201  9.308   10.582  1.00 38.75 ? 474 GLY C O   1 
ATOM   1349 N N   . GLU C 1 63 ? 24.883  8.404   11.769  1.00 41.11 ? 475 GLU C N   1 
ATOM   1350 C CA  . GLU C 1 63 ? 25.839  9.437   11.389  1.00 39.01 ? 475 GLU C CA  1 
ATOM   1351 C C   . GLU C 1 63 ? 27.195  8.835   11.018  1.00 36.28 ? 475 GLU C C   1 
ATOM   1352 O O   . GLU C 1 63 ? 27.565  7.766   11.503  1.00 31.12 ? 475 GLU C O   1 
ATOM   1353 C CB  . GLU C 1 63 ? 26.000  10.449  12.535  1.00 42.29 ? 475 GLU C CB  1 
ATOM   1354 C CG  . GLU C 1 63 ? 27.135  10.145  13.509  1.00 50.92 ? 475 GLU C CG  1 
ATOM   1355 C CD  . GLU C 1 63 ? 26.657  9.931   14.944  1.00 53.87 ? 475 GLU C CD  1 
ATOM   1356 O OE1 . GLU C 1 63 ? 25.506  10.313  15.258  1.00 55.83 ? 475 GLU C OE1 1 
ATOM   1357 O OE2 . GLU C 1 63 ? 27.438  9.379   15.757  1.00 48.46 ? 475 GLU C OE2 1 
ATOM   1358 N N   . TRP C 1 64 ? 27.920  9.523   10.141  1.00 34.06 ? 476 TRP C N   1 
ATOM   1359 C CA  . TRP C 1 64 ? 29.242  9.081   9.718   1.00 33.98 ? 476 TRP C CA  1 
ATOM   1360 C C   . TRP C 1 64 ? 30.220  9.669   10.728  1.00 35.73 ? 476 TRP C C   1 
ATOM   1361 O O   . TRP C 1 64 ? 30.134  10.852  11.056  1.00 38.23 ? 476 TRP C O   1 
ATOM   1362 C CB  . TRP C 1 64 ? 29.568  9.617   8.323   1.00 33.69 ? 476 TRP C CB  1 
ATOM   1363 C CG  . TRP C 1 64 ? 29.048  8.775   7.191   1.00 36.38 ? 476 TRP C CG  1 
ATOM   1364 C CD1 . TRP C 1 64 ? 28.195  9.172   6.207   1.00 38.73 ? 476 TRP C CD1 1 
ATOM   1365 C CD2 . TRP C 1 64 ? 29.385  7.411   6.913   1.00 37.41 ? 476 TRP C CD2 1 
ATOM   1366 N NE1 . TRP C 1 64 ? 27.975  8.137   5.326   1.00 37.23 ? 476 TRP C NE1 1 
ATOM   1367 C CE2 . TRP C 1 64 ? 28.691  7.044   5.730   1.00 37.50 ? 476 TRP C CE2 1 
ATOM   1368 C CE3 . TRP C 1 64 ? 30.193  6.454   7.530   1.00 36.45 ? 476 TRP C CE3 1 
ATOM   1369 C CZ2 . TRP C 1 64 ? 28.791  5.768   5.169   1.00 36.71 ? 476 TRP C CZ2 1 
ATOM   1370 C CZ3 . TRP C 1 64 ? 30.292  5.186   6.969   1.00 35.33 ? 476 TRP C CZ3 1 
ATOM   1371 C CH2 . TRP C 1 64 ? 29.594  4.856   5.799   1.00 33.63 ? 476 TRP C CH2 1 
ATOM   1372 N N   . VAL C 1 65 ? 31.137  8.850   11.234  1.00 36.38 ? 477 VAL C N   1 
ATOM   1373 C CA  . VAL C 1 65 ? 32.118  9.336   12.205  1.00 36.07 ? 477 VAL C CA  1 
ATOM   1374 C C   . VAL C 1 65 ? 33.520  8.788   11.952  1.00 34.90 ? 477 VAL C C   1 
ATOM   1375 O O   . VAL C 1 65 ? 33.696  7.634   11.551  1.00 31.32 ? 477 VAL C O   1 
ATOM   1376 C CB  . VAL C 1 65 ? 31.711  8.977   13.655  1.00 35.94 ? 477 VAL C CB  1 
ATOM   1377 C CG1 . VAL C 1 65 ? 32.719  9.555   14.630  1.00 36.15 ? 477 VAL C CG1 1 
ATOM   1378 C CG2 . VAL C 1 65 ? 30.330  9.521   13.962  1.00 33.06 ? 477 VAL C CG2 1 
ATOM   1379 N N   . LEU C 1 66 ? 34.515  9.633   12.194  1.00 33.46 ? 478 LEU C N   1 
ATOM   1380 C CA  . LEU C 1 66 ? 35.908  9.253   12.004  1.00 36.14 ? 478 LEU C CA  1 
ATOM   1381 C C   . LEU C 1 66 ? 36.272  7.993   12.789  1.00 33.66 ? 478 LEU C C   1 
ATOM   1382 O O   . LEU C 1 66 ? 36.016  7.888   13.991  1.00 32.30 ? 478 LEU C O   1 
ATOM   1383 C CB  . LEU C 1 66 ? 36.826  10.401  12.426  1.00 36.75 ? 478 LEU C CB  1 
ATOM   1384 C CG  . LEU C 1 66 ? 36.525  11.773  11.822  1.00 36.72 ? 478 LEU C CG  1 
ATOM   1385 C CD1 . LEU C 1 66 ? 37.288  12.839  12.598  1.00 34.98 ? 478 LEU C CD1 1 
ATOM   1386 C CD2 . LEU C 1 66 ? 36.918  11.786  10.348  1.00 31.08 ? 478 LEU C CD2 1 
ATOM   1387 N N   . LEU C 1 67 ? 36.878  7.043   12.087  1.00 32.67 ? 479 LEU C N   1 
ATOM   1388 C CA  . LEU C 1 67 ? 37.295  5.772   12.663  1.00 32.88 ? 479 LEU C CA  1 
ATOM   1389 C C   . LEU C 1 67 ? 38.383  5.930   13.736  1.00 32.30 ? 479 LEU C C   1 
ATOM   1390 O O   . LEU C 1 67 ? 38.382  5.206   14.732  1.00 30.41 ? 479 LEU C O   1 
ATOM   1391 C CB  . LEU C 1 67 ? 37.785  4.858   11.537  1.00 31.61 ? 479 LEU C CB  1 
ATOM   1392 C CG  . LEU C 1 67 ? 38.702  3.677   11.852  1.00 33.33 ? 479 LEU C CG  1 
ATOM   1393 C CD1 . LEU C 1 67 ? 37.890  2.539   12.470  1.00 29.77 ? 479 LEU C CD1 1 
ATOM   1394 C CD2 . LEU C 1 67 ? 39.388  3.224   10.552  1.00 32.45 ? 479 LEU C CD2 1 
ATOM   1395 N N   . SER C 1 68 ? 39.299  6.876   13.524  1.00 34.28 ? 480 SER C N   1 
ATOM   1396 C CA  . SER C 1 68 ? 40.401  7.151   14.460  1.00 35.37 ? 480 SER C CA  1 
ATOM   1397 C C   . SER C 1 68 ? 39.874  7.604   15.819  1.00 36.29 ? 480 SER C C   1 
ATOM   1398 O O   . SER C 1 68 ? 40.574  7.543   16.830  1.00 33.93 ? 480 SER C O   1 
ATOM   1399 C CB  . SER C 1 68 ? 41.326  8.239   13.895  1.00 34.14 ? 480 SER C CB  1 
ATOM   1400 O OG  . SER C 1 68 ? 42.275  7.700   12.989  1.00 36.21 ? 480 SER C OG  1 
ATOM   1401 N N   . THR C 1 69 ? 38.632  8.072   15.823  1.00 38.86 ? 481 THR C N   1 
ATOM   1402 C CA  . THR C 1 69 ? 37.976  8.534   17.033  1.00 40.95 ? 481 THR C CA  1 
ATOM   1403 C C   . THR C 1 69 ? 37.844  7.355   18.004  1.00 40.99 ? 481 THR C C   1 
ATOM   1404 O O   . THR C 1 69 ? 37.724  7.535   19.217  1.00 39.27 ? 481 THR C O   1 
ATOM   1405 C CB  . THR C 1 69 ? 36.577  9.107   16.683  1.00 42.87 ? 481 THR C CB  1 
ATOM   1406 O OG1 . THR C 1 69 ? 36.696  10.508  16.408  1.00 43.17 ? 481 THR C OG1 1 
ATOM   1407 C CG2 . THR C 1 69 ? 35.585  8.884   17.819  1.00 46.06 ? 481 THR C CG2 1 
ATOM   1408 N N   . PHE C 1 70 ? 37.890  6.147   17.450  1.00 41.61 ? 482 PHE C N   1 
ATOM   1409 C CA  . PHE C 1 70 ? 37.764  4.920   18.229  1.00 43.79 ? 482 PHE C CA  1 
ATOM   1410 C C   . PHE C 1 70 ? 39.082  4.175   18.312  1.00 44.45 ? 482 PHE C C   1 
ATOM   1411 O O   . PHE C 1 70 ? 39.250  3.296   19.153  1.00 43.74 ? 482 PHE C O   1 
ATOM   1412 C CB  . PHE C 1 70 ? 36.722  3.992   17.590  1.00 43.63 ? 482 PHE C CB  1 
ATOM   1413 C CG  . PHE C 1 70 ? 35.428  4.672   17.265  1.00 43.28 ? 482 PHE C CG  1 
ATOM   1414 C CD1 . PHE C 1 70 ? 34.414  4.747   18.213  1.00 42.84 ? 482 PHE C CD1 1 
ATOM   1415 C CD2 . PHE C 1 70 ? 35.235  5.266   16.022  1.00 44.71 ? 482 PHE C CD2 1 
ATOM   1416 C CE1 . PHE C 1 70 ? 33.220  5.407   17.931  1.00 44.35 ? 482 PHE C CE1 1 
ATOM   1417 C CE2 . PHE C 1 70 ? 34.043  5.932   15.726  1.00 45.74 ? 482 PHE C CE2 1 
ATOM   1418 C CZ  . PHE C 1 70 ? 33.034  6.003   16.684  1.00 45.68 ? 482 PHE C CZ  1 
ATOM   1419 N N   . LEU C 1 71 ? 40.009  4.510   17.427  1.00 47.80 ? 483 LEU C N   1 
ATOM   1420 C CA  . LEU C 1 71 ? 41.289  3.834   17.426  1.00 53.88 ? 483 LEU C CA  1 
ATOM   1421 C C   . LEU C 1 71 ? 42.334  4.622   18.200  1.00 59.63 ? 483 LEU C C   1 
ATOM   1422 O O   . LEU C 1 71 ? 43.531  4.364   18.096  1.00 61.42 ? 483 LEU C O   1 
ATOM   1423 C CB  . LEU C 1 71 ? 41.737  3.582   15.990  1.00 50.14 ? 483 LEU C CB  1 
ATOM   1424 C CG  . LEU C 1 71 ? 41.142  2.358   15.318  1.00 50.08 ? 483 LEU C CG  1 
ATOM   1425 C CD1 . LEU C 1 71 ? 41.602  2.247   13.880  1.00 47.35 ? 483 LEU C CD1 1 
ATOM   1426 C CD2 . LEU C 1 71 ? 41.577  1.143   16.098  1.00 50.63 ? 483 LEU C CD2 1 
ATOM   1427 N N   . SER C 1 72 ? 41.839  5.567   18.993  1.00 65.31 ? 484 SER C N   1 
ATOM   1428 C CA  . SER C 1 72 ? 42.654  6.415   19.842  1.00 71.73 ? 484 SER C CA  1 
ATOM   1429 C C   . SER C 1 72 ? 42.383  6.061   21.274  1.00 76.25 ? 484 SER C C   1 
ATOM   1430 O O   . SER C 1 72 ? 41.337  6.455   21.818  1.00 79.46 ? 484 SER C O   1 
ATOM   1431 C CB  . SER C 1 72 ? 42.268  7.890   19.682  1.00 71.24 ? 484 SER C CB  1 
ATOM   1432 O OG  . SER C 1 72 ? 42.593  8.394   18.402  1.00 71.18 ? 484 SER C OG  1 
ATOM   1433 N N   . PRO C 1 73 ? 43.287  5.324   21.930  1.00 78.93 ? 485 PRO C N   1 
ATOM   1434 C CA  . PRO C 1 73 ? 42.932  5.037   23.331  1.00 81.62 ? 485 PRO C CA  1 
ATOM   1435 C C   . PRO C 1 73 ? 42.926  6.354   24.099  1.00 83.38 ? 485 PRO C C   1 
ATOM   1436 O O   . PRO C 1 73 ? 41.944  7.107   23.986  1.00 85.09 ? 485 PRO C O   1 
ATOM   1437 C CB  . PRO C 1 73 ? 44.039  4.107   23.800  1.00 82.95 ? 485 PRO C CB  1 
ATOM   1438 C CG  . PRO C 1 73 ? 45.188  4.407   22.883  1.00 81.95 ? 485 PRO C CG  1 
ATOM   1439 C CD  . PRO C 1 73 ? 44.594  4.755   21.561  1.00 79.82 ? 485 PRO C CD  1 
HETATM 1440 O O   . HOH D 2 .  ? -10.194 -0.880  -0.675  1.00 3.85  ? 1   HOH A O   1 
HETATM 1441 O O   . HOH D 2 .  ? -12.546 -2.294  -3.491  1.00 5.80  ? 3   HOH A O   1 
HETATM 1442 O O   . HOH D 2 .  ? -20.450 0.174   -4.252  1.00 10.00 ? 5   HOH A O   1 
HETATM 1443 O O   . HOH D 2 .  ? -27.343 1.937   12.827  1.00 12.48 ? 6   HOH A O   1 
HETATM 1444 O O   . HOH D 2 .  ? -5.874  2.927   15.970  1.00 16.56 ? 7   HOH A O   1 
HETATM 1445 O O   . HOH D 2 .  ? -3.823  -7.248  3.308   1.00 12.75 ? 9   HOH A O   1 
HETATM 1446 O O   . HOH D 2 .  ? 1.771   8.282   18.989  1.00 16.85 ? 11  HOH A O   1 
HETATM 1447 O O   . HOH D 2 .  ? -15.980 -3.285  7.581   1.00 14.83 ? 13  HOH A O   1 
HETATM 1448 O O   . HOH D 2 .  ? -9.081  -5.117  2.812   1.00 16.27 ? 15  HOH A O   1 
HETATM 1449 O O   . HOH D 2 .  ? -4.193  -1.734  -1.434  1.00 23.81 ? 16  HOH A O   1 
HETATM 1450 O O   . HOH D 2 .  ? -8.875  -4.919  5.716   1.00 17.56 ? 18  HOH A O   1 
HETATM 1451 O O   . HOH D 2 .  ? -22.238 -3.319  1.887   1.00 16.82 ? 20  HOH A O   1 
HETATM 1452 O O   . HOH D 2 .  ? 10.513  9.027   29.261  1.00 21.14 ? 21  HOH A O   1 
HETATM 1453 O O   . HOH D 2 .  ? -24.688 3.562   15.337  1.00 18.19 ? 28  HOH A O   1 
HETATM 1454 O O   . HOH D 2 .  ? -15.514 -8.553  -1.008  1.00 24.00 ? 29  HOH A O   1 
HETATM 1455 O O   . HOH D 2 .  ? -18.732 -0.055  -6.982  1.00 20.06 ? 34  HOH A O   1 
HETATM 1456 O O   . HOH D 2 .  ? -19.030 -6.468  0.668   1.00 31.57 ? 37  HOH A O   1 
HETATM 1457 O O   . HOH D 2 .  ? 10.849  2.099   31.402  1.00 24.52 ? 38  HOH A O   1 
HETATM 1458 O O   . HOH D 2 .  ? -25.109 -0.512  10.859  1.00 29.20 ? 41  HOH A O   1 
HETATM 1459 O O   . HOH D 2 .  ? 12.536  9.758   25.437  1.00 36.62 ? 42  HOH A O   1 
HETATM 1460 O O   . HOH D 2 .  ? 8.570   7.085   20.350  1.00 24.03 ? 43  HOH A O   1 
HETATM 1461 O O   . HOH D 2 .  ? -14.973 -0.732  13.744  1.00 26.81 ? 44  HOH A O   1 
HETATM 1462 O O   . HOH D 2 .  ? -24.991 -3.085  1.433   1.00 26.75 ? 47  HOH A O   1 
HETATM 1463 O O   . HOH D 2 .  ? 6.050   -1.966  27.170  1.00 30.55 ? 50  HOH A O   1 
HETATM 1464 O O   . HOH D 2 .  ? -14.149 -3.090  9.663   1.00 32.63 ? 52  HOH A O   1 
HETATM 1465 O O   . HOH D 2 .  ? 26.735  6.037   30.251  1.00 32.95 ? 57  HOH A O   1 
HETATM 1466 O O   . HOH D 2 .  ? -16.588 -4.984  -10.141 1.00 35.61 ? 59  HOH A O   1 
HETATM 1467 O O   . HOH D 2 .  ? -26.124 0.406   5.110   1.00 30.64 ? 63  HOH A O   1 
HETATM 1468 O O   . HOH D 2 .  ? 17.920  4.345   24.464  1.00 31.60 ? 66  HOH A O   1 
HETATM 1469 O O   . HOH D 2 .  ? -10.506 6.865   19.513  1.00 35.97 ? 68  HOH A O   1 
HETATM 1470 O O   . HOH D 2 .  ? -35.135 3.675   -6.228  1.00 40.63 ? 69  HOH A O   1 
HETATM 1471 O O   . HOH D 2 .  ? -4.587  -4.798  4.507   1.00 31.81 ? 72  HOH A O   1 
HETATM 1472 O O   . HOH D 2 .  ? 15.555  9.148   28.022  1.00 36.44 ? 73  HOH A O   1 
HETATM 1473 O O   . HOH D 2 .  ? -16.746 -7.169  2.954   1.00 34.18 ? 75  HOH A O   1 
HETATM 1474 O O   . HOH D 2 .  ? -0.298  -0.094  25.206  1.00 37.67 ? 77  HOH A O   1 
HETATM 1475 O O   . HOH D 2 .  ? 31.646  6.626   33.765  1.00 38.95 ? 84  HOH A O   1 
HETATM 1476 O O   . HOH D 2 .  ? 42.793  -0.888  46.568  1.00 46.37 ? 85  HOH A O   1 
HETATM 1477 O O   . HOH D 2 .  ? 20.471  4.006   26.375  1.00 34.57 ? 86  HOH A O   1 
HETATM 1478 O O   . HOH D 2 .  ? -5.155  8.729   20.934  1.00 27.12 ? 87  HOH A O   1 
HETATM 1479 O O   . HOH D 2 .  ? -14.462 -4.659  5.904   1.00 56.33 ? 89  HOH A O   1 
HETATM 1480 O O   . HOH D 2 .  ? 4.589   5.910   29.588  1.00 29.87 ? 90  HOH A O   1 
HETATM 1481 O O   . HOH D 2 .  ? 47.197  -0.931  49.201  1.00 54.88 ? 91  HOH A O   1 
HETATM 1482 O O   . HOH D 2 .  ? 0.009   10.056  17.033  1.00 34.37 ? 93  HOH A O   1 
HETATM 1483 O O   . HOH D 2 .  ? -0.811  6.177   30.289  1.00 45.63 ? 98  HOH A O   1 
HETATM 1484 O O   . HOH D 2 .  ? 1.769   1.031   25.422  1.00 37.18 ? 100 HOH A O   1 
HETATM 1485 O O   . HOH D 2 .  ? -22.235 -2.448  -5.104  1.00 44.08 ? 101 HOH A O   1 
HETATM 1486 O O   . HOH D 2 .  ? -0.408  8.044   25.669  1.00 43.84 ? 102 HOH A O   1 
HETATM 1487 O O   . HOH D 2 .  ? 8.239   1.821   31.439  1.00 32.95 ? 104 HOH A O   1 
HETATM 1488 O O   . HOH D 2 .  ? -9.329  -5.717  8.769   1.00 46.24 ? 110 HOH A O   1 
HETATM 1489 O O   . HOH D 2 .  ? 11.012  2.770   34.138  1.00 31.89 ? 111 HOH A O   1 
HETATM 1490 O O   . HOH D 2 .  ? 3.981   -3.176  28.704  1.00 46.28 ? 114 HOH A O   1 
HETATM 1491 O O   . HOH D 2 .  ? -11.077 7.485   17.183  1.00 35.25 ? 116 HOH A O   1 
HETATM 1492 O O   . HOH D 2 .  ? 8.513   12.058  25.702  1.00 46.11 ? 117 HOH A O   1 
HETATM 1493 O O   . HOH D 2 .  ? 44.006  -3.565  48.038  1.00 38.51 ? 118 HOH A O   1 
HETATM 1494 O O   . HOH D 2 .  ? -35.309 0.580   -8.012  1.00 41.61 ? 120 HOH A O   1 
HETATM 1495 O O   . HOH D 2 .  ? 25.395  10.271  32.635  1.00 59.50 ? 123 HOH A O   1 
HETATM 1496 O O   . HOH D 2 .  ? 16.012  9.239   22.203  1.00 40.60 ? 125 HOH A O   1 
HETATM 1497 O O   . HOH D 2 .  ? 20.833  9.122   32.475  1.00 35.58 ? 127 HOH A O   1 
HETATM 1498 O O   . HOH D 2 .  ? 42.373  -5.321  33.166  1.00 46.78 ? 130 HOH A O   1 
HETATM 1499 O O   . HOH D 2 .  ? 44.454  3.495   40.915  1.00 70.41 ? 133 HOH A O   1 
HETATM 1500 O O   . HOH D 2 .  ? 20.850  11.561  31.200  1.00 58.80 ? 134 HOH A O   1 
HETATM 1501 O O   . HOH D 2 .  ? -16.754 -3.526  10.312  1.00 68.49 ? 137 HOH A O   1 
HETATM 1502 O O   . HOH D 2 .  ? 7.287   8.922   28.878  1.00 35.09 ? 138 HOH A O   1 
HETATM 1503 O O   . HOH D 2 .  ? -3.770  11.065  14.373  1.00 41.53 ? 141 HOH A O   1 
HETATM 1504 O O   . HOH D 2 .  ? 12.078  1.801   36.706  1.00 46.11 ? 142 HOH A O   1 
HETATM 1505 O O   . HOH D 2 .  ? 33.552  5.204   44.544  1.00 56.49 ? 146 HOH A O   1 
HETATM 1506 O O   . HOH D 2 .  ? -5.744  10.658  18.173  1.00 45.32 ? 147 HOH A O   1 
HETATM 1507 O O   . HOH D 2 .  ? -25.235 -2.468  3.791   1.00 47.43 ? 148 HOH A O   1 
HETATM 1508 O O   . HOH D 2 .  ? 28.779  1.493   41.445  1.00 46.88 ? 149 HOH A O   1 
HETATM 1509 O O   . HOH D 2 .  ? 1.829   3.704   29.033  1.00 29.87 ? 151 HOH A O   1 
HETATM 1510 O O   . HOH D 2 .  ? -14.584 -3.296  14.935  1.00 44.69 ? 153 HOH A O   1 
HETATM 1511 O O   . HOH D 2 .  ? 22.423  7.790   40.376  1.00 53.81 ? 154 HOH A O   1 
HETATM 1512 O O   . HOH D 2 .  ? -13.343 -1.555  11.580  1.00 36.72 ? 156 HOH A O   1 
HETATM 1513 O O   . HOH D 2 .  ? 42.998  2.432   45.285  1.00 49.59 ? 157 HOH A O   1 
HETATM 1514 O O   . HOH D 2 .  ? -12.285 -4.126  7.128   1.00 50.34 ? 158 HOH A O   1 
HETATM 1515 O O   . HOH D 2 .  ? -4.593  0.222   23.654  1.00 70.89 ? 161 HOH A O   1 
HETATM 1516 O O   . HOH D 2 .  ? -27.676 5.444   6.716   1.00 43.08 ? 165 HOH A O   1 
HETATM 1517 O O   . HOH D 2 .  ? 30.022  0.920   44.116  1.00 44.34 ? 168 HOH A O   1 
HETATM 1518 O O   . HOH D 2 .  ? -13.205 -0.746  16.171  1.00 47.75 ? 170 HOH A O   1 
HETATM 1519 O O   . HOH D 2 .  ? 5.231   9.606   25.147  1.00 45.01 ? 172 HOH A O   1 
HETATM 1520 O O   . HOH D 2 .  ? -21.762 -6.875  4.141   1.00 49.04 ? 175 HOH A O   1 
HETATM 1521 O O   . HOH D 2 .  ? -4.407  12.601  16.586  1.00 62.91 ? 178 HOH A O   1 
HETATM 1522 O O   . HOH D 2 .  ? 22.324  6.050   25.610  1.00 39.74 ? 179 HOH A O   1 
HETATM 1523 O O   . HOH D 2 .  ? -21.259 -4.193  5.659   1.00 49.30 ? 180 HOH A O   1 
HETATM 1524 O O   . HOH D 2 .  ? 22.455  7.072   37.625  1.00 52.39 ? 181 HOH A O   1 
HETATM 1525 O O   . HOH D 2 .  ? 9.367   0.032   34.286  1.00 43.20 ? 182 HOH A O   1 
HETATM 1526 O O   . HOH D 2 .  ? -28.090 -2.251  -4.150  1.00 47.16 ? 188 HOH A O   1 
HETATM 1527 O O   . HOH D 2 .  ? 15.017  11.929  22.072  1.00 59.31 ? 189 HOH A O   1 
HETATM 1528 O O   . HOH D 2 .  ? 26.688  0.177   26.915  1.00 58.14 ? 190 HOH A O   1 
HETATM 1529 O O   . HOH D 2 .  ? 35.633  1.212   30.257  1.00 46.57 ? 193 HOH A O   1 
HETATM 1530 O O   . HOH D 2 .  ? -17.332 -4.620  4.076   1.00 40.02 ? 194 HOH A O   1 
HETATM 1531 O O   . HOH D 2 .  ? 18.337  9.958   31.808  1.00 74.16 ? 195 HOH A O   1 
HETATM 1532 O O   . HOH D 2 .  ? -24.632 -1.437  7.257   1.00 42.54 ? 199 HOH A O   1 
HETATM 1533 O O   . HOH D 2 .  ? -11.626 1.664   14.084  1.00 77.27 ? 205 HOH A O   1 
HETATM 1534 O O   . HOH D 2 .  ? 6.213   11.346  22.576  1.00 76.08 ? 206 HOH A O   1 
HETATM 1535 O O   . HOH D 2 .  ? -24.574 -3.687  -6.725  1.00 81.84 ? 207 HOH A O   1 
HETATM 1536 O O   . HOH D 2 .  ? 2.723   -0.148  27.696  1.00 38.54 ? 208 HOH A O   1 
HETATM 1537 O O   . HOH D 2 .  ? -7.879  10.326  16.740  1.00 57.08 ? 211 HOH A O   1 
HETATM 1538 O O   . HOH D 2 .  ? -8.553  11.341  19.148  1.00 72.95 ? 214 HOH A O   1 
HETATM 1539 O O   . HOH D 2 .  ? 2.060   10.767  21.028  1.00 58.28 ? 215 HOH A O   1 
HETATM 1540 O O   . HOH D 2 .  ? 32.144  4.287   29.820  1.00 48.84 ? 227 HOH A O   1 
HETATM 1541 O O   . HOH D 2 .  ? -17.004 -6.125  -8.001  1.00 38.97 ? 228 HOH A O   1 
HETATM 1542 O O   . HOH D 2 .  ? -8.284  2.356   24.264  1.00 55.47 ? 230 HOH A O   1 
HETATM 1543 O O   . HOH D 2 .  ? 41.656  1.236   37.277  1.00 46.31 ? 232 HOH A O   1 
HETATM 1544 O O   . HOH D 2 .  ? 44.328  -0.764  39.330  1.00 53.89 ? 235 HOH A O   1 
HETATM 1545 O O   . HOH D 2 .  ? 22.561  7.832   28.049  1.00 37.12 ? 238 HOH A O   1 
HETATM 1546 O O   . HOH D 2 .  ? 44.213  3.704   37.929  1.00 53.92 ? 243 HOH A O   1 
HETATM 1547 O O   . HOH D 2 .  ? 34.246  6.468   41.480  1.00 52.19 ? 246 HOH A O   1 
HETATM 1548 O O   . HOH D 2 .  ? -2.218  -5.547  5.581   1.00 57.06 ? 253 HOH A O   1 
HETATM 1549 O O   . HOH D 2 .  ? 21.418  4.279   40.699  1.00 42.96 ? 255 HOH A O   1 
HETATM 1550 O O   . HOH D 2 .  ? 31.048  5.296   42.949  1.00 43.01 ? 257 HOH A O   1 
HETATM 1551 O O   . HOH D 2 .  ? 18.817  13.497  31.941  1.00 57.32 ? 258 HOH A O   1 
HETATM 1552 O O   . HOH D 2 .  ? 44.970  0.537   47.916  1.00 62.36 ? 260 HOH A O   1 
HETATM 1553 O O   . HOH D 2 .  ? -10.689 -0.601  13.548  1.00 72.15 ? 263 HOH A O   1 
HETATM 1554 O O   . HOH D 2 .  ? -3.100  6.212   30.049  1.00 56.38 ? 266 HOH A O   1 
HETATM 1555 O O   . HOH D 2 .  ? -8.436  0.863   15.132  1.00 30.59 ? 267 HOH A O   1 
HETATM 1556 O O   . HOH D 2 .  ? -22.331 1.938   -8.480  1.00 41.25 ? 273 HOH A O   1 
HETATM 1557 O O   . HOH D 2 .  ? -6.521  4.655   9.286   0.33 15.58 ? 276 HOH A O   1 
HETATM 1558 O O   . HOH E 2 .  ? -0.139  -3.930  -8.013  1.00 8.73  ? 2   HOH B O   1 
HETATM 1559 O O   . HOH E 2 .  ? -11.061 -7.782  -6.917  1.00 7.27  ? 4   HOH B O   1 
HETATM 1560 O O   . HOH E 2 .  ? 2.850   -7.926  -1.110  1.00 11.19 ? 8   HOH B O   1 
HETATM 1561 O O   . HOH E 2 .  ? -18.842 -12.131 -13.322 1.00 12.36 ? 10  HOH B O   1 
HETATM 1562 O O   . HOH E 2 .  ? -2.898  -5.299  -10.627 1.00 13.82 ? 12  HOH B O   1 
HETATM 1563 O O   . HOH E 2 .  ? 4.904   -6.619  -2.881  1.00 16.93 ? 14  HOH B O   1 
HETATM 1564 O O   . HOH E 2 .  ? -9.383  -10.919 3.208   1.00 18.73 ? 17  HOH B O   1 
HETATM 1565 O O   . HOH E 2 .  ? -17.808 -17.677 -9.148  1.00 20.56 ? 19  HOH B O   1 
HETATM 1566 O O   . HOH E 2 .  ? -14.277 -9.057  -6.308  1.00 17.89 ? 23  HOH B O   1 
HETATM 1567 O O   . HOH E 2 .  ? -6.906  -1.559  -10.062 1.00 22.05 ? 24  HOH B O   1 
HETATM 1568 O O   . HOH E 2 .  ? -8.078  -7.525  4.171   1.00 28.67 ? 25  HOH B O   1 
HETATM 1569 O O   . HOH E 2 .  ? -18.035 -10.385 -10.419 1.00 23.72 ? 27  HOH B O   1 
HETATM 1570 O O   . HOH E 2 .  ? -15.758 -10.246 -3.856  1.00 26.51 ? 31  HOH B O   1 
HETATM 1571 O O   . HOH E 2 .  ? 0.142   -0.753  -13.476 1.00 16.47 ? 33  HOH B O   1 
HETATM 1572 O O   . HOH E 2 .  ? -14.551 -12.259 4.885   1.00 25.00 ? 49  HOH B O   1 
HETATM 1573 O O   . HOH E 2 .  ? -4.504  -12.701 6.986   1.00 30.83 ? 58  HOH B O   1 
HETATM 1574 O O   . HOH E 2 .  ? 1.844   1.234   -2.985  1.00 28.62 ? 62  HOH B O   1 
HETATM 1575 O O   . HOH E 2 .  ? -11.183 -11.252 5.321   1.00 33.16 ? 65  HOH B O   1 
HETATM 1576 O O   . HOH E 2 .  ? -15.097 -11.350 2.802   1.00 38.73 ? 71  HOH B O   1 
HETATM 1577 O O   . HOH E 2 .  ? -7.569  -11.609 4.862   1.00 31.33 ? 74  HOH B O   1 
HETATM 1578 O O   . HOH E 2 .  ? 6.372   -5.977  -4.967  1.00 33.78 ? 79  HOH B O   1 
HETATM 1579 O O   . HOH E 2 .  ? -11.402 -6.667  4.425   1.00 34.71 ? 80  HOH B O   1 
HETATM 1580 O O   . HOH E 2 .  ? 4.252   -4.611  -0.522  1.00 38.22 ? 82  HOH B O   1 
HETATM 1581 O O   . HOH E 2 .  ? 10.012  -11.732 2.288   1.00 33.12 ? 83  HOH B O   1 
HETATM 1582 O O   . HOH E 2 .  ? -20.847 -11.978 -10.242 1.00 36.99 ? 92  HOH B O   1 
HETATM 1583 O O   . HOH E 2 .  ? -25.916 -17.734 -9.734  1.00 28.80 ? 94  HOH B O   1 
HETATM 1584 O O   . HOH E 2 .  ? -18.836 -16.142 -6.925  1.00 39.05 ? 96  HOH B O   1 
HETATM 1585 O O   . HOH E 2 .  ? -44.459 -17.494 -29.138 1.00 42.32 ? 108 HOH B O   1 
HETATM 1586 O O   . HOH E 2 .  ? -0.523  -11.625 9.619   1.00 48.64 ? 109 HOH B O   1 
HETATM 1587 O O   . HOH E 2 .  ? -16.004 -9.506  -8.042  1.00 38.64 ? 112 HOH B O   1 
HETATM 1588 O O   . HOH E 2 .  ? -6.969  -0.601  -18.121 1.00 35.93 ? 119 HOH B O   1 
HETATM 1589 O O   . HOH E 2 .  ? -28.816 -14.031 -8.470  1.00 58.69 ? 121 HOH B O   1 
HETATM 1590 O O   . HOH E 2 .  ? -5.962  1.053   -13.915 1.00 40.47 ? 126 HOH B O   1 
HETATM 1591 O O   . HOH E 2 .  ? -19.698 -17.937 -18.185 1.00 54.77 ? 128 HOH B O   1 
HETATM 1592 O O   . HOH E 2 .  ? -23.077 -18.158 -26.857 1.00 48.29 ? 131 HOH B O   1 
HETATM 1593 O O   . HOH E 2 .  ? -13.387 -8.882  2.702   1.00 46.24 ? 135 HOH B O   1 
HETATM 1594 O O   . HOH E 2 .  ? -27.506 -10.177 -12.774 1.00 60.69 ? 140 HOH B O   1 
HETATM 1595 O O   . HOH E 2 .  ? -4.921  0.547   -8.223  1.00 36.82 ? 143 HOH B O   1 
HETATM 1596 O O   . HOH E 2 .  ? -11.344 -7.985  7.417   1.00 70.85 ? 144 HOH B O   1 
HETATM 1597 O O   . HOH E 2 .  ? -26.893 -17.210 -12.630 1.00 61.93 ? 159 HOH B O   1 
HETATM 1598 O O   . HOH E 2 .  ? -1.335  -14.429 8.466   1.00 41.43 ? 160 HOH B O   1 
HETATM 1599 O O   . HOH E 2 .  ? 3.328   -5.295  4.582   1.00 58.03 ? 163 HOH B O   1 
HETATM 1600 O O   . HOH E 2 .  ? -39.265 -12.566 -26.306 1.00 57.26 ? 166 HOH B O   1 
HETATM 1601 O O   . HOH E 2 .  ? 8.605   -5.820  9.383   1.00 57.64 ? 167 HOH B O   1 
HETATM 1602 O O   . HOH E 2 .  ? -33.376 -9.105  -18.211 1.00 63.98 ? 169 HOH B O   1 
HETATM 1603 O O   . HOH E 2 .  ? 2.521   -15.292 14.269  1.00 48.68 ? 176 HOH B O   1 
HETATM 1604 O O   . HOH E 2 .  ? -6.151  -4.470  -15.979 1.00 34.35 ? 183 HOH B O   1 
HETATM 1605 O O   . HOH E 2 .  ? -37.115 -8.947  -26.961 1.00 70.38 ? 196 HOH B O   1 
HETATM 1606 O O   . HOH E 2 .  ? 1.860   -2.382  2.375   1.00 44.37 ? 201 HOH B O   1 
HETATM 1607 O O   . HOH E 2 .  ? -21.242 -19.521 -15.965 1.00 58.72 ? 212 HOH B O   1 
HETATM 1608 O O   . HOH E 2 .  ? -42.615 -14.909 -30.374 1.00 50.89 ? 216 HOH B O   1 
HETATM 1609 O O   . HOH E 2 .  ? 9.474   -11.611 14.794  1.00 67.00 ? 218 HOH B O   1 
HETATM 1610 O O   . HOH E 2 .  ? -17.758 -18.997 -20.496 1.00 81.21 ? 221 HOH B O   1 
HETATM 1611 O O   . HOH E 2 .  ? 0.880   -0.993  -18.199 1.00 83.57 ? 222 HOH B O   1 
HETATM 1612 O O   . HOH E 2 .  ? 7.579   -6.079  -2.390  1.00 73.90 ? 223 HOH B O   1 
HETATM 1613 O O   . HOH E 2 .  ? -18.153 -20.198 -10.600 1.00 39.93 ? 236 HOH B O   1 
HETATM 1614 O O   . HOH E 2 .  ? -39.611 -15.736 -27.443 1.00 50.67 ? 239 HOH B O   1 
HETATM 1615 O O   . HOH E 2 .  ? -6.244  -1.348  -15.002 1.00 54.08 ? 240 HOH B O   1 
HETATM 1616 O O   . HOH E 2 .  ? -22.443 -18.446 -14.276 1.00 45.99 ? 241 HOH B O   1 
HETATM 1617 O O   . HOH E 2 .  ? 2.753   -0.544  4.788   1.00 46.23 ? 247 HOH B O   1 
HETATM 1618 O O   . HOH E 2 .  ? -7.154  -8.635  7.047   1.00 63.23 ? 249 HOH B O   1 
HETATM 1619 O O   . HOH E 2 .  ? -28.262 -14.678 -12.348 1.00 55.60 ? 252 HOH B O   1 
HETATM 1620 O O   . HOH E 2 .  ? 3.783   -15.468 11.099  1.00 47.46 ? 254 HOH B O   1 
HETATM 1621 O O   . HOH E 2 .  ? -0.079  -14.047 12.082  1.00 52.95 ? 256 HOH B O   1 
HETATM 1622 O O   . HOH E 2 .  ? 6.470   -3.206  1.539   1.00 80.81 ? 259 HOH B O   1 
HETATM 1623 O O   . HOH E 2 .  ? 10.568  -12.934 5.882   1.00 66.90 ? 264 HOH B O   1 
HETATM 1624 O O   . HOH E 2 .  ? -33.309 -18.026 -40.084 1.00 70.57 ? 265 HOH B O   1 
HETATM 1625 O O   . HOH E 2 .  ? 5.901   -9.382  -0.327  1.00 28.68 ? 272 HOH B O   1 
HETATM 1626 O O   . HOH E 2 .  ? 8.595   -11.395 11.630  1.00 41.38 ? 274 HOH B O   1 
HETATM 1627 O O   . HOH E 2 .  ? -11.850 -12.444 -13.952 0.33 10.52 ? 275 HOH B O   1 
HETATM 1628 O O   . HOH F 2 .  ? 1.854   4.467   -19.787 1.00 20.47 ? 22  HOH C O   1 
HETATM 1629 O O   . HOH F 2 .  ? -4.796  2.792   -10.560 1.00 22.62 ? 26  HOH C O   1 
HETATM 1630 O O   . HOH F 2 .  ? 6.115   0.447   -12.175 1.00 19.80 ? 30  HOH C O   1 
HETATM 1631 O O   . HOH F 2 .  ? 10.970  0.450   -5.552  1.00 20.04 ? 32  HOH C O   1 
HETATM 1632 O O   . HOH F 2 .  ? 7.721   -3.027  -8.029  1.00 22.98 ? 35  HOH C O   1 
HETATM 1633 O O   . HOH F 2 .  ? -2.929  0.759   -23.855 1.00 22.70 ? 36  HOH C O   1 
HETATM 1634 O O   . HOH F 2 .  ? 15.891  6.188   1.049   1.00 26.42 ? 39  HOH C O   1 
HETATM 1635 O O   . HOH F 2 .  ? 11.032  0.632   1.568   1.00 23.87 ? 40  HOH C O   1 
HETATM 1636 O O   . HOH F 2 .  ? 26.782  11.898  8.995   1.00 28.34 ? 45  HOH C O   1 
HETATM 1637 O O   . HOH F 2 .  ? 41.578  8.088   8.575   1.00 28.63 ? 46  HOH C O   1 
HETATM 1638 O O   . HOH F 2 .  ? -3.030  7.198   -11.228 1.00 27.11 ? 48  HOH C O   1 
HETATM 1639 O O   . HOH F 2 .  ? 1.785   4.866   -3.052  1.00 24.21 ? 51  HOH C O   1 
HETATM 1640 O O   . HOH F 2 .  ? 20.458  10.058  5.261   1.00 29.28 ? 53  HOH C O   1 
HETATM 1641 O O   . HOH F 2 .  ? 11.011  -1.413  -11.868 1.00 25.07 ? 54  HOH C O   1 
HETATM 1642 O O   . HOH F 2 .  ? 4.258   -0.376  -18.279 1.00 31.95 ? 55  HOH C O   1 
HETATM 1643 O O   . HOH F 2 .  ? 25.262  11.339  6.671   1.00 30.67 ? 56  HOH C O   1 
HETATM 1644 O O   . HOH F 2 .  ? 8.510   1.737   -11.277 1.00 27.66 ? 60  HOH C O   1 
HETATM 1645 O O   . HOH F 2 .  ? 4.430   9.011   1.044   1.00 42.28 ? 61  HOH C O   1 
HETATM 1646 O O   . HOH F 2 .  ? 6.338   0.505   0.500   1.00 33.17 ? 64  HOH C O   1 
HETATM 1647 O O   . HOH F 2 .  ? 9.847   -1.683  -4.681  1.00 29.83 ? 67  HOH C O   1 
HETATM 1648 O O   . HOH F 2 .  ? 29.784  13.466  10.313  1.00 43.06 ? 70  HOH C O   1 
HETATM 1649 O O   . HOH F 2 .  ? 27.638  8.717   -3.729  1.00 39.63 ? 76  HOH C O   1 
HETATM 1650 O O   . HOH F 2 .  ? 2.132   11.633  -8.039  1.00 29.09 ? 78  HOH C O   1 
HETATM 1651 O O   . HOH F 2 .  ? -1.171  6.292   -5.338  1.00 33.24 ? 81  HOH C O   1 
HETATM 1652 O O   . HOH F 2 .  ? 9.222   -2.653  -10.382 1.00 35.60 ? 88  HOH C O   1 
HETATM 1653 O O   . HOH F 2 .  ? 31.169  9.016   18.325  1.00 32.04 ? 95  HOH C O   1 
HETATM 1654 O O   . HOH F 2 .  ? 14.995  7.050   3.886   1.00 26.31 ? 97  HOH C O   1 
HETATM 1655 O O   . HOH F 2 .  ? -10.244 3.947   -33.351 1.00 41.67 ? 99  HOH C O   1 
HETATM 1656 O O   . HOH F 2 .  ? -11.231 12.866  -33.123 1.00 45.64 ? 103 HOH C O   1 
HETATM 1657 O O   . HOH F 2 .  ? 0.599   4.975   0.602   1.00 32.73 ? 105 HOH C O   1 
HETATM 1658 O O   . HOH F 2 .  ? -1.529  7.344   -29.356 1.00 37.62 ? 106 HOH C O   1 
HETATM 1659 O O   . HOH F 2 .  ? -9.073  0.011   -21.100 1.00 44.44 ? 107 HOH C O   1 
HETATM 1660 O O   . HOH F 2 .  ? 35.973  12.830  -2.862  1.00 40.69 ? 113 HOH C O   1 
HETATM 1661 O O   . HOH F 2 .  ? 13.572  -0.877  -1.837  1.00 44.24 ? 115 HOH C O   1 
HETATM 1662 O O   . HOH F 2 .  ? 3.472   0.818   -20.681 1.00 36.03 ? 122 HOH C O   1 
HETATM 1663 O O   . HOH F 2 .  ? 39.386  8.086   10.888  1.00 38.90 ? 124 HOH C O   1 
HETATM 1664 O O   . HOH F 2 .  ? 44.484  10.140  1.718   1.00 36.96 ? 129 HOH C O   1 
HETATM 1665 O O   . HOH F 2 .  ? 9.134   -3.294  -2.114  1.00 41.47 ? 132 HOH C O   1 
HETATM 1666 O O   . HOH F 2 .  ? -24.066 0.911   -36.451 1.00 52.84 ? 136 HOH C O   1 
HETATM 1667 O O   . HOH F 2 .  ? -5.691  -1.168  -27.801 1.00 45.87 ? 139 HOH C O   1 
HETATM 1668 O O   . HOH F 2 .  ? 40.754  15.045  11.711  1.00 51.77 ? 145 HOH C O   1 
HETATM 1669 O O   . HOH F 2 .  ? -3.240  -2.432  -21.513 1.00 59.70 ? 150 HOH C O   1 
HETATM 1670 O O   . HOH F 2 .  ? 21.104  5.795   19.182  1.00 51.02 ? 152 HOH C O   1 
HETATM 1671 O O   . HOH F 2 .  ? 7.925   -1.078  -14.616 1.00 39.48 ? 155 HOH C O   1 
HETATM 1672 O O   . HOH F 2 .  ? -8.989  -1.220  -26.134 1.00 54.95 ? 162 HOH C O   1 
HETATM 1673 O O   . HOH F 2 .  ? 4.792   1.347   -1.672  1.00 55.41 ? 164 HOH C O   1 
HETATM 1674 O O   . HOH F 2 .  ? 13.206  -1.638  2.317   1.00 43.26 ? 171 HOH C O   1 
HETATM 1675 O O   . HOH F 2 .  ? -22.132 3.250   -31.728 1.00 40.55 ? 173 HOH C O   1 
HETATM 1676 O O   . HOH F 2 .  ? 21.938  11.749  12.218  1.00 59.01 ? 174 HOH C O   1 
HETATM 1677 O O   . HOH F 2 .  ? -2.711  7.598   -8.512  1.00 38.48 ? 177 HOH C O   1 
HETATM 1678 O O   . HOH F 2 .  ? -3.792  4.976   -7.556  1.00 47.94 ? 184 HOH C O   1 
HETATM 1679 O O   . HOH F 2 .  ? -7.697  4.117   -11.394 1.00 44.37 ? 185 HOH C O   1 
HETATM 1680 O O   . HOH F 2 .  ? 13.414  -0.979  -4.743  1.00 38.54 ? 186 HOH C O   1 
HETATM 1681 O O   . HOH F 2 .  ? 20.942  13.509  5.198   1.00 53.11 ? 187 HOH C O   1 
HETATM 1682 O O   . HOH F 2 .  ? 32.879  10.406  -6.800  1.00 50.32 ? 191 HOH C O   1 
HETATM 1683 O O   . HOH F 2 .  ? -0.078  3.622   -5.404  1.00 55.80 ? 192 HOH C O   1 
HETATM 1684 O O   . HOH F 2 .  ? -11.628 1.846   -29.719 1.00 45.52 ? 197 HOH C O   1 
HETATM 1685 O O   . HOH F 2 .  ? 6.113   -1.526  -10.336 1.00 44.28 ? 198 HOH C O   1 
HETATM 1686 O O   . HOH F 2 .  ? 33.103  11.308  16.919  1.00 77.17 ? 200 HOH C O   1 
HETATM 1687 O O   . HOH F 2 .  ? 37.622  6.062   22.257  1.00 54.37 ? 202 HOH C O   1 
HETATM 1688 O O   . HOH F 2 .  ? -5.177  2.704   -27.930 1.00 63.63 ? 203 HOH C O   1 
HETATM 1689 O O   . HOH F 2 .  ? 18.992  10.992  3.237   1.00 64.35 ? 204 HOH C O   1 
HETATM 1690 O O   . HOH F 2 .  ? 5.671   8.387   4.640   1.00 59.35 ? 209 HOH C O   1 
HETATM 1691 O O   . HOH F 2 .  ? 5.964   0.146   -22.407 1.00 56.22 ? 210 HOH C O   1 
HETATM 1692 O O   . HOH F 2 .  ? 29.051  9.360   21.011  1.00 60.27 ? 213 HOH C O   1 
HETATM 1693 O O   . HOH F 2 .  ? 44.723  11.294  4.089   1.00 62.43 ? 217 HOH C O   1 
HETATM 1694 O O   . HOH F 2 .  ? 33.499  12.522  13.452  1.00 55.77 ? 219 HOH C O   1 
HETATM 1695 O O   . HOH F 2 .  ? -17.453 3.958   -27.350 1.00 54.17 ? 220 HOH C O   1 
HETATM 1696 O O   . HOH F 2 .  ? -12.119 11.351  -36.006 1.00 78.02 ? 224 HOH C O   1 
HETATM 1697 O O   . HOH F 2 .  ? -12.229 2.640   -23.576 1.00 29.29 ? 225 HOH C O   1 
HETATM 1698 O O   . HOH F 2 .  ? 30.800  13.613  13.531  1.00 40.90 ? 226 HOH C O   1 
HETATM 1699 O O   . HOH F 2 .  ? -7.716  11.292  -13.470 1.00 38.81 ? 229 HOH C O   1 
HETATM 1700 O O   . HOH F 2 .  ? 6.577   -1.015  -18.937 1.00 39.84 ? 231 HOH C O   1 
HETATM 1701 O O   . HOH F 2 .  ? 25.005  12.859  11.164  1.00 64.58 ? 233 HOH C O   1 
HETATM 1702 O O   . HOH F 2 .  ? 10.102  -3.244  0.551   1.00 47.74 ? 234 HOH C O   1 
HETATM 1703 O O   . HOH F 2 .  ? 27.499  11.435  19.917  1.00 53.46 ? 237 HOH C O   1 
HETATM 1704 O O   . HOH F 2 .  ? 10.197  0.869   -13.167 1.00 48.75 ? 242 HOH C O   1 
HETATM 1705 O O   . HOH F 2 .  ? -3.130  1.506   -27.002 1.00 49.22 ? 244 HOH C O   1 
HETATM 1706 O O   . HOH F 2 .  ? -11.330 -1.415  -23.411 1.00 50.51 ? 245 HOH C O   1 
HETATM 1707 O O   . HOH F 2 .  ? 29.607  14.058  1.095   1.00 41.69 ? 248 HOH C O   1 
HETATM 1708 O O   . HOH F 2 .  ? 4.070   12.028  1.232   1.00 48.84 ? 250 HOH C O   1 
HETATM 1709 O O   . HOH F 2 .  ? 16.088  -1.053  3.410   1.00 41.43 ? 251 HOH C O   1 
HETATM 1710 O O   . HOH F 2 .  ? 25.173  11.242  18.459  1.00 56.36 ? 261 HOH C O   1 
HETATM 1711 O O   . HOH F 2 .  ? 18.304  13.419  4.226   1.00 41.39 ? 262 HOH C O   1 
HETATM 1712 O O   . HOH F 2 .  ? 41.848  10.080  16.351  1.00 67.12 ? 268 HOH C O   1 
HETATM 1713 O O   . HOH F 2 .  ? -11.267 0.607   -25.111 1.00 48.03 ? 269 HOH C O   1 
HETATM 1714 O O   . HOH F 2 .  ? 24.938  3.302   15.964  1.00 33.18 ? 270 HOH C O   1 
HETATM 1715 O O   . HOH F 2 .  ? 29.316  10.867  16.738  1.00 54.57 ? 271 HOH C O   1 
HETATM 1716 O O   . HOH F 2 .  ? 22.769  4.184   0.420   0.33 31.81 ? 277 HOH C O   1 
# 
